data_5NUQ
#
_entry.id   5NUQ
#
_cell.length_a   115.491
_cell.length_b   163.039
_cell.length_c   230.740
_cell.angle_alpha   90.00
_cell.angle_beta   90.00
_cell.angle_gamma   90.00
#
_symmetry.space_group_name_H-M   'P 21 21 21'
#
loop_
_entity.id
_entity.type
_entity.pdbx_description
1 polymer 'Outer membrane protein F'
2 polymer 'Probable phospholipid-binding lipoprotein mlaA'
3 non-polymer (HYDROXYETHYLOXY)TRI(ETHYLOXY)OCTANE
#
loop_
_entity_poly.entity_id
_entity_poly.type
_entity_poly.pdbx_seq_one_letter_code
_entity_poly.pdbx_strand_id
1 'polypeptide(L)'
;AEIYNKDGNKVDLYGKAVGLHYFSKGNGENSYGGNGDMTYARLGFKGETQINSDLTGYGQWEYNFQGNNSEGADAQTGNK
TRLAFAGLKYADVGSFDYGRNYGVVYDALGYTDMLPEFGGDTAYSDDFFVGRVGGVATYRNSNFFGLVDGLNFAVQYLGK
NERDTARRSNGDGVGGSISYEYEGFGIVGAYGAADRTNLQEAQPLGNGKKAEQWATGLKYDANNIYLAANYGETRNATPI
TNKFTNTSGFANKTQDVLLVAQYQFDFGLRPSIAYTKSKAKDVEGIGDVDLVNYFEVGATYYFNKNMSTYVDYIINQIDS
DNKLGVGSDDTVAVGIVYQF
;
A,B,C,D,E,F
2 'polypeptide(L)'
;CASAPDNEPQGRSDPLEGFNRTMFDFNYNVLDPYILRPVAVAWRDYVPMPARNGISNFTSNLEEPASMVNAFLKGDPYRG
MIHFNRFFLNTLLGMGGLIDVAGMANPKLAREEPNRFGSTLGHYDVGYGPYVMLPGYGSFTLRDEGGDFADTLYPMLSYL
TFWMSAGKWVVEGIETRAQLLDSDGLLRNSSDPYIMVREAYFQRHDFIANGGSLKPEENPNAKAIQGELDEIDSQ
;
G,H
#
# COMPACT_ATOMS: atom_id res chain seq x y z
N ALA A 1 19.73 -15.49 23.87
CA ALA A 1 19.84 -15.33 25.31
C ALA A 1 21.18 -15.85 25.80
N GLU A 2 21.75 -15.12 26.76
CA GLU A 2 23.06 -15.45 27.34
C GLU A 2 22.92 -16.69 28.22
N ILE A 3 23.42 -17.82 27.74
CA ILE A 3 23.27 -19.10 28.42
C ILE A 3 24.50 -19.51 29.21
N TYR A 4 25.62 -18.79 29.08
CA TYR A 4 26.86 -19.16 29.76
C TYR A 4 27.70 -17.90 29.89
N ASN A 5 28.30 -17.72 31.07
CA ASN A 5 29.26 -16.65 31.33
C ASN A 5 30.05 -16.99 32.59
N LYS A 6 31.07 -17.81 32.43
CA LYS A 6 31.99 -18.09 33.51
C LYS A 6 33.40 -17.87 32.99
N ASP A 7 34.28 -17.46 33.89
CA ASP A 7 35.71 -17.44 33.63
C ASP A 7 36.03 -16.68 32.34
N GLY A 8 35.41 -15.52 32.17
CA GLY A 8 35.74 -14.66 31.05
C GLY A 8 35.12 -15.03 29.70
N ASN A 9 34.70 -16.28 29.52
CA ASN A 9 34.04 -16.71 28.31
C ASN A 9 32.54 -16.51 28.47
N LYS A 10 31.87 -16.06 27.42
CA LYS A 10 30.42 -15.93 27.50
C LYS A 10 29.82 -16.35 26.17
N VAL A 11 28.86 -17.29 26.23
CA VAL A 11 28.26 -17.87 25.04
C VAL A 11 26.81 -17.46 25.02
N ASP A 12 26.36 -17.05 23.86
CA ASP A 12 25.00 -16.56 23.67
C ASP A 12 24.37 -17.40 22.57
N LEU A 13 23.42 -18.26 22.95
CA LEU A 13 22.61 -19.01 22.01
C LEU A 13 21.34 -18.22 21.71
N TYR A 14 21.02 -18.08 20.43
CA TYR A 14 19.93 -17.24 19.97
C TYR A 14 19.20 -17.94 18.83
N GLY A 15 18.04 -17.42 18.51
CA GLY A 15 17.30 -17.96 17.39
C GLY A 15 15.90 -17.40 17.38
N LYS A 16 15.18 -17.72 16.31
CA LYS A 16 13.82 -17.24 16.22
C LYS A 16 12.95 -18.26 15.49
N ALA A 17 11.67 -18.20 15.77
CA ALA A 17 10.66 -18.96 15.03
C ALA A 17 9.71 -17.95 14.41
N VAL A 18 9.57 -18.03 13.09
CA VAL A 18 8.90 -16.99 12.33
C VAL A 18 7.72 -17.63 11.65
N GLY A 19 6.53 -17.36 12.15
CA GLY A 19 5.33 -17.80 11.47
C GLY A 19 5.03 -16.84 10.35
N LEU A 20 5.04 -17.30 9.11
CA LEU A 20 5.02 -16.37 8.00
C LEU A 20 4.24 -16.95 6.84
N HIS A 21 3.40 -16.10 6.24
CA HIS A 21 2.59 -16.45 5.07
C HIS A 21 2.74 -15.35 4.03
N TYR A 22 2.80 -15.74 2.76
CA TYR A 22 2.85 -14.80 1.64
C TYR A 22 1.55 -14.91 0.85
N PHE A 23 0.92 -13.77 0.58
CA PHE A 23 -0.32 -13.74 -0.16
C PHE A 23 -0.11 -13.00 -1.48
N SER A 24 -0.46 -13.64 -2.59
CA SER A 24 -0.36 -13.00 -3.89
C SER A 24 -1.35 -13.66 -4.84
N LYS A 25 -1.71 -12.93 -5.89
CA LYS A 25 -2.67 -13.44 -6.86
C LYS A 25 -2.12 -14.67 -7.58
N GLY A 26 -3.01 -15.62 -7.88
CA GLY A 26 -2.61 -16.77 -8.69
C GLY A 26 -1.63 -17.68 -7.98
N ASN A 27 -0.66 -18.23 -8.73
CA ASN A 27 0.34 -19.07 -8.07
C ASN A 27 1.25 -18.25 -7.18
N GLY A 28 1.47 -17.01 -7.54
CA GLY A 28 2.60 -16.26 -7.03
C GLY A 28 3.76 -16.33 -8.00
N GLU A 29 3.55 -16.96 -9.16
CA GLU A 29 4.62 -17.18 -10.12
C GLU A 29 5.04 -15.84 -10.72
N ASN A 30 4.08 -15.13 -11.29
CA ASN A 30 4.30 -13.80 -11.84
C ASN A 30 4.18 -12.74 -10.75
N SER A 31 4.66 -13.03 -9.55
CA SER A 31 4.54 -12.17 -8.40
C SER A 31 5.90 -11.73 -7.88
N TYR A 32 5.89 -10.78 -6.95
CA TYR A 32 7.14 -10.26 -6.40
C TYR A 32 7.81 -11.25 -5.47
N GLY A 33 7.07 -11.78 -4.51
CA GLY A 33 7.65 -12.60 -3.47
C GLY A 33 7.05 -13.99 -3.42
N GLY A 34 6.20 -14.30 -4.40
CA GLY A 34 5.54 -15.59 -4.42
C GLY A 34 4.32 -15.63 -3.52
N ASN A 35 3.68 -16.79 -3.50
CA ASN A 35 2.43 -16.97 -2.75
C ASN A 35 2.49 -18.30 -2.00
N GLY A 36 2.39 -18.26 -0.67
CA GLY A 36 2.25 -19.52 0.05
C GLY A 36 2.73 -19.41 1.49
N ASP A 37 3.14 -20.56 2.02
CA ASP A 37 3.73 -20.66 3.34
C ASP A 37 5.22 -20.39 3.25
N MET A 38 5.74 -19.50 4.11
CA MET A 38 7.18 -19.22 4.17
C MET A 38 7.73 -19.31 5.58
N THR A 39 7.13 -20.10 6.45
CA THR A 39 7.56 -20.18 7.84
C THR A 39 8.98 -20.74 7.92
N TYR A 40 9.79 -20.14 8.79
CA TYR A 40 11.18 -20.57 8.95
C TYR A 40 11.59 -20.35 10.39
N ALA A 41 12.70 -20.95 10.78
CA ALA A 41 13.25 -20.70 12.10
C ALA A 41 14.75 -20.69 12.02
N ARG A 42 15.39 -19.92 12.91
CA ARG A 42 16.84 -19.74 12.93
C ARG A 42 17.40 -20.08 14.30
N LEU A 43 18.60 -20.65 14.31
CA LEU A 43 19.35 -20.95 15.52
C LEU A 43 20.78 -20.49 15.31
N GLY A 44 21.43 -20.04 16.39
CA GLY A 44 22.81 -19.58 16.28
C GLY A 44 23.45 -19.34 17.64
N PHE A 45 24.76 -19.15 17.63
CA PHE A 45 25.50 -18.80 18.84
C PHE A 45 26.59 -17.79 18.52
N LYS A 46 26.87 -16.91 19.48
CA LYS A 46 28.01 -16.00 19.38
C LYS A 46 28.79 -16.02 20.69
N GLY A 47 30.07 -16.31 20.62
CA GLY A 47 30.91 -16.42 21.80
C GLY A 47 31.97 -15.35 21.86
N GLU A 48 32.39 -15.03 23.07
CA GLU A 48 33.32 -13.92 23.31
C GLU A 48 34.16 -14.26 24.51
N THR A 49 35.47 -14.41 24.32
CA THR A 49 36.36 -14.76 25.42
C THR A 49 37.29 -13.59 25.68
N GLN A 50 37.43 -13.21 26.95
CA GLN A 50 38.31 -12.11 27.31
C GLN A 50 39.67 -12.68 27.63
N ILE A 51 40.54 -12.69 26.63
CA ILE A 51 41.88 -13.23 26.80
C ILE A 51 42.68 -12.37 27.79
N ASN A 52 42.74 -11.06 27.57
CA ASN A 52 43.36 -10.14 28.52
C ASN A 52 42.82 -8.73 28.30
N SER A 53 43.50 -7.72 28.85
CA SER A 53 43.06 -6.34 28.72
C SER A 53 43.10 -5.85 27.28
N ASP A 54 43.89 -6.51 26.43
CA ASP A 54 44.07 -6.12 25.05
C ASP A 54 43.41 -7.08 24.06
N LEU A 55 43.09 -8.30 24.49
CA LEU A 55 42.62 -9.33 23.59
C LEU A 55 41.20 -9.75 23.89
N THR A 56 40.50 -10.16 22.83
CA THR A 56 39.18 -10.77 22.91
C THR A 56 39.05 -11.66 21.68
N GLY A 57 38.68 -12.91 21.89
CA GLY A 57 38.45 -13.84 20.80
C GLY A 57 36.97 -14.05 20.62
N TYR A 58 36.55 -14.37 19.38
CA TYR A 58 35.12 -14.45 19.15
C TYR A 58 34.82 -15.36 17.96
N GLY A 59 33.64 -15.97 17.99
CA GLY A 59 33.14 -16.78 16.90
C GLY A 59 31.62 -16.76 16.86
N GLN A 60 31.06 -17.19 15.73
CA GLN A 60 29.61 -17.07 15.57
C GLN A 60 29.15 -18.02 14.47
N TRP A 61 27.96 -18.60 14.67
CA TRP A 61 27.38 -19.50 13.68
C TRP A 61 25.87 -19.32 13.69
N GLU A 62 25.27 -19.41 12.51
CA GLU A 62 23.87 -19.08 12.29
C GLU A 62 23.31 -19.97 11.19
N TYR A 63 22.14 -20.55 11.44
CA TYR A 63 21.57 -21.53 10.53
C TYR A 63 20.14 -21.15 10.20
N ASN A 64 19.75 -21.42 8.97
CA ASN A 64 18.37 -21.23 8.55
C ASN A 64 17.74 -22.61 8.42
N PHE A 65 16.82 -22.92 9.35
CA PHE A 65 15.97 -24.10 9.29
C PHE A 65 14.60 -23.64 8.78
N GLN A 66 14.22 -24.04 7.57
CA GLN A 66 12.91 -23.67 7.08
C GLN A 66 11.83 -24.54 7.68
N GLY A 67 10.71 -23.93 8.01
CA GLY A 67 9.55 -24.65 8.51
C GLY A 67 8.42 -24.80 7.51
N ASN A 68 8.65 -24.42 6.26
CA ASN A 68 7.64 -24.51 5.22
C ASN A 68 7.84 -25.72 4.31
N ASN A 69 8.72 -26.63 4.71
CA ASN A 69 8.94 -27.89 4.00
C ASN A 69 8.22 -29.01 4.71
N SER A 70 7.98 -30.08 3.97
CA SER A 70 7.36 -31.26 4.57
C SER A 70 8.39 -31.94 5.43
N GLU A 71 8.11 -33.17 5.85
CA GLU A 71 9.10 -34.03 6.45
C GLU A 71 9.48 -35.14 5.48
N GLY A 72 9.08 -35.00 4.23
CA GLY A 72 9.34 -36.00 3.21
C GLY A 72 10.62 -35.76 2.44
N ALA A 73 10.56 -36.00 1.13
CA ALA A 73 11.77 -35.95 0.31
C ALA A 73 12.39 -34.55 0.23
N ASP A 74 11.66 -33.51 0.62
CA ASP A 74 12.11 -32.14 0.44
C ASP A 74 12.51 -31.46 1.75
N ALA A 75 12.66 -32.20 2.84
CA ALA A 75 12.70 -31.55 4.15
C ALA A 75 13.88 -30.58 4.29
N GLN A 76 14.84 -30.59 3.38
CA GLN A 76 16.06 -29.82 3.54
C GLN A 76 16.13 -28.57 2.67
N THR A 77 15.18 -28.37 1.77
CA THR A 77 15.17 -27.21 0.88
C THR A 77 15.23 -25.91 1.68
N GLY A 78 16.11 -25.02 1.27
CA GLY A 78 16.22 -23.73 1.92
C GLY A 78 16.90 -23.76 3.26
N ASN A 79 17.40 -24.91 3.68
CA ASN A 79 18.28 -24.97 4.83
C ASN A 79 19.68 -24.51 4.43
N LYS A 80 20.35 -23.80 5.33
CA LYS A 80 21.65 -23.22 4.98
C LYS A 80 22.38 -22.72 6.21
N THR A 81 23.70 -22.85 6.19
CA THR A 81 24.50 -22.14 7.17
C THR A 81 24.68 -20.72 6.62
N ARG A 82 24.34 -19.72 7.44
CA ARG A 82 24.45 -18.33 7.02
C ARG A 82 25.80 -17.75 7.43
N LEU A 83 26.19 -17.99 8.69
CA LEU A 83 27.45 -17.50 9.23
C LEU A 83 28.28 -18.63 9.82
N ALA A 84 29.59 -18.40 9.83
CA ALA A 84 30.60 -19.28 10.41
C ALA A 84 31.95 -18.58 10.40
N PHE A 85 32.36 -17.99 11.51
CA PHE A 85 33.61 -17.24 11.49
C PHE A 85 34.15 -17.10 12.90
N ALA A 86 35.43 -16.74 12.98
CA ALA A 86 36.07 -16.42 14.24
C ALA A 86 37.12 -15.35 14.02
N GLY A 87 37.46 -14.64 15.09
CA GLY A 87 38.42 -13.57 15.01
C GLY A 87 38.79 -13.03 16.37
N LEU A 88 39.63 -11.99 16.35
CA LEU A 88 40.07 -11.30 17.56
C LEU A 88 39.88 -9.79 17.42
N LYS A 89 39.86 -9.13 18.57
CA LYS A 89 39.69 -7.70 18.65
C LYS A 89 40.74 -7.17 19.62
N TYR A 90 41.65 -6.35 19.10
CA TYR A 90 42.80 -5.85 19.84
C TYR A 90 42.54 -4.41 20.28
N ALA A 91 42.43 -4.20 21.59
CA ALA A 91 42.44 -2.90 22.25
C ALA A 91 41.81 -1.83 21.38
N ASP A 92 42.57 -0.77 21.09
CA ASP A 92 42.14 0.29 20.19
C ASP A 92 42.66 0.07 18.78
N VAL A 93 43.14 -1.13 18.47
CA VAL A 93 43.71 -1.42 17.16
C VAL A 93 42.70 -2.02 16.19
N GLY A 94 41.65 -2.66 16.69
CA GLY A 94 40.66 -3.12 15.74
C GLY A 94 40.35 -4.59 15.89
N SER A 95 39.80 -5.16 14.81
CA SER A 95 39.34 -6.53 14.77
C SER A 95 39.84 -7.20 13.50
N PHE A 96 40.16 -8.48 13.60
CA PHE A 96 40.39 -9.31 12.42
C PHE A 96 39.58 -10.58 12.57
N ASP A 97 38.81 -10.94 11.54
CA ASP A 97 38.05 -12.17 11.60
C ASP A 97 37.93 -12.80 10.21
N TYR A 98 37.93 -14.13 10.19
CA TYR A 98 37.78 -14.90 8.97
C TYR A 98 36.73 -15.99 9.14
N GLY A 99 36.08 -16.32 8.04
CA GLY A 99 35.10 -17.39 7.94
C GLY A 99 34.10 -17.08 6.83
N ARG A 100 32.86 -17.49 7.05
CA ARG A 100 31.76 -17.07 6.21
C ARG A 100 31.04 -15.91 6.90
N ASN A 101 30.99 -14.77 6.23
CA ASN A 101 30.47 -13.53 6.83
C ASN A 101 29.96 -12.63 5.72
N TYR A 102 29.70 -11.37 6.08
CA TYR A 102 29.05 -10.39 5.21
C TYR A 102 30.06 -9.66 4.35
N GLY A 103 29.71 -9.49 3.08
CA GLY A 103 30.51 -8.62 2.23
C GLY A 103 30.52 -7.19 2.76
N VAL A 104 31.58 -6.46 2.39
CA VAL A 104 31.76 -5.15 3.01
C VAL A 104 30.85 -4.09 2.42
N VAL A 105 30.40 -4.24 1.18
CA VAL A 105 29.42 -3.30 0.65
C VAL A 105 28.16 -3.31 1.52
N TYR A 106 27.89 -4.43 2.20
CA TYR A 106 26.78 -4.46 3.16
C TYR A 106 27.00 -3.53 4.34
N ASP A 107 28.20 -3.01 4.55
CA ASP A 107 28.32 -1.96 5.56
C ASP A 107 27.56 -0.70 5.15
N ALA A 108 27.27 -0.57 3.86
CA ALA A 108 26.44 0.52 3.35
C ALA A 108 25.00 0.05 3.17
N LEU A 109 24.79 -1.00 2.37
CA LEU A 109 23.46 -1.49 2.05
C LEU A 109 22.61 -1.75 3.29
N GLY A 110 23.24 -1.89 4.45
CA GLY A 110 22.48 -2.11 5.64
C GLY A 110 21.72 -0.89 6.11
N TYR A 111 21.94 0.25 5.49
CA TYR A 111 21.16 1.41 5.90
C TYR A 111 19.70 1.21 5.55
N THR A 112 19.42 0.55 4.44
CA THR A 112 18.07 0.36 3.94
C THR A 112 17.55 -1.07 4.07
N ASP A 113 18.26 -1.94 4.80
CA ASP A 113 17.74 -3.28 5.05
C ASP A 113 17.02 -3.22 6.39
N MET A 114 15.82 -2.64 6.35
CA MET A 114 15.04 -2.37 7.56
C MET A 114 13.57 -2.74 7.43
N LEU A 115 13.15 -3.34 6.33
CA LEU A 115 11.74 -3.63 6.17
C LEU A 115 11.35 -4.79 7.09
N PRO A 116 10.08 -4.87 7.49
CA PRO A 116 9.68 -5.94 8.42
C PRO A 116 9.95 -7.34 7.90
N GLU A 117 9.92 -7.53 6.58
CA GLU A 117 10.15 -8.83 5.97
C GLU A 117 11.10 -8.75 4.79
N PHE A 118 10.89 -7.76 3.92
CA PHE A 118 11.69 -7.65 2.71
C PHE A 118 12.90 -6.78 3.00
N GLY A 119 13.21 -5.85 2.13
CA GLY A 119 14.36 -5.05 2.45
C GLY A 119 15.25 -4.92 1.25
N GLY A 120 16.51 -4.62 1.53
CA GLY A 120 17.46 -4.34 0.46
C GLY A 120 17.55 -5.48 -0.53
N ASP A 121 16.86 -5.33 -1.65
CA ASP A 121 16.89 -6.37 -2.65
C ASP A 121 18.29 -6.58 -3.20
N THR A 122 19.22 -5.70 -2.83
CA THR A 122 20.57 -5.69 -3.36
C THR A 122 21.59 -6.37 -2.48
N ALA A 123 21.26 -6.66 -1.23
CA ALA A 123 22.20 -7.37 -0.38
C ALA A 123 22.14 -8.86 -0.69
N TYR A 124 22.22 -9.19 -1.99
CA TYR A 124 22.21 -10.57 -2.45
C TYR A 124 23.20 -11.42 -1.68
N SER A 125 22.90 -12.71 -1.58
CA SER A 125 23.76 -13.63 -0.86
C SER A 125 24.74 -14.28 -1.82
N ASP A 126 25.97 -14.50 -1.34
CA ASP A 126 27.01 -15.16 -2.15
C ASP A 126 27.28 -14.39 -3.42
N ASP A 127 27.51 -13.10 -3.27
CA ASP A 127 27.65 -12.22 -4.41
C ASP A 127 28.74 -11.21 -4.10
N PHE A 128 29.97 -11.69 -3.96
CA PHE A 128 31.09 -10.79 -3.77
C PHE A 128 30.85 -9.97 -2.51
N PHE A 129 30.60 -8.68 -2.66
CA PHE A 129 30.71 -7.79 -1.51
C PHE A 129 29.39 -7.26 -0.97
N VAL A 130 28.25 -7.57 -1.59
CA VAL A 130 26.97 -7.01 -1.14
C VAL A 130 26.32 -7.83 -0.01
N GLY A 131 26.49 -9.16 0.01
CA GLY A 131 25.95 -9.92 1.10
C GLY A 131 26.82 -11.04 1.64
N ARG A 132 26.26 -11.83 2.56
CA ARG A 132 26.97 -12.95 3.15
C ARG A 132 27.55 -13.83 2.06
N VAL A 133 28.79 -14.24 2.25
CA VAL A 133 29.52 -15.00 1.25
C VAL A 133 30.59 -15.82 1.96
N GLY A 134 31.02 -16.90 1.33
CA GLY A 134 31.94 -17.82 1.98
C GLY A 134 33.36 -17.37 1.80
N GLY A 135 34.07 -17.24 2.92
CA GLY A 135 35.52 -17.06 2.91
C GLY A 135 36.09 -15.65 2.85
N VAL A 136 35.66 -14.75 3.73
CA VAL A 136 36.16 -13.39 3.74
C VAL A 136 36.97 -13.15 5.01
N ALA A 137 38.20 -12.71 4.83
CA ALA A 137 39.00 -12.16 5.90
C ALA A 137 38.73 -10.66 5.93
N THR A 138 38.45 -10.13 7.12
CA THR A 138 37.91 -8.80 7.25
C THR A 138 38.62 -8.05 8.36
N TYR A 139 39.31 -6.95 8.03
CA TYR A 139 39.83 -6.04 9.05
C TYR A 139 38.82 -4.93 9.28
N ARG A 140 38.45 -4.71 10.55
CA ARG A 140 37.52 -3.66 10.95
C ARG A 140 38.18 -2.83 12.04
N ASN A 141 37.92 -1.51 12.02
CA ASN A 141 38.46 -0.65 13.08
C ASN A 141 37.42 0.39 13.46
N SER A 142 37.14 0.51 14.76
CA SER A 142 36.13 1.44 15.26
C SER A 142 36.79 2.61 15.94
N ASN A 143 36.32 3.82 15.61
CA ASN A 143 36.76 5.07 16.21
C ASN A 143 38.22 5.40 15.88
N PHE A 144 38.68 5.00 14.69
CA PHE A 144 40.04 5.26 14.20
C PHE A 144 41.11 5.19 15.28
N PHE A 145 41.40 4.00 15.77
CA PHE A 145 42.51 3.78 16.70
C PHE A 145 42.35 4.61 17.96
N GLY A 146 41.11 4.93 18.32
CA GLY A 146 40.85 5.68 19.54
C GLY A 146 40.95 7.19 19.40
N LEU A 147 41.18 7.70 18.20
CA LEU A 147 41.47 9.11 18.00
C LEU A 147 40.25 9.86 17.50
N VAL A 148 39.74 9.49 16.32
CA VAL A 148 38.64 10.19 15.67
C VAL A 148 37.36 9.44 16.03
N ASP A 149 36.73 9.86 17.13
CA ASP A 149 35.50 9.23 17.59
C ASP A 149 34.42 9.26 16.53
N GLY A 150 33.78 8.11 16.32
CA GLY A 150 32.70 8.00 15.37
C GLY A 150 33.14 7.55 14.00
N LEU A 151 34.45 7.51 13.74
CA LEU A 151 35.00 7.18 12.44
C LEU A 151 35.42 5.71 12.40
N ASN A 152 34.81 4.95 11.51
CA ASN A 152 35.01 3.51 11.39
C ASN A 152 35.49 3.21 9.98
N PHE A 153 36.29 2.15 9.82
CA PHE A 153 36.62 1.70 8.48
C PHE A 153 36.84 0.19 8.49
N ALA A 154 36.83 -0.40 7.31
CA ALA A 154 37.00 -1.83 7.19
C ALA A 154 37.63 -2.18 5.85
N VAL A 155 38.52 -3.16 5.88
CA VAL A 155 39.17 -3.74 4.70
C VAL A 155 38.90 -5.23 4.71
N GLN A 156 38.62 -5.80 3.54
CA GLN A 156 38.21 -7.20 3.46
C GLN A 156 38.78 -7.86 2.22
N TYR A 157 39.48 -8.98 2.42
CA TYR A 157 40.02 -9.79 1.34
C TYR A 157 39.08 -10.95 1.13
N LEU A 158 38.65 -11.13 -0.10
CA LEU A 158 37.63 -12.12 -0.40
C LEU A 158 38.29 -13.25 -1.18
N GLY A 159 38.28 -14.44 -0.59
CA GLY A 159 38.85 -15.57 -1.28
C GLY A 159 37.98 -16.07 -2.41
N LYS A 160 38.64 -16.73 -3.34
CA LYS A 160 37.96 -17.33 -4.47
C LYS A 160 37.07 -18.48 -4.00
N ASN A 161 35.96 -18.68 -4.71
CA ASN A 161 35.06 -19.79 -4.43
C ASN A 161 34.61 -20.28 -5.79
N GLU A 162 35.32 -21.27 -6.33
CA GLU A 162 35.01 -21.80 -7.66
C GLU A 162 33.98 -22.91 -7.48
N ARG A 163 32.69 -22.54 -7.44
CA ARG A 163 31.66 -23.51 -7.12
C ARG A 163 31.09 -24.11 -8.40
N ASP A 164 30.11 -25.02 -8.23
CA ASP A 164 29.50 -25.70 -9.39
C ASP A 164 28.61 -24.77 -10.20
N THR A 165 28.03 -23.75 -9.59
CA THR A 165 27.06 -22.92 -10.28
C THR A 165 27.70 -21.56 -10.56
N ALA A 166 27.44 -21.03 -11.75
CA ALA A 166 27.97 -19.71 -12.06
C ALA A 166 27.50 -18.68 -11.05
N ARG A 167 26.25 -18.81 -10.58
CA ARG A 167 25.67 -17.78 -9.74
C ARG A 167 26.38 -17.68 -8.40
N ARG A 168 26.89 -18.79 -7.88
CA ARG A 168 27.48 -18.75 -6.55
C ARG A 168 29.00 -18.65 -6.54
N SER A 169 29.65 -18.80 -7.69
CA SER A 169 31.11 -18.65 -7.74
C SER A 169 31.52 -17.19 -7.59
N ASN A 170 32.79 -16.99 -7.26
CA ASN A 170 33.39 -15.66 -7.25
C ASN A 170 34.90 -15.85 -7.33
N GLY A 171 35.60 -14.86 -7.90
CA GLY A 171 37.04 -14.88 -7.94
C GLY A 171 37.65 -14.16 -6.74
N ASP A 172 38.99 -14.14 -6.71
CA ASP A 172 39.69 -13.43 -5.66
C ASP A 172 39.41 -11.93 -5.78
N GLY A 173 39.38 -11.24 -4.65
CA GLY A 173 39.09 -9.80 -4.75
C GLY A 173 39.33 -9.07 -3.45
N VAL A 174 39.17 -7.75 -3.52
CA VAL A 174 39.42 -6.86 -2.38
C VAL A 174 38.30 -5.83 -2.29
N GLY A 175 38.08 -5.31 -1.08
CA GLY A 175 37.05 -4.29 -0.87
C GLY A 175 37.19 -3.65 0.49
N GLY A 176 36.42 -2.58 0.69
CA GLY A 176 36.51 -1.83 1.93
C GLY A 176 35.33 -0.89 2.13
N SER A 177 35.29 -0.29 3.33
CA SER A 177 34.17 0.54 3.75
C SER A 177 34.67 1.64 4.67
N ILE A 178 33.97 2.78 4.67
CA ILE A 178 34.16 3.84 5.65
C ILE A 178 32.81 4.30 6.14
N SER A 179 32.72 4.65 7.42
CA SER A 179 31.48 5.18 7.97
C SER A 179 31.80 6.25 8.99
N TYR A 180 31.12 7.38 8.89
CA TYR A 180 31.14 8.39 9.94
C TYR A 180 29.71 8.53 10.44
N GLU A 181 29.56 8.54 11.76
CA GLU A 181 28.27 8.70 12.40
C GLU A 181 28.45 9.73 13.50
N TYR A 182 27.62 10.76 13.50
CA TYR A 182 27.71 11.79 14.53
C TYR A 182 26.30 12.25 14.87
N GLU A 183 25.93 12.09 16.14
CA GLU A 183 24.75 12.71 16.72
C GLU A 183 23.49 12.44 15.89
N GLY A 184 23.23 11.17 15.61
CA GLY A 184 22.02 10.75 14.94
C GLY A 184 22.16 10.55 13.44
N PHE A 185 23.09 11.23 12.81
CA PHE A 185 23.24 11.13 11.37
C PHE A 185 24.30 10.10 11.02
N GLY A 186 24.16 9.49 9.86
CA GLY A 186 25.17 8.54 9.44
C GLY A 186 25.41 8.61 7.94
N ILE A 187 26.66 8.63 7.52
CA ILE A 187 27.00 8.62 6.10
C ILE A 187 28.03 7.52 5.90
N VAL A 188 27.94 6.81 4.76
CA VAL A 188 28.81 5.66 4.56
C VAL A 188 28.99 5.44 3.06
N GLY A 189 30.15 4.88 2.71
CA GLY A 189 30.37 4.35 1.38
C GLY A 189 31.25 3.12 1.45
N ALA A 190 31.19 2.31 0.39
CA ALA A 190 31.99 1.10 0.33
C ALA A 190 32.19 0.70 -1.11
N TYR A 191 33.31 0.05 -1.39
CA TYR A 191 33.69 -0.35 -2.74
C TYR A 191 34.33 -1.73 -2.69
N GLY A 192 34.14 -2.50 -3.75
CA GLY A 192 34.78 -3.80 -3.85
C GLY A 192 34.92 -4.24 -5.29
N ALA A 193 35.95 -5.05 -5.55
CA ALA A 193 36.11 -5.67 -6.86
C ALA A 193 36.79 -7.02 -6.70
N ALA A 194 36.66 -7.85 -7.72
CA ALA A 194 37.08 -9.23 -7.64
C ALA A 194 37.18 -9.82 -9.03
N ASP A 195 37.98 -10.86 -9.17
CA ASP A 195 38.02 -11.55 -10.44
C ASP A 195 36.67 -12.26 -10.65
N ARG A 196 36.42 -12.65 -11.88
CA ARG A 196 35.25 -13.46 -12.23
C ARG A 196 35.73 -14.82 -12.68
N THR A 197 35.15 -15.86 -12.11
CA THR A 197 35.58 -17.20 -12.50
C THR A 197 35.20 -17.46 -13.96
N ASN A 198 35.89 -18.41 -14.55
CA ASN A 198 35.65 -18.69 -15.96
C ASN A 198 34.22 -19.09 -16.23
N LEU A 199 33.57 -19.73 -15.25
CA LEU A 199 32.16 -20.09 -15.38
C LEU A 199 31.30 -18.85 -15.50
N GLN A 200 31.63 -17.79 -14.75
CA GLN A 200 30.85 -16.55 -14.83
C GLN A 200 30.96 -15.94 -16.22
N GLU A 201 32.15 -16.02 -16.84
CA GLU A 201 32.34 -15.48 -18.19
C GLU A 201 31.60 -16.30 -19.24
N ALA A 202 31.28 -17.56 -18.94
CA ALA A 202 30.59 -18.42 -19.90
C ALA A 202 29.10 -18.17 -19.96
N GLN A 203 28.54 -17.46 -18.98
CA GLN A 203 27.11 -17.21 -18.98
C GLN A 203 26.77 -16.22 -20.10
N PRO A 204 25.57 -16.33 -20.68
CA PRO A 204 25.23 -15.45 -21.80
C PRO A 204 25.10 -14.01 -21.39
N LEU A 205 24.70 -13.77 -20.15
CA LEU A 205 24.48 -12.43 -19.64
C LEU A 205 25.67 -12.06 -18.77
N GLY A 206 26.27 -10.92 -19.05
CA GLY A 206 27.45 -10.53 -18.32
C GLY A 206 28.69 -10.75 -19.15
N ASN A 207 29.36 -9.67 -19.50
CA ASN A 207 30.65 -9.77 -20.16
C ASN A 207 31.62 -8.85 -19.44
N GLY A 208 32.72 -9.42 -19.00
CA GLY A 208 33.74 -8.74 -18.25
C GLY A 208 34.63 -9.73 -17.55
N LYS A 209 35.81 -9.26 -17.16
CA LYS A 209 36.75 -10.06 -16.41
C LYS A 209 36.85 -9.64 -14.95
N LYS A 210 36.26 -8.52 -14.58
CA LYS A 210 36.35 -8.04 -13.21
C LYS A 210 34.97 -7.56 -12.80
N ALA A 211 34.54 -7.96 -11.62
CA ALA A 211 33.24 -7.58 -11.09
C ALA A 211 33.43 -6.48 -10.06
N GLU A 212 32.49 -5.53 -10.01
CA GLU A 212 32.60 -4.37 -9.16
C GLU A 212 31.26 -4.01 -8.54
N GLN A 213 31.31 -3.54 -7.30
CA GLN A 213 30.14 -3.15 -6.53
C GLN A 213 30.54 -2.01 -5.60
N TRP A 214 29.78 -0.92 -5.61
CA TRP A 214 29.99 0.15 -4.64
C TRP A 214 28.63 0.74 -4.27
N ALA A 215 28.58 1.38 -3.11
CA ALA A 215 27.30 1.88 -2.61
C ALA A 215 27.56 2.91 -1.54
N THR A 216 26.61 3.84 -1.41
CA THR A 216 26.68 4.96 -0.47
C THR A 216 25.41 5.01 0.36
N GLY A 217 25.50 5.63 1.53
CA GLY A 217 24.38 5.66 2.46
C GLY A 217 24.28 6.97 3.21
N LEU A 218 23.04 7.35 3.51
CA LEU A 218 22.72 8.45 4.39
C LEU A 218 21.65 8.03 5.36
N LYS A 219 21.72 8.53 6.59
CA LYS A 219 20.72 8.12 7.57
C LYS A 219 20.59 9.12 8.70
N TYR A 220 19.38 9.23 9.22
CA TYR A 220 19.07 9.86 10.51
C TYR A 220 18.35 8.82 11.34
N ASP A 221 18.84 8.60 12.54
CA ASP A 221 18.43 7.49 13.40
C ASP A 221 18.46 8.04 14.83
N ALA A 222 17.43 8.79 15.18
CA ALA A 222 17.38 9.39 16.51
C ALA A 222 15.93 9.66 16.87
N ASN A 223 15.73 10.13 18.09
CA ASN A 223 14.40 10.25 18.67
C ASN A 223 13.64 8.97 18.33
N ASN A 224 12.58 9.09 17.55
CA ASN A 224 11.88 7.90 17.10
C ASN A 224 11.81 7.83 15.58
N ILE A 225 12.62 8.63 14.90
CA ILE A 225 12.59 8.68 13.45
C ILE A 225 13.77 7.89 12.94
N TYR A 226 13.57 7.13 11.86
CA TYR A 226 14.64 6.48 11.14
C TYR A 226 14.35 6.70 9.68
N LEU A 227 15.23 7.44 9.02
CA LEU A 227 15.16 7.67 7.59
C LEU A 227 16.50 7.23 7.02
N ALA A 228 16.47 6.65 5.83
CA ALA A 228 17.71 6.11 5.31
C ALA A 228 17.67 6.05 3.80
N ALA A 229 18.82 6.30 3.19
CA ALA A 229 18.94 6.22 1.74
C ALA A 229 20.26 5.58 1.36
N ASN A 230 20.22 4.77 0.30
CA ASN A 230 21.38 4.09 -0.26
C ASN A 230 21.41 4.30 -1.76
N TYR A 231 22.59 4.63 -2.27
CA TYR A 231 22.83 4.62 -3.69
C TYR A 231 24.06 3.77 -3.95
N GLY A 232 23.97 2.92 -4.96
CA GLY A 232 25.11 2.11 -5.34
C GLY A 232 25.00 1.67 -6.77
N GLU A 233 26.14 1.31 -7.33
CA GLU A 233 26.21 0.83 -8.70
C GLU A 233 27.09 -0.40 -8.78
N THR A 234 26.82 -1.24 -9.77
CA THR A 234 27.57 -2.46 -9.96
C THR A 234 27.91 -2.67 -11.42
N ARG A 235 29.01 -3.42 -11.60
CA ARG A 235 29.52 -3.90 -12.89
C ARG A 235 29.94 -5.36 -12.78
N ASN A 236 29.25 -6.11 -13.73
CA ASN A 236 29.21 -7.49 -14.26
C ASN A 236 28.93 -8.32 -13.06
N ALA A 237 28.34 -7.79 -11.94
CA ALA A 237 28.26 -8.48 -10.62
C ALA A 237 26.85 -8.86 -10.13
N THR A 238 25.80 -8.19 -10.60
CA THR A 238 24.48 -8.57 -10.12
C THR A 238 23.91 -9.71 -10.98
N PRO A 239 23.30 -10.72 -10.38
CA PRO A 239 22.80 -11.87 -11.16
C PRO A 239 21.40 -11.59 -11.68
N ILE A 240 21.14 -12.13 -12.88
CA ILE A 240 19.89 -11.90 -13.58
C ILE A 240 19.42 -13.19 -14.22
N THR A 241 18.12 -13.25 -14.50
CA THR A 241 17.54 -14.41 -15.16
C THR A 241 16.53 -13.93 -16.18
N ASN A 242 16.76 -14.31 -17.43
CA ASN A 242 15.83 -14.02 -18.53
C ASN A 242 14.83 -15.17 -18.60
N LYS A 243 13.71 -15.02 -17.90
CA LYS A 243 12.74 -16.10 -17.77
C LYS A 243 12.12 -16.54 -19.09
N PHE A 244 12.40 -15.84 -20.18
CA PHE A 244 11.89 -16.24 -21.49
C PHE A 244 12.81 -17.21 -22.20
N THR A 245 14.13 -16.99 -22.12
CA THR A 245 15.12 -17.88 -22.71
C THR A 245 15.70 -18.87 -21.71
N ASN A 246 15.16 -18.89 -20.50
CA ASN A 246 15.64 -19.76 -19.41
C ASN A 246 17.15 -19.66 -19.29
N THR A 247 17.64 -18.43 -19.33
CA THR A 247 19.06 -18.14 -19.28
C THR A 247 19.37 -17.34 -18.02
N SER A 248 20.49 -17.66 -17.40
CA SER A 248 20.92 -16.98 -16.19
C SER A 248 22.24 -16.28 -16.50
N GLY A 249 22.67 -15.41 -15.59
CA GLY A 249 23.93 -14.73 -15.81
C GLY A 249 24.10 -13.54 -14.91
N PHE A 250 24.78 -12.53 -15.42
CA PHE A 250 25.04 -11.32 -14.63
C PHE A 250 24.77 -10.08 -15.47
N ALA A 251 24.31 -9.03 -14.80
CA ALA A 251 23.96 -7.78 -15.46
C ALA A 251 25.21 -6.94 -15.66
N ASN A 252 25.46 -6.57 -16.91
CA ASN A 252 26.66 -5.80 -17.23
C ASN A 252 26.79 -4.55 -16.37
N LYS A 253 25.68 -3.89 -16.06
CA LYS A 253 25.69 -2.70 -15.21
C LYS A 253 24.38 -2.62 -14.46
N THR A 254 24.41 -2.18 -13.21
CA THR A 254 23.17 -1.91 -12.48
C THR A 254 23.28 -0.62 -11.69
N GLN A 255 22.12 0.01 -11.49
CA GLN A 255 21.98 1.29 -10.78
C GLN A 255 20.88 1.19 -9.76
N ASP A 256 21.22 1.40 -8.48
CA ASP A 256 20.33 1.05 -7.39
C ASP A 256 20.04 2.23 -6.48
N VAL A 257 18.76 2.46 -6.20
CA VAL A 257 18.28 3.46 -5.25
C VAL A 257 17.56 2.73 -4.15
N LEU A 258 17.82 3.09 -2.90
CA LEU A 258 17.08 2.49 -1.80
C LEU A 258 16.73 3.57 -0.81
N LEU A 259 15.45 3.67 -0.43
CA LEU A 259 14.99 4.66 0.53
C LEU A 259 14.08 3.99 1.55
N VAL A 260 14.19 4.40 2.81
CA VAL A 260 13.41 3.80 3.88
C VAL A 260 13.10 4.87 4.91
N ALA A 261 11.84 5.00 5.26
CA ALA A 261 11.43 5.92 6.32
C ALA A 261 10.50 5.17 7.24
N GLN A 262 10.77 5.26 8.54
CA GLN A 262 9.97 4.58 9.54
C GLN A 262 9.94 5.43 10.80
N TYR A 263 8.94 5.18 11.63
CA TYR A 263 8.79 5.85 12.90
C TYR A 263 8.41 4.78 13.92
N GLN A 264 8.85 4.95 15.16
CA GLN A 264 8.72 3.92 16.17
C GLN A 264 7.93 4.48 17.34
N PHE A 265 6.70 4.02 17.50
CA PHE A 265 5.87 4.49 18.59
C PHE A 265 6.31 3.89 19.91
N ASP A 266 6.01 4.61 20.98
CA ASP A 266 6.40 4.17 22.31
C ASP A 266 5.71 2.86 22.68
N PHE A 267 4.50 2.64 22.18
CA PHE A 267 3.73 1.45 22.49
C PHE A 267 4.03 0.29 21.56
N GLY A 268 5.08 0.39 20.76
CA GLY A 268 5.60 -0.77 20.05
C GLY A 268 5.26 -0.85 18.58
N LEU A 269 4.36 -0.02 18.09
CA LEU A 269 4.09 -0.02 16.67
C LEU A 269 5.17 0.74 15.91
N ARG A 270 5.62 0.16 14.79
CA ARG A 270 6.65 0.77 13.95
C ARG A 270 6.15 0.82 12.51
N PRO A 271 5.50 1.91 12.10
CA PRO A 271 5.09 2.01 10.71
C PRO A 271 6.30 2.18 9.83
N SER A 272 6.16 1.77 8.56
CA SER A 272 7.27 1.85 7.61
C SER A 272 6.79 2.10 6.20
N ILE A 273 7.42 3.04 5.51
CA ILE A 273 7.22 3.25 4.09
C ILE A 273 8.59 3.27 3.44
N ALA A 274 8.69 2.77 2.21
CA ALA A 274 9.98 2.67 1.53
C ALA A 274 9.80 2.56 0.02
N TYR A 275 10.86 2.93 -0.73
CA TYR A 275 10.92 2.82 -2.18
C TYR A 275 12.22 2.14 -2.59
N THR A 276 12.18 1.35 -3.66
CA THR A 276 13.35 0.55 -4.02
C THR A 276 13.34 0.27 -5.50
N LYS A 277 14.36 0.79 -6.21
CA LYS A 277 14.47 0.65 -7.66
C LYS A 277 15.90 0.29 -8.02
N SER A 278 16.06 -0.77 -8.83
CA SER A 278 17.35 -1.21 -9.34
C SER A 278 17.20 -1.41 -10.83
N LYS A 279 17.82 -0.54 -11.62
CA LYS A 279 17.72 -0.51 -13.08
C LYS A 279 18.99 -1.12 -13.68
N ALA A 280 18.80 -1.97 -14.68
CA ALA A 280 19.89 -2.68 -15.31
C ALA A 280 20.12 -2.15 -16.72
N LYS A 281 21.38 -2.12 -17.14
CA LYS A 281 21.71 -1.64 -18.47
C LYS A 281 22.57 -2.65 -19.18
N ASP A 282 22.53 -2.60 -20.52
CA ASP A 282 23.42 -3.39 -21.37
C ASP A 282 23.26 -4.89 -21.16
N VAL A 283 22.09 -5.34 -20.74
CA VAL A 283 21.84 -6.77 -20.66
C VAL A 283 21.78 -7.32 -22.07
N GLU A 284 22.63 -8.28 -22.38
CA GLU A 284 22.74 -8.78 -23.74
C GLU A 284 21.39 -9.27 -24.24
N GLY A 285 21.00 -8.77 -25.41
CA GLY A 285 19.73 -9.07 -26.02
C GLY A 285 18.59 -8.17 -25.59
N ILE A 286 18.74 -7.41 -24.51
CA ILE A 286 17.66 -6.60 -23.96
C ILE A 286 18.00 -5.12 -23.99
N GLY A 287 19.19 -4.77 -23.56
CA GLY A 287 19.51 -3.36 -23.35
C GLY A 287 19.21 -2.95 -21.93
N ASP A 288 18.31 -2.00 -21.76
CA ASP A 288 17.89 -1.57 -20.43
C ASP A 288 16.61 -2.29 -19.99
N VAL A 289 16.52 -2.58 -18.69
CA VAL A 289 15.38 -3.27 -18.11
C VAL A 289 15.45 -3.16 -16.59
N ASP A 290 14.33 -2.83 -15.94
CA ASP A 290 14.35 -2.78 -14.49
C ASP A 290 14.33 -4.19 -13.91
N LEU A 291 14.99 -4.33 -12.75
CA LEU A 291 15.03 -5.56 -11.99
C LEU A 291 14.19 -5.50 -10.73
N VAL A 292 14.15 -4.35 -10.06
CA VAL A 292 13.38 -4.17 -8.83
C VAL A 292 12.78 -2.77 -8.87
N ASN A 293 11.47 -2.67 -8.68
CA ASN A 293 10.83 -1.34 -8.77
C ASN A 293 9.52 -1.42 -7.98
N TYR A 294 9.55 -0.92 -6.75
CA TYR A 294 8.38 -1.09 -5.89
C TYR A 294 8.38 -0.04 -4.79
N PHE A 295 7.18 0.14 -4.23
CA PHE A 295 6.93 0.93 -3.03
C PHE A 295 6.55 -0.02 -1.90
N GLU A 296 6.99 0.29 -0.68
CA GLU A 296 6.68 -0.56 0.47
C GLU A 296 5.92 0.22 1.52
N VAL A 297 4.86 -0.39 2.05
CA VAL A 297 4.15 0.08 3.22
C VAL A 297 4.01 -1.09 4.17
N GLY A 298 4.13 -0.82 5.46
CA GLY A 298 4.00 -1.90 6.42
C GLY A 298 4.15 -1.38 7.83
N ALA A 299 4.00 -2.30 8.77
CA ALA A 299 4.15 -1.95 10.18
C ALA A 299 4.49 -3.21 10.95
N THR A 300 5.17 -3.00 12.07
CA THR A 300 5.52 -4.00 13.05
C THR A 300 4.87 -3.56 14.33
N TYR A 301 4.36 -4.49 15.12
CA TYR A 301 4.02 -4.19 16.49
C TYR A 301 4.98 -4.98 17.37
N TYR A 302 5.68 -4.28 18.24
CA TYR A 302 6.67 -4.90 19.14
C TYR A 302 6.00 -5.02 20.50
N PHE A 303 5.55 -6.24 20.83
CA PHE A 303 4.98 -6.50 22.15
C PHE A 303 6.03 -6.32 23.22
N ASN A 304 7.21 -6.88 23.00
CA ASN A 304 8.39 -6.63 23.80
C ASN A 304 9.59 -7.14 23.00
N LYS A 305 10.75 -7.25 23.67
CA LYS A 305 11.95 -7.62 22.94
C LYS A 305 11.85 -9.02 22.33
N ASN A 306 10.89 -9.84 22.77
CA ASN A 306 10.75 -11.22 22.33
C ASN A 306 9.61 -11.48 21.34
N MET A 307 8.54 -10.69 21.34
CA MET A 307 7.37 -11.02 20.51
C MET A 307 6.93 -9.86 19.63
N SER A 308 6.63 -10.17 18.36
CA SER A 308 6.29 -9.12 17.41
C SER A 308 5.48 -9.70 16.26
N THR A 309 4.59 -8.85 15.71
CA THR A 309 3.88 -9.18 14.47
C THR A 309 4.00 -8.03 13.51
N TYR A 310 3.81 -8.33 12.23
CA TYR A 310 4.01 -7.32 11.21
C TYR A 310 3.28 -7.69 9.94
N VAL A 311 3.06 -6.67 9.11
CA VAL A 311 2.51 -6.82 7.77
C VAL A 311 3.39 -5.99 6.83
N ASP A 312 3.65 -6.53 5.65
CA ASP A 312 4.56 -5.89 4.71
C ASP A 312 3.96 -6.01 3.33
N TYR A 313 3.56 -4.87 2.76
CA TYR A 313 3.03 -4.83 1.39
C TYR A 313 4.03 -4.20 0.44
N ILE A 314 4.30 -4.93 -0.63
CA ILE A 314 5.18 -4.51 -1.71
C ILE A 314 4.26 -4.18 -2.88
N ILE A 315 4.03 -2.90 -3.12
CA ILE A 315 3.29 -2.47 -4.30
C ILE A 315 4.26 -2.51 -5.47
N ASN A 316 4.11 -3.50 -6.35
CA ASN A 316 5.13 -3.82 -7.33
C ASN A 316 4.87 -3.02 -8.60
N GLN A 317 5.88 -2.23 -9.01
CA GLN A 317 5.77 -1.34 -10.15
C GLN A 317 6.35 -1.93 -11.42
N ILE A 318 6.99 -3.09 -11.33
CA ILE A 318 7.44 -3.80 -12.51
C ILE A 318 6.23 -3.97 -13.41
N ASP A 319 6.44 -3.90 -14.71
CA ASP A 319 5.32 -4.10 -15.61
C ASP A 319 5.37 -5.51 -16.20
N SER A 320 4.23 -5.93 -16.74
CA SER A 320 4.18 -7.21 -17.40
C SER A 320 5.09 -7.24 -18.62
N ASP A 321 5.31 -6.08 -19.23
CA ASP A 321 6.17 -5.96 -20.40
C ASP A 321 7.63 -6.25 -20.12
N ASN A 322 8.01 -6.41 -18.84
CA ASN A 322 9.42 -6.48 -18.48
C ASN A 322 10.18 -7.44 -19.36
N LYS A 323 11.27 -6.96 -19.97
CA LYS A 323 11.93 -7.76 -20.99
C LYS A 323 12.69 -8.95 -20.44
N LEU A 324 13.03 -8.94 -19.15
CA LEU A 324 13.67 -10.08 -18.51
C LEU A 324 12.66 -11.02 -17.87
N GLY A 325 11.38 -10.67 -17.91
CA GLY A 325 10.37 -11.48 -17.26
C GLY A 325 10.28 -11.29 -15.77
N VAL A 326 10.82 -10.21 -15.23
CA VAL A 326 10.68 -9.95 -13.80
C VAL A 326 9.20 -9.83 -13.45
N GLY A 327 8.80 -10.49 -12.37
CA GLY A 327 7.39 -10.58 -12.03
C GLY A 327 6.79 -9.22 -11.70
N SER A 328 5.53 -9.05 -12.09
CA SER A 328 4.86 -7.76 -12.01
C SER A 328 3.76 -7.64 -10.96
N ASP A 329 3.26 -8.74 -10.42
CA ASP A 329 2.19 -8.68 -9.42
C ASP A 329 2.74 -8.38 -8.03
N ASP A 330 1.89 -7.78 -7.20
CA ASP A 330 2.24 -7.34 -5.85
C ASP A 330 2.41 -8.52 -4.91
N THR A 331 2.78 -8.23 -3.67
CA THR A 331 2.93 -9.30 -2.67
C THR A 331 2.85 -8.72 -1.27
N VAL A 332 2.22 -9.46 -0.36
CA VAL A 332 2.13 -9.06 1.04
C VAL A 332 2.43 -10.25 1.91
N ALA A 333 3.12 -10.00 3.01
CA ALA A 333 3.48 -11.02 3.96
C ALA A 333 2.94 -10.64 5.32
N VAL A 334 2.40 -11.62 6.02
CA VAL A 334 1.94 -11.46 7.40
C VAL A 334 2.81 -12.37 8.23
N GLY A 335 3.22 -11.88 9.39
CA GLY A 335 4.18 -12.59 10.18
C GLY A 335 3.99 -12.42 11.67
N ILE A 336 4.28 -13.48 12.41
CA ILE A 336 4.30 -13.47 13.85
C ILE A 336 5.60 -14.12 14.27
N VAL A 337 6.34 -13.45 15.15
CA VAL A 337 7.76 -13.75 15.37
C VAL A 337 8.03 -13.85 16.85
N TYR A 338 8.44 -15.04 17.30
CA TYR A 338 9.08 -15.21 18.60
C TYR A 338 10.57 -15.35 18.39
N GLN A 339 11.35 -14.67 19.23
CA GLN A 339 12.79 -14.74 19.17
C GLN A 339 13.34 -14.66 20.59
N PHE A 340 14.54 -15.24 20.79
CA PHE A 340 15.14 -15.26 22.11
C PHE A 340 16.60 -14.92 22.18
N ALA B 1 -17.31 29.55 2.32
CA ALA B 1 -17.20 30.69 3.22
C ALA B 1 -18.48 31.55 3.20
N GLU B 2 -18.89 32.02 4.38
CA GLU B 2 -20.07 32.87 4.54
C GLU B 2 -19.75 34.25 3.96
N ILE B 3 -20.31 34.54 2.78
CA ILE B 3 -19.98 35.78 2.08
C ILE B 3 -21.05 36.85 2.27
N TYR B 4 -22.20 36.51 2.85
CA TYR B 4 -23.34 37.41 3.06
C TYR B 4 -24.18 36.90 4.22
N ASN B 5 -24.66 37.82 5.07
CA ASN B 5 -25.54 37.43 6.18
C ASN B 5 -26.25 38.62 6.83
N LYS B 6 -27.34 39.13 6.26
CA LYS B 6 -28.12 40.15 6.94
C LYS B 6 -29.63 39.89 6.79
N ASP B 7 -30.39 40.43 7.75
CA ASP B 7 -31.86 40.45 7.72
C ASP B 7 -32.42 39.04 7.53
N GLY B 8 -31.90 38.11 8.32
CA GLY B 8 -32.36 36.74 8.41
C GLY B 8 -31.86 35.76 7.36
N ASN B 9 -31.55 36.23 6.15
CA ASN B 9 -30.99 35.35 5.13
C ASN B 9 -29.47 35.40 5.18
N LYS B 10 -28.83 34.26 5.01
CA LYS B 10 -27.38 34.18 4.97
C LYS B 10 -26.95 33.15 3.94
N VAL B 11 -26.02 33.54 3.07
CA VAL B 11 -25.56 32.71 1.98
C VAL B 11 -24.09 32.38 2.21
N ASP B 12 -23.73 31.13 1.93
CA ASP B 12 -22.39 30.61 2.11
C ASP B 12 -21.95 30.15 0.72
N LEU B 13 -20.99 30.87 0.13
CA LEU B 13 -20.36 30.47 -1.13
C LEU B 13 -19.15 29.61 -0.83
N TYR B 14 -19.09 28.46 -1.46
CA TYR B 14 -18.05 27.51 -1.11
C TYR B 14 -17.54 26.87 -2.38
N GLY B 15 -16.37 26.25 -2.25
CA GLY B 15 -15.78 25.54 -3.36
C GLY B 15 -14.34 25.17 -3.05
N LYS B 16 -13.77 24.40 -3.96
CA LYS B 16 -12.38 23.98 -3.82
C LYS B 16 -11.75 23.88 -5.20
N ALA B 17 -10.43 24.03 -5.21
CA ALA B 17 -9.62 23.79 -6.39
C ALA B 17 -8.69 22.66 -6.00
N VAL B 18 -8.71 21.58 -6.78
CA VAL B 18 -8.07 20.34 -6.41
C VAL B 18 -7.06 19.97 -7.48
N GLY B 19 -5.79 20.11 -7.16
CA GLY B 19 -4.76 19.64 -8.07
C GLY B 19 -4.57 18.16 -7.90
N LEU B 20 -4.83 17.37 -8.95
CA LEU B 20 -4.92 15.93 -8.74
C LEU B 20 -4.39 15.14 -9.93
N HIS B 21 -3.59 14.11 -9.65
CA HIS B 21 -3.01 13.22 -10.65
C HIS B 21 -3.16 11.77 -10.22
N TYR B 22 -3.44 10.90 -11.20
CA TYR B 22 -3.55 9.46 -11.01
C TYR B 22 -2.39 8.76 -11.71
N PHE B 23 -1.72 7.84 -11.01
CA PHE B 23 -0.61 7.08 -11.58
C PHE B 23 -0.96 5.60 -11.62
N SER B 24 -0.86 4.98 -12.80
CA SER B 24 -1.17 3.56 -12.97
C SER B 24 -0.33 2.99 -14.11
N LYS B 25 -0.06 1.68 -14.04
CA LYS B 25 0.78 1.05 -15.06
C LYS B 25 0.13 1.18 -16.43
N GLY B 26 0.95 1.41 -17.44
CA GLY B 26 0.44 1.46 -18.81
C GLY B 26 -0.46 2.68 -19.01
N ASN B 27 -1.49 2.52 -19.84
CA ASN B 27 -2.46 3.60 -20.05
C ASN B 27 -3.40 3.80 -18.87
N GLY B 28 -3.62 2.80 -18.03
CA GLY B 28 -4.63 2.88 -17.01
C GLY B 28 -5.93 2.17 -17.33
N GLU B 29 -6.00 1.46 -18.45
CA GLU B 29 -7.24 0.83 -18.86
C GLU B 29 -7.62 -0.26 -17.88
N ASN B 30 -6.72 -1.22 -17.69
CA ASN B 30 -6.95 -2.33 -16.77
C ASN B 30 -6.48 -1.98 -15.35
N SER B 31 -6.71 -0.76 -14.87
CA SER B 31 -6.32 -0.33 -13.54
C SER B 31 -7.56 0.01 -12.72
N TYR B 32 -7.36 0.35 -11.44
CA TYR B 32 -8.51 0.67 -10.59
C TYR B 32 -9.13 2.01 -11.00
N GLY B 33 -8.31 3.04 -11.13
CA GLY B 33 -8.84 4.38 -11.30
C GLY B 33 -8.39 5.14 -12.53
N GLY B 34 -7.66 4.48 -13.42
CA GLY B 34 -7.16 5.13 -14.60
C GLY B 34 -5.90 5.93 -14.33
N ASN B 35 -5.34 6.49 -15.40
CA ASN B 35 -4.03 7.12 -15.33
C ASN B 35 -3.99 8.45 -16.07
N GLY B 36 -3.67 9.52 -15.35
CA GLY B 36 -3.44 10.78 -16.01
C GLY B 36 -3.74 11.92 -15.05
N ASP B 37 -4.13 13.05 -15.63
CA ASP B 37 -4.56 14.20 -14.85
C ASP B 37 -6.03 14.01 -14.52
N MET B 38 -6.38 14.18 -13.23
CA MET B 38 -7.78 14.16 -12.81
C MET B 38 -8.13 15.38 -11.98
N THR B 39 -7.41 16.48 -12.18
CA THR B 39 -7.63 17.70 -11.40
C THR B 39 -8.99 18.33 -11.72
N TYR B 40 -9.62 18.91 -10.70
CA TYR B 40 -10.98 19.44 -10.84
C TYR B 40 -11.19 20.64 -9.93
N ALA B 41 -12.33 21.32 -10.12
CA ALA B 41 -12.71 22.40 -9.21
C ALA B 41 -14.21 22.34 -8.98
N ARG B 42 -14.62 22.80 -7.79
CA ARG B 42 -16.00 22.77 -7.34
C ARG B 42 -16.48 24.14 -6.86
N LEU B 43 -17.74 24.45 -7.13
CA LEU B 43 -18.39 25.68 -6.66
C LEU B 43 -19.80 25.37 -6.17
N GLY B 44 -20.26 26.13 -5.16
CA GLY B 44 -21.61 25.92 -4.62
C GLY B 44 -22.02 26.99 -3.63
N PHE B 45 -23.31 26.98 -3.26
CA PHE B 45 -23.86 27.87 -2.24
C PHE B 45 -24.87 27.14 -1.35
N LYS B 46 -24.89 27.52 -0.07
CA LYS B 46 -25.82 26.99 0.93
C LYS B 46 -26.59 28.14 1.55
N GLY B 47 -27.90 28.14 1.41
CA GLY B 47 -28.72 29.23 1.89
C GLY B 47 -29.55 28.82 3.09
N GLU B 48 -29.78 29.79 3.98
CA GLU B 48 -30.47 29.53 5.22
C GLU B 48 -31.12 30.83 5.70
N THR B 49 -32.46 30.88 5.65
CA THR B 49 -33.20 32.06 6.05
C THR B 49 -34.01 31.74 7.29
N GLN B 50 -33.99 32.66 8.24
CA GLN B 50 -34.72 32.48 9.48
C GLN B 50 -36.09 33.07 9.22
N ILE B 51 -37.02 32.23 8.78
CA ILE B 51 -38.37 32.71 8.50
C ILE B 51 -39.05 33.16 9.80
N ASN B 52 -39.03 32.33 10.84
CA ASN B 52 -39.46 32.81 12.17
C ASN B 52 -38.79 31.92 13.23
N SER B 53 -39.34 31.96 14.46
CA SER B 53 -38.78 31.13 15.52
C SER B 53 -39.00 29.65 15.27
N ASP B 54 -40.05 29.29 14.52
CA ASP B 54 -40.40 27.90 14.28
C ASP B 54 -40.17 27.45 12.85
N LEU B 55 -40.10 28.36 11.90
CA LEU B 55 -39.97 27.96 10.51
C LEU B 55 -38.62 28.44 10.00
N THR B 56 -38.02 27.66 9.10
CA THR B 56 -36.72 28.02 8.53
C THR B 56 -36.59 27.36 7.18
N GLY B 57 -36.25 28.17 6.17
CA GLY B 57 -36.08 27.69 4.81
C GLY B 57 -34.63 27.57 4.40
N TYR B 58 -34.39 26.72 3.41
CA TYR B 58 -33.01 26.42 3.03
C TYR B 58 -32.93 25.95 1.59
N GLY B 59 -31.80 26.28 0.94
CA GLY B 59 -31.52 25.80 -0.40
C GLY B 59 -30.03 25.71 -0.65
N GLN B 60 -29.67 24.93 -1.69
CA GLN B 60 -28.27 24.61 -1.94
C GLN B 60 -28.08 24.11 -3.37
N TRP B 61 -26.92 24.42 -3.96
CA TRP B 61 -26.54 23.95 -5.29
C TRP B 61 -25.02 23.73 -5.33
N GLU B 62 -24.59 22.72 -6.10
CA GLU B 62 -23.19 22.31 -6.13
C GLU B 62 -22.83 21.74 -7.49
N TYR B 63 -21.70 22.20 -8.05
CA TYR B 63 -21.29 21.91 -9.43
C TYR B 63 -19.85 21.42 -9.53
N ASN B 64 -19.63 20.48 -10.44
CA ASN B 64 -18.31 19.90 -10.71
C ASN B 64 -17.80 20.47 -12.04
N PHE B 65 -16.75 21.30 -11.94
CA PHE B 65 -16.00 21.81 -13.09
C PHE B 65 -14.68 21.04 -13.20
N GLN B 66 -14.55 20.25 -14.25
CA GLN B 66 -13.38 19.42 -14.49
C GLN B 66 -12.17 20.21 -14.97
N GLY B 67 -10.99 19.80 -14.50
CA GLY B 67 -9.73 20.33 -14.95
C GLY B 67 -8.94 19.41 -15.85
N ASN B 68 -9.55 18.35 -16.37
CA ASN B 68 -8.82 17.41 -17.22
C ASN B 68 -9.12 17.63 -18.68
N ASN B 69 -9.92 18.62 -18.99
CA ASN B 69 -10.33 18.85 -20.36
C ASN B 69 -9.59 20.02 -20.96
N SER B 70 -9.52 20.01 -22.28
CA SER B 70 -8.91 21.10 -22.99
C SER B 70 -9.87 22.28 -22.99
N GLU B 71 -9.62 23.23 -23.87
CA GLU B 71 -10.55 24.30 -24.19
C GLU B 71 -11.17 24.04 -25.56
N GLY B 72 -11.04 22.83 -26.07
CA GLY B 72 -11.62 22.45 -27.35
C GLY B 72 -12.98 21.79 -27.23
N ALA B 73 -13.26 20.87 -28.15
CA ALA B 73 -14.59 20.30 -28.24
C ALA B 73 -14.97 19.45 -27.03
N ASP B 74 -14.01 19.14 -26.16
CA ASP B 74 -14.24 18.23 -25.05
C ASP B 74 -14.32 18.95 -23.70
N ALA B 75 -14.42 20.28 -23.71
CA ALA B 75 -14.22 21.06 -22.49
C ALA B 75 -15.24 20.75 -21.41
N GLN B 76 -16.36 20.11 -21.74
CA GLN B 76 -17.46 19.95 -20.78
C GLN B 76 -17.60 18.56 -20.20
N THR B 77 -16.82 17.57 -20.66
CA THR B 77 -16.96 16.20 -20.17
C THR B 77 -16.88 16.14 -18.65
N GLY B 78 -17.86 15.48 -18.05
CA GLY B 78 -17.82 15.32 -16.61
C GLY B 78 -18.14 16.56 -15.83
N ASN B 79 -18.49 17.67 -16.49
CA ASN B 79 -19.09 18.79 -15.80
C ASN B 79 -20.54 18.44 -15.55
N LYS B 80 -21.03 18.76 -14.36
CA LYS B 80 -22.34 18.27 -13.99
C LYS B 80 -22.80 19.01 -12.75
N THR B 81 -24.11 19.19 -12.64
CA THR B 81 -24.69 19.68 -11.41
C THR B 81 -24.76 18.52 -10.44
N ARG B 82 -24.27 18.74 -9.21
CA ARG B 82 -24.34 17.67 -8.23
C ARG B 82 -25.58 17.77 -7.36
N LEU B 83 -25.82 18.93 -6.78
CA LEU B 83 -26.96 19.13 -5.91
C LEU B 83 -27.84 20.26 -6.39
N ALA B 84 -29.12 20.15 -6.05
CA ALA B 84 -30.12 21.14 -6.41
C ALA B 84 -31.41 20.83 -5.66
N PHE B 85 -31.66 21.54 -4.57
CA PHE B 85 -32.79 21.26 -3.73
C PHE B 85 -33.07 22.46 -2.83
N ALA B 86 -34.29 22.52 -2.32
CA ALA B 86 -34.70 23.52 -1.37
C ALA B 86 -35.68 22.88 -0.40
N GLY B 87 -35.83 23.47 0.77
CA GLY B 87 -36.69 22.82 1.74
C GLY B 87 -36.96 23.67 2.95
N LEU B 88 -37.69 23.07 3.90
CA LEU B 88 -38.01 23.70 5.17
C LEU B 88 -37.74 22.77 6.33
N LYS B 89 -37.53 23.40 7.49
CA LYS B 89 -37.30 22.70 8.75
C LYS B 89 -38.19 23.34 9.80
N TYR B 90 -39.12 22.53 10.36
CA TYR B 90 -40.12 23.00 11.29
C TYR B 90 -39.76 22.61 12.72
N ALA B 91 -39.46 23.63 13.54
CA ALA B 91 -39.26 23.55 14.98
C ALA B 91 -38.65 22.23 15.36
N ASP B 92 -39.35 21.46 16.18
CA ASP B 92 -38.88 20.15 16.56
C ASP B 92 -39.49 19.07 15.69
N VAL B 93 -40.11 19.44 14.56
CA VAL B 93 -40.78 18.45 13.73
C VAL B 93 -39.90 17.90 12.62
N GLY B 94 -38.90 18.65 12.19
CA GLY B 94 -37.99 18.08 11.22
C GLY B 94 -37.90 18.88 9.94
N SER B 95 -37.41 18.24 8.89
CA SER B 95 -37.09 18.90 7.63
C SER B 95 -37.71 18.17 6.46
N PHE B 96 -38.16 18.93 5.46
CA PHE B 96 -38.63 18.41 4.19
C PHE B 96 -37.97 19.19 3.07
N ASP B 97 -37.40 18.48 2.09
CA ASP B 97 -36.73 19.10 0.95
C ASP B 97 -36.89 18.24 -0.30
N TYR B 98 -37.00 18.91 -1.45
CA TYR B 98 -37.11 18.26 -2.76
C TYR B 98 -36.10 18.88 -3.71
N GLY B 99 -35.61 18.06 -4.64
CA GLY B 99 -34.70 18.44 -5.70
C GLY B 99 -33.85 17.25 -6.14
N ARG B 100 -32.61 17.54 -6.53
CA ARG B 100 -31.60 16.51 -6.75
C ARG B 100 -30.78 16.44 -5.47
N ASN B 101 -30.73 15.26 -4.83
CA ASN B 101 -30.09 15.20 -3.52
C ASN B 101 -29.62 13.77 -3.27
N TYR B 102 -29.25 13.50 -2.01
CA TYR B 102 -28.65 12.24 -1.59
C TYR B 102 -29.71 11.22 -1.17
N GLY B 103 -29.59 10.00 -1.70
CA GLY B 103 -30.45 8.93 -1.24
C GLY B 103 -30.21 8.58 0.21
N VAL B 104 -31.23 7.96 0.81
CA VAL B 104 -31.16 7.74 2.26
C VAL B 104 -30.24 6.58 2.59
N VAL B 105 -30.05 5.64 1.66
CA VAL B 105 -29.09 4.58 1.92
C VAL B 105 -27.71 5.19 2.16
N TYR B 106 -27.46 6.37 1.58
CA TYR B 106 -26.21 7.05 1.90
C TYR B 106 -26.16 7.51 3.35
N ASP B 107 -27.28 7.59 4.05
CA ASP B 107 -27.17 7.94 5.46
C ASP B 107 -26.34 6.91 6.20
N ALA B 108 -26.19 5.73 5.61
CA ALA B 108 -25.37 4.66 6.14
C ALA B 108 -23.99 4.57 5.49
N LEU B 109 -23.94 4.45 4.16
CA LEU B 109 -22.68 4.27 3.45
C LEU B 109 -21.67 5.37 3.74
N GLY B 110 -22.12 6.52 4.24
CA GLY B 110 -21.22 7.59 4.57
C GLY B 110 -20.35 7.32 5.77
N TYR B 111 -20.58 6.21 6.45
CA TYR B 111 -19.69 5.90 7.54
C TYR B 111 -18.30 5.59 7.02
N THR B 112 -18.24 4.92 5.86
CA THR B 112 -17.01 4.44 5.26
C THR B 112 -16.59 5.28 4.06
N ASP B 113 -17.22 6.42 3.87
CA ASP B 113 -16.84 7.33 2.80
C ASP B 113 -15.94 8.39 3.41
N MET B 114 -14.70 8.00 3.70
CA MET B 114 -13.77 8.91 4.36
C MET B 114 -12.38 8.85 3.75
N LEU B 115 -12.19 8.16 2.65
CA LEU B 115 -10.86 8.03 2.11
C LEU B 115 -10.41 9.35 1.52
N PRO B 116 -9.10 9.63 1.51
CA PRO B 116 -8.63 10.91 0.97
C PRO B 116 -9.07 11.15 -0.45
N GLU B 117 -9.25 10.09 -1.24
CA GLU B 117 -9.75 10.26 -2.59
C GLU B 117 -10.76 9.17 -2.98
N PHE B 118 -10.40 7.91 -2.75
CA PHE B 118 -11.18 6.77 -3.25
C PHE B 118 -12.16 6.24 -2.19
N GLY B 119 -13.12 7.07 -1.79
CA GLY B 119 -14.08 6.63 -0.80
C GLY B 119 -15.00 5.51 -1.28
N GLY B 120 -16.13 5.32 -0.61
CA GLY B 120 -17.01 4.19 -0.84
C GLY B 120 -17.49 3.94 -2.26
N ASP B 121 -16.93 2.92 -2.89
CA ASP B 121 -17.23 2.60 -4.28
C ASP B 121 -18.70 2.28 -4.51
N THR B 122 -19.50 2.18 -3.46
CA THR B 122 -20.88 1.72 -3.60
C THR B 122 -21.90 2.85 -3.60
N ALA B 123 -21.52 4.06 -3.21
CA ALA B 123 -22.45 5.18 -3.24
C ALA B 123 -22.54 5.74 -4.64
N TYR B 124 -22.79 4.87 -5.62
CA TYR B 124 -22.92 5.29 -7.00
C TYR B 124 -23.87 6.48 -7.08
N SER B 125 -23.61 7.35 -8.06
CA SER B 125 -24.46 8.49 -8.26
C SER B 125 -25.51 8.14 -9.30
N ASP B 126 -26.74 8.63 -9.08
CA ASP B 126 -27.88 8.30 -9.94
C ASP B 126 -28.18 6.81 -9.93
N ASP B 127 -28.33 6.27 -8.71
CA ASP B 127 -28.53 4.84 -8.53
C ASP B 127 -29.52 4.62 -7.40
N PHE B 128 -30.73 5.10 -7.59
CA PHE B 128 -31.79 4.92 -6.61
C PHE B 128 -31.33 5.59 -5.32
N PHE B 129 -31.06 4.84 -4.24
CA PHE B 129 -30.95 5.48 -2.93
C PHE B 129 -29.54 5.54 -2.36
N VAL B 130 -28.53 5.01 -3.06
CA VAL B 130 -27.18 4.95 -2.49
C VAL B 130 -26.41 6.25 -2.70
N GLY B 131 -26.70 7.02 -3.75
CA GLY B 131 -26.00 8.27 -3.92
C GLY B 131 -26.89 9.43 -4.35
N ARG B 132 -26.26 10.54 -4.73
CA ARG B 132 -26.98 11.69 -5.25
C ARG B 132 -27.83 11.26 -6.43
N VAL B 133 -29.07 11.76 -6.51
CA VAL B 133 -30.00 11.32 -7.53
C VAL B 133 -30.97 12.45 -7.78
N GLY B 134 -31.65 12.38 -8.93
CA GLY B 134 -32.58 13.42 -9.33
C GLY B 134 -33.98 13.15 -8.81
N GLY B 135 -34.55 14.12 -8.12
CA GLY B 135 -35.95 14.13 -7.77
C GLY B 135 -36.35 13.43 -6.49
N VAL B 136 -35.69 13.67 -5.36
CA VAL B 136 -36.04 13.00 -4.11
C VAL B 136 -36.55 14.03 -3.12
N ALA B 137 -37.77 13.79 -2.63
CA ALA B 137 -38.32 14.51 -1.50
C ALA B 137 -37.97 13.73 -0.23
N THR B 138 -37.40 14.43 0.76
CA THR B 138 -36.77 13.79 1.90
C THR B 138 -37.27 14.45 3.18
N TYR B 139 -38.03 13.70 3.99
CA TYR B 139 -38.39 14.12 5.34
C TYR B 139 -37.34 13.55 6.29
N ARG B 140 -36.78 14.41 7.12
CA ARG B 140 -35.79 14.01 8.10
C ARG B 140 -36.25 14.50 9.47
N ASN B 141 -35.98 13.71 10.50
CA ASN B 141 -36.30 14.16 11.85
C ASN B 141 -35.16 13.75 12.76
N SER B 142 -34.63 14.71 13.50
CA SER B 142 -33.49 14.48 14.39
C SER B 142 -33.93 14.56 15.83
N ASN B 143 -33.48 13.60 16.63
CA ASN B 143 -33.75 13.55 18.07
C ASN B 143 -35.23 13.28 18.32
N PHE B 144 -35.83 12.52 17.41
CA PHE B 144 -37.21 12.07 17.44
C PHE B 144 -38.18 13.10 18.00
N PHE B 145 -38.49 14.11 17.19
CA PHE B 145 -39.47 15.14 17.55
C PHE B 145 -39.07 15.85 18.83
N GLY B 146 -37.77 15.89 19.10
CA GLY B 146 -37.24 16.55 20.26
C GLY B 146 -37.22 15.71 21.53
N LEU B 147 -37.56 14.43 21.45
CA LEU B 147 -37.74 13.59 22.63
C LEU B 147 -36.54 12.68 22.88
N VAL B 148 -36.23 11.80 21.92
CA VAL B 148 -35.17 10.81 22.10
C VAL B 148 -33.90 11.42 21.50
N ASP B 149 -33.11 12.07 22.36
CA ASP B 149 -31.86 12.70 21.93
C ASP B 149 -30.95 11.70 21.23
N GLY B 150 -30.44 12.09 20.06
CA GLY B 150 -29.52 11.28 19.31
C GLY B 150 -30.15 10.36 18.30
N LEU B 151 -31.47 10.23 18.32
CA LEU B 151 -32.17 9.30 17.46
C LEU B 151 -32.62 10.05 16.22
N ASN B 152 -32.13 9.64 15.06
CA ASN B 152 -32.46 10.31 13.82
C ASN B 152 -33.12 9.30 12.91
N PHE B 153 -34.04 9.79 12.09
CA PHE B 153 -34.65 8.97 11.05
C PHE B 153 -35.07 9.86 9.91
N ALA B 154 -35.31 9.23 8.76
CA ALA B 154 -35.65 9.96 7.57
C ALA B 154 -36.48 9.09 6.65
N VAL B 155 -37.42 9.73 5.97
CA VAL B 155 -38.23 9.11 4.94
C VAL B 155 -38.06 9.90 3.65
N GLN B 156 -37.96 9.18 2.54
CA GLN B 156 -37.64 9.78 1.25
C GLN B 156 -38.44 9.07 0.16
N TYR B 157 -39.12 9.85 -0.66
CA TYR B 157 -39.86 9.33 -1.80
C TYR B 157 -39.10 9.64 -3.06
N LEU B 158 -38.83 8.64 -3.88
CA LEU B 158 -38.01 8.81 -5.05
C LEU B 158 -38.91 8.73 -6.27
N GLY B 159 -39.01 9.86 -6.99
CA GLY B 159 -39.80 9.94 -8.20
C GLY B 159 -39.12 9.29 -9.41
N LYS B 160 -39.94 9.01 -10.41
CA LYS B 160 -39.49 8.39 -11.65
C LYS B 160 -38.56 9.34 -12.41
N ASN B 161 -37.58 8.75 -13.10
CA ASN B 161 -36.64 9.45 -14.00
C ASN B 161 -36.47 8.52 -15.21
N GLU B 162 -37.29 8.72 -16.23
CA GLU B 162 -37.22 7.88 -17.43
C GLU B 162 -36.23 8.56 -18.38
N ARG B 163 -34.94 8.23 -18.22
CA ARG B 163 -33.88 8.93 -18.94
C ARG B 163 -33.51 8.19 -20.22
N ASP B 164 -32.48 8.69 -20.88
CA ASP B 164 -32.04 8.09 -22.14
C ASP B 164 -31.38 6.73 -21.94
N THR B 165 -30.70 6.55 -20.82
CA THR B 165 -29.83 5.40 -20.61
C THR B 165 -30.36 4.50 -19.51
N ALA B 166 -30.14 3.20 -19.70
CA ALA B 166 -30.49 2.25 -18.66
C ALA B 166 -29.81 2.58 -17.35
N ARG B 167 -28.57 3.07 -17.41
CA ARG B 167 -27.78 3.25 -16.19
C ARG B 167 -28.34 4.36 -15.29
N ARG B 168 -28.91 5.41 -15.86
CA ARG B 168 -29.34 6.54 -15.05
C ARG B 168 -30.84 6.59 -14.79
N SER B 169 -31.62 5.71 -15.43
CA SER B 169 -33.06 5.67 -15.20
C SER B 169 -33.40 5.08 -13.81
N ASN B 170 -34.62 5.37 -13.37
CA ASN B 170 -35.20 4.76 -12.19
C ASN B 170 -36.70 4.98 -12.21
N GLY B 171 -37.43 4.05 -11.58
CA GLY B 171 -38.84 4.20 -11.37
C GLY B 171 -39.14 4.84 -10.02
N ASP B 172 -40.43 4.99 -9.73
CA ASP B 172 -40.85 5.50 -8.43
C ASP B 172 -40.47 4.52 -7.33
N GLY B 173 -40.20 5.04 -6.15
CA GLY B 173 -39.88 4.16 -5.05
C GLY B 173 -39.79 4.93 -3.76
N VAL B 174 -39.59 4.19 -2.66
CA VAL B 174 -39.47 4.77 -1.33
C VAL B 174 -38.36 4.05 -0.57
N GLY B 175 -37.85 4.73 0.45
CA GLY B 175 -36.80 4.24 1.32
C GLY B 175 -36.75 5.09 2.57
N GLY B 176 -35.92 4.67 3.51
CA GLY B 176 -35.83 5.38 4.78
C GLY B 176 -34.57 5.00 5.51
N SER B 177 -34.32 5.69 6.63
CA SER B 177 -33.11 5.44 7.40
C SER B 177 -33.36 5.73 8.87
N ILE B 178 -32.66 5.00 9.74
CA ILE B 178 -32.61 5.29 11.18
C ILE B 178 -31.17 5.22 11.65
N SER B 179 -30.81 6.13 12.54
CA SER B 179 -29.48 6.18 13.09
C SER B 179 -29.56 6.64 14.54
N TYR B 180 -28.82 5.95 15.40
CA TYR B 180 -28.60 6.36 16.77
C TYR B 180 -27.13 6.65 16.98
N GLU B 181 -26.83 7.74 17.68
CA GLU B 181 -25.45 8.09 17.98
C GLU B 181 -25.38 8.40 19.47
N TYR B 182 -24.43 7.74 20.15
CA TYR B 182 -24.25 7.89 21.59
C TYR B 182 -22.77 7.88 21.93
N GLU B 183 -22.29 9.02 22.45
CA GLU B 183 -20.99 9.14 23.09
C GLU B 183 -19.88 8.49 22.27
N GLY B 184 -19.77 8.93 21.02
CA GLY B 184 -18.73 8.52 20.12
C GLY B 184 -19.11 7.40 19.17
N PHE B 185 -20.06 6.56 19.53
CA PHE B 185 -20.39 5.45 18.67
C PHE B 185 -21.55 5.83 17.77
N GLY B 186 -21.59 5.19 16.61
CA GLY B 186 -22.67 5.47 15.69
C GLY B 186 -23.13 4.22 14.97
N ILE B 187 -24.44 4.02 14.95
CA ILE B 187 -25.05 2.88 14.28
C ILE B 187 -26.16 3.39 13.37
N VAL B 188 -26.27 2.78 12.19
CA VAL B 188 -27.27 3.19 11.22
C VAL B 188 -27.61 2.00 10.33
N GLY B 189 -28.84 2.01 9.82
CA GLY B 189 -29.22 1.14 8.74
C GLY B 189 -30.19 1.92 7.86
N ALA B 190 -30.31 1.45 6.62
CA ALA B 190 -31.18 2.12 5.68
C ALA B 190 -31.60 1.13 4.60
N TYR B 191 -32.78 1.36 4.03
CA TYR B 191 -33.37 0.45 3.06
C TYR B 191 -34.11 1.26 2.02
N GLY B 192 -34.16 0.75 0.80
CA GLY B 192 -34.96 1.40 -0.23
C GLY B 192 -35.33 0.44 -1.33
N ALA B 193 -36.45 0.72 -1.99
CA ALA B 193 -36.81 -0.04 -3.18
C ALA B 193 -37.58 0.87 -4.13
N ALA B 194 -37.64 0.47 -5.39
CA ALA B 194 -38.18 1.32 -6.42
C ALA B 194 -38.48 0.46 -7.65
N ASP B 195 -39.47 0.87 -8.42
CA ASP B 195 -39.79 0.14 -9.63
C ASP B 195 -38.64 0.33 -10.62
N ARG B 196 -38.58 -0.52 -11.64
CA ARG B 196 -37.56 -0.44 -12.69
C ARG B 196 -38.23 -0.14 -14.02
N THR B 197 -37.68 0.84 -14.77
CA THR B 197 -38.28 1.21 -16.05
C THR B 197 -38.07 0.12 -17.08
N ASN B 198 -38.94 0.10 -18.10
CA ASN B 198 -38.83 -0.92 -19.14
C ASN B 198 -37.48 -0.88 -19.81
N LEU B 199 -36.85 0.30 -19.86
CA LEU B 199 -35.50 0.34 -20.40
C LEU B 199 -34.55 -0.50 -19.57
N GLN B 200 -34.70 -0.46 -18.24
CA GLN B 200 -33.80 -1.22 -17.38
C GLN B 200 -33.98 -2.72 -17.56
N GLU B 201 -35.22 -3.19 -17.68
CA GLU B 201 -35.42 -4.62 -17.80
C GLU B 201 -34.95 -5.18 -19.15
N ALA B 202 -34.83 -4.33 -20.17
CA ALA B 202 -34.39 -4.83 -21.47
C ALA B 202 -32.90 -5.07 -21.53
N GLN B 203 -32.13 -4.60 -20.55
CA GLN B 203 -30.70 -4.81 -20.58
C GLN B 203 -30.40 -6.29 -20.38
N PRO B 204 -29.32 -6.80 -20.97
CA PRO B 204 -29.06 -8.24 -20.85
C PRO B 204 -28.74 -8.64 -19.43
N LEU B 205 -28.15 -7.75 -18.65
CA LEU B 205 -27.79 -8.03 -17.27
C LEU B 205 -28.78 -7.35 -16.35
N GLY B 206 -29.36 -8.11 -15.45
CA GLY B 206 -30.37 -7.55 -14.59
C GLY B 206 -31.75 -8.00 -14.98
N ASN B 207 -32.38 -8.77 -14.10
CA ASN B 207 -33.76 -9.15 -14.30
C ASN B 207 -34.52 -8.94 -13.00
N GLY B 208 -35.62 -8.21 -13.09
CA GLY B 208 -36.48 -7.89 -11.96
C GLY B 208 -37.39 -6.73 -12.29
N LYS B 209 -38.47 -6.62 -11.53
CA LYS B 209 -39.35 -5.47 -11.70
C LYS B 209 -39.21 -4.46 -10.57
N LYS B 210 -38.47 -4.77 -9.54
CA LYS B 210 -38.33 -3.84 -8.43
C LYS B 210 -36.87 -3.89 -7.97
N ALA B 211 -36.31 -2.72 -7.72
CA ALA B 211 -34.92 -2.59 -7.31
C ALA B 211 -34.85 -2.43 -5.79
N GLU B 212 -33.76 -2.94 -5.20
CA GLU B 212 -33.63 -3.02 -3.75
C GLU B 212 -32.22 -2.62 -3.32
N GLN B 213 -32.12 -1.87 -2.23
CA GLN B 213 -30.83 -1.44 -1.68
C GLN B 213 -30.96 -1.27 -0.17
N TRP B 214 -30.06 -1.90 0.59
CA TRP B 214 -30.02 -1.67 2.02
C TRP B 214 -28.58 -1.78 2.52
N ALA B 215 -28.33 -1.20 3.69
CA ALA B 215 -27.01 -1.23 4.28
C ALA B 215 -27.11 -0.80 5.73
N THR B 216 -26.18 -1.26 6.54
CA THR B 216 -26.10 -0.93 7.95
C THR B 216 -24.69 -0.42 8.24
N GLY B 217 -24.56 0.36 9.29
CA GLY B 217 -23.28 0.96 9.60
C GLY B 217 -23.02 1.02 11.08
N LEU B 218 -21.75 0.85 11.42
CA LEU B 218 -21.25 1.03 12.77
C LEU B 218 -20.01 1.90 12.69
N LYS B 219 -19.84 2.77 13.68
CA LYS B 219 -18.72 3.68 13.62
C LYS B 219 -18.35 4.15 15.01
N TYR B 220 -17.07 4.45 15.19
CA TYR B 220 -16.55 5.18 16.33
C TYR B 220 -15.81 6.39 15.80
N ASP B 221 -16.13 7.57 16.35
CA ASP B 221 -15.63 8.85 15.85
C ASP B 221 -15.44 9.80 17.03
N ALA B 222 -14.37 9.58 17.79
CA ALA B 222 -14.07 10.42 18.95
C ALA B 222 -12.58 10.26 19.26
N ASN B 223 -12.14 10.98 20.29
CA ASN B 223 -10.71 11.14 20.53
C ASN B 223 -10.12 11.46 19.16
N ASN B 224 -8.99 10.90 18.75
CA ASN B 224 -8.56 11.17 17.38
C ASN B 224 -8.79 9.97 16.48
N ILE B 225 -9.65 9.05 16.88
CA ILE B 225 -9.85 7.79 16.17
C ILE B 225 -11.13 7.87 15.36
N TYR B 226 -11.11 7.26 14.18
CA TYR B 226 -12.31 7.05 13.39
C TYR B 226 -12.21 5.64 12.85
N LEU B 227 -13.14 4.79 13.23
CA LEU B 227 -13.24 3.44 12.70
C LEU B 227 -14.66 3.28 12.17
N ALA B 228 -14.80 2.55 11.07
CA ALA B 228 -16.13 2.46 10.47
C ALA B 228 -16.25 1.20 9.65
N ALA B 229 -17.45 0.65 9.64
CA ALA B 229 -17.77 -0.52 8.84
C ALA B 229 -19.15 -0.39 8.25
N ASN B 230 -19.32 -0.84 7.01
CA ASN B 230 -20.62 -0.82 6.39
C ASN B 230 -20.86 -2.18 5.74
N TYR B 231 -22.04 -2.73 5.96
CA TYR B 231 -22.46 -3.91 5.23
C TYR B 231 -23.78 -3.60 4.57
N GLY B 232 -23.91 -4.00 3.32
CA GLY B 232 -25.15 -3.80 2.61
C GLY B 232 -25.29 -4.83 1.51
N GLU B 233 -26.53 -4.97 1.06
CA GLU B 233 -26.87 -5.88 -0.01
C GLU B 233 -27.73 -5.13 -1.00
N THR B 234 -27.72 -5.55 -2.26
CA THR B 234 -28.55 -4.94 -3.29
C THR B 234 -29.17 -6.02 -4.15
N ARG B 235 -30.28 -5.69 -4.78
CA ARG B 235 -30.94 -6.57 -5.74
C ARG B 235 -31.38 -5.73 -6.93
N ASN B 236 -30.90 -6.11 -8.12
CA ASN B 236 -31.29 -5.50 -9.38
C ASN B 236 -30.92 -4.01 -9.44
N ALA B 237 -30.01 -3.54 -8.59
CA ALA B 237 -29.82 -2.11 -8.38
C ALA B 237 -28.43 -1.54 -8.66
N THR B 238 -27.36 -2.34 -8.61
CA THR B 238 -25.98 -1.95 -8.87
C THR B 238 -25.65 -2.10 -10.35
N PRO B 239 -24.97 -1.13 -10.97
CA PRO B 239 -24.69 -1.22 -12.41
C PRO B 239 -23.40 -1.98 -12.70
N ILE B 240 -23.42 -2.77 -13.75
CA ILE B 240 -22.28 -3.61 -14.11
C ILE B 240 -22.10 -3.55 -15.62
N THR B 241 -20.87 -3.87 -16.04
CA THR B 241 -20.57 -3.90 -17.46
C THR B 241 -19.63 -5.06 -17.74
N ASN B 242 -20.05 -5.93 -18.65
CA ASN B 242 -19.25 -7.04 -19.12
C ASN B 242 -18.44 -6.53 -20.30
N LYS B 243 -17.23 -6.05 -20.02
CA LYS B 243 -16.41 -5.45 -21.08
C LYS B 243 -16.03 -6.45 -22.16
N PHE B 244 -16.31 -7.75 -21.99
CA PHE B 244 -15.96 -8.70 -23.03
C PHE B 244 -17.02 -8.77 -24.12
N THR B 245 -18.29 -8.70 -23.71
CA THR B 245 -19.41 -8.73 -24.63
C THR B 245 -19.94 -7.34 -24.98
N ASN B 246 -19.30 -6.29 -24.49
CA ASN B 246 -19.77 -4.91 -24.61
C ASN B 246 -21.23 -4.79 -24.20
N THR B 247 -21.57 -5.42 -23.10
CA THR B 247 -22.94 -5.44 -22.64
C THR B 247 -23.04 -4.72 -21.31
N SER B 248 -24.14 -4.01 -21.11
CA SER B 248 -24.39 -3.27 -19.89
C SER B 248 -25.60 -3.85 -19.17
N GLY B 249 -25.78 -3.41 -17.94
CA GLY B 249 -26.95 -3.85 -17.21
C GLY B 249 -26.79 -3.58 -15.73
N PHE B 250 -27.41 -4.45 -14.95
CA PHE B 250 -27.38 -4.35 -13.50
C PHE B 250 -27.16 -5.72 -12.88
N ALA B 251 -26.54 -5.74 -11.71
CA ALA B 251 -26.26 -6.99 -11.03
C ALA B 251 -27.50 -7.44 -10.26
N ASN B 252 -27.98 -8.64 -10.58
CA ASN B 252 -29.17 -9.19 -9.92
C ASN B 252 -29.04 -9.17 -8.40
N LYS B 253 -27.84 -9.44 -7.90
CA LYS B 253 -27.56 -9.46 -6.46
C LYS B 253 -26.15 -8.95 -6.26
N THR B 254 -25.96 -8.18 -5.20
CA THR B 254 -24.61 -7.81 -4.76
C THR B 254 -24.53 -7.87 -3.24
N GLN B 255 -23.31 -8.12 -2.77
CA GLN B 255 -22.98 -8.17 -1.35
C GLN B 255 -21.77 -7.30 -1.12
N ASP B 256 -21.92 -6.25 -0.32
CA ASP B 256 -20.89 -5.23 -0.19
C ASP B 256 -20.43 -5.11 1.26
N VAL B 257 -19.12 -5.15 1.45
CA VAL B 257 -18.51 -4.93 2.76
C VAL B 257 -17.63 -3.70 2.65
N LEU B 258 -17.69 -2.84 3.65
CA LEU B 258 -16.84 -1.66 3.65
C LEU B 258 -16.23 -1.47 5.03
N LEU B 259 -14.90 -1.33 5.07
CA LEU B 259 -14.15 -1.10 6.29
C LEU B 259 -13.16 0.04 6.09
N VAL B 260 -13.07 0.92 7.08
CA VAL B 260 -12.22 2.10 7.03
C VAL B 260 -11.73 2.40 8.43
N ALA B 261 -10.42 2.51 8.61
CA ALA B 261 -9.86 2.89 9.90
C ALA B 261 -8.80 3.95 9.67
N GLN B 262 -8.88 5.04 10.43
CA GLN B 262 -7.90 6.10 10.32
C GLN B 262 -7.73 6.81 11.66
N TYR B 263 -6.59 7.51 11.79
CA TYR B 263 -6.25 8.27 12.99
C TYR B 263 -5.70 9.63 12.56
N GLN B 264 -5.92 10.64 13.40
CA GLN B 264 -5.62 12.04 13.10
C GLN B 264 -4.66 12.63 14.12
N PHE B 265 -3.43 12.89 13.72
CA PHE B 265 -2.47 13.45 14.66
C PHE B 265 -2.80 14.90 14.95
N ASP B 266 -2.29 15.39 16.09
CA ASP B 266 -2.51 16.77 16.50
C ASP B 266 -1.99 17.77 15.46
N PHE B 267 -0.91 17.42 14.76
CA PHE B 267 -0.23 18.29 13.82
C PHE B 267 -0.71 18.15 12.38
N GLY B 268 -1.79 17.44 12.10
CA GLY B 268 -2.39 17.48 10.78
C GLY B 268 -2.23 16.26 9.89
N LEU B 269 -1.40 15.28 10.24
CA LEU B 269 -1.34 14.08 9.42
C LEU B 269 -2.51 13.17 9.75
N ARG B 270 -3.17 12.66 8.71
CA ARG B 270 -4.30 11.74 8.86
C ARG B 270 -4.06 10.51 7.99
N PRO B 271 -3.43 9.48 8.54
CA PRO B 271 -3.25 8.24 7.79
C PRO B 271 -4.57 7.53 7.62
N SER B 272 -4.65 6.70 6.59
CA SER B 272 -5.87 5.95 6.31
C SER B 272 -5.52 4.58 5.78
N ILE B 273 -6.14 3.57 6.36
CA ILE B 273 -6.07 2.21 5.84
C ILE B 273 -7.52 1.73 5.73
N ALA B 274 -7.81 0.99 4.68
CA ALA B 274 -9.20 0.62 4.43
C ALA B 274 -9.25 -0.62 3.54
N TYR B 275 -10.36 -1.36 3.65
CA TYR B 275 -10.64 -2.53 2.82
C TYR B 275 -12.05 -2.39 2.29
N THR B 276 -12.27 -2.83 1.05
CA THR B 276 -13.56 -2.60 0.42
C THR B 276 -13.80 -3.67 -0.63
N LYS B 277 -14.84 -4.46 -0.44
CA LYS B 277 -15.15 -5.56 -1.34
C LYS B 277 -16.64 -5.64 -1.62
N SER B 278 -17.01 -5.72 -2.89
CA SER B 278 -18.39 -5.88 -3.31
C SER B 278 -18.46 -7.02 -4.32
N LYS B 279 -19.12 -8.13 -3.93
CA LYS B 279 -19.21 -9.32 -4.76
C LYS B 279 -20.62 -9.42 -5.34
N ALA B 280 -20.69 -9.78 -6.62
CA ALA B 280 -21.95 -9.88 -7.34
C ALA B 280 -22.27 -11.34 -7.65
N LYS B 281 -23.55 -11.67 -7.61
CA LYS B 281 -24.01 -13.03 -7.87
C LYS B 281 -25.09 -13.05 -8.94
N ASP B 282 -25.23 -14.19 -9.59
CA ASP B 282 -26.30 -14.48 -10.54
C ASP B 282 -26.27 -13.55 -11.76
N VAL B 283 -25.10 -13.03 -12.10
CA VAL B 283 -24.96 -12.21 -13.30
C VAL B 283 -25.11 -13.09 -14.53
N GLU B 284 -26.05 -12.74 -15.40
CA GLU B 284 -26.37 -13.57 -16.55
C GLU B 284 -25.13 -13.86 -17.40
N GLY B 285 -24.93 -15.15 -17.68
CA GLY B 285 -23.80 -15.64 -18.45
C GLY B 285 -22.52 -15.86 -17.67
N ILE B 286 -22.40 -15.27 -16.48
CA ILE B 286 -21.16 -15.30 -15.72
C ILE B 286 -21.34 -16.00 -14.39
N GLY B 287 -22.41 -15.73 -13.68
CA GLY B 287 -22.61 -16.26 -12.34
C GLY B 287 -22.11 -15.31 -11.26
N ASP B 288 -21.13 -15.75 -10.49
CA ASP B 288 -20.50 -14.91 -9.48
C ASP B 288 -19.30 -14.23 -10.09
N VAL B 289 -19.04 -13.01 -9.61
CA VAL B 289 -17.89 -12.23 -10.06
C VAL B 289 -17.73 -11.05 -9.12
N ASP B 290 -16.49 -10.79 -8.69
CA ASP B 290 -16.25 -9.64 -7.85
C ASP B 290 -16.22 -8.38 -8.72
N LEU B 291 -16.74 -7.30 -8.17
CA LEU B 291 -16.77 -6.00 -8.83
C LEU B 291 -15.77 -5.03 -8.22
N VAL B 292 -15.61 -5.06 -6.90
CA VAL B 292 -14.68 -4.20 -6.17
C VAL B 292 -14.06 -5.03 -5.06
N ASN B 293 -12.72 -5.05 -5.01
CA ASN B 293 -11.98 -5.87 -4.06
C ASN B 293 -10.62 -5.22 -3.88
N TYR B 294 -10.44 -4.47 -2.80
CA TYR B 294 -9.18 -3.75 -2.69
C TYR B 294 -8.86 -3.40 -1.25
N PHE B 295 -7.58 -3.17 -1.01
CA PHE B 295 -7.04 -2.60 0.21
C PHE B 295 -6.55 -1.20 -0.12
N GLU B 296 -6.72 -0.27 0.81
CA GLU B 296 -6.32 1.13 0.60
C GLU B 296 -5.34 1.51 1.69
N VAL B 297 -4.26 2.15 1.29
CA VAL B 297 -3.33 2.79 2.23
C VAL B 297 -3.07 4.18 1.71
N GLY B 298 -3.07 5.16 2.62
CA GLY B 298 -2.83 6.52 2.21
C GLY B 298 -2.92 7.45 3.41
N ALA B 299 -2.67 8.73 3.14
CA ALA B 299 -2.72 9.72 4.19
C ALA B 299 -2.93 11.10 3.59
N THR B 300 -3.49 12.00 4.41
CA THR B 300 -3.69 13.40 4.08
C THR B 300 -2.90 14.23 5.07
N TYR B 301 -2.33 15.33 4.61
CA TYR B 301 -1.81 16.35 5.52
C TYR B 301 -2.72 17.55 5.41
N TYR B 302 -3.24 18.01 6.55
CA TYR B 302 -4.14 19.18 6.61
C TYR B 302 -3.33 20.36 7.15
N PHE B 303 -2.94 21.29 6.25
CA PHE B 303 -2.24 22.51 6.67
C PHE B 303 -3.13 23.40 7.53
N ASN B 304 -4.37 23.60 7.11
CA ASN B 304 -5.40 24.23 7.93
C ASN B 304 -6.73 23.93 7.26
N LYS B 305 -7.79 24.62 7.69
CA LYS B 305 -9.11 24.29 7.16
C LYS B 305 -9.19 24.53 5.67
N ASN B 306 -8.27 25.31 5.09
CA ASN B 306 -8.33 25.70 3.69
C ASN B 306 -7.36 24.97 2.79
N MET B 307 -6.22 24.50 3.32
CA MET B 307 -5.17 23.93 2.48
C MET B 307 -4.77 22.56 2.99
N SER B 308 -4.61 21.62 2.06
CA SER B 308 -4.34 20.23 2.37
C SER B 308 -3.75 19.54 1.15
N THR B 309 -2.91 18.55 1.39
CA THR B 309 -2.42 17.68 0.33
C THR B 309 -2.60 16.23 0.76
N TYR B 310 -2.62 15.31 -0.20
CA TYR B 310 -2.87 13.94 0.23
C TYR B 310 -2.32 12.93 -0.77
N VAL B 311 -2.13 11.71 -0.28
CA VAL B 311 -1.73 10.56 -1.08
C VAL B 311 -2.66 9.41 -0.78
N ASP B 312 -3.04 8.67 -1.81
CA ASP B 312 -4.02 7.60 -1.67
C ASP B 312 -3.61 6.44 -2.55
N TYR B 313 -3.23 5.32 -1.94
CA TYR B 313 -2.87 4.15 -2.72
C TYR B 313 -3.93 3.08 -2.55
N ILE B 314 -4.43 2.58 -3.68
CA ILE B 314 -5.42 1.52 -3.74
C ILE B 314 -4.68 0.28 -4.22
N ILE B 315 -4.40 -0.64 -3.29
CA ILE B 315 -3.86 -1.94 -3.64
C ILE B 315 -5.01 -2.82 -4.10
N ASN B 316 -5.08 -3.08 -5.39
CA ASN B 316 -6.25 -3.69 -6.01
C ASN B 316 -6.09 -5.20 -6.07
N GLN B 317 -7.07 -5.93 -5.54
CA GLN B 317 -7.00 -7.39 -5.44
C GLN B 317 -7.77 -8.12 -6.54
N ILE B 318 -8.38 -7.40 -7.46
CA ILE B 318 -9.01 -7.99 -8.63
C ILE B 318 -7.99 -8.81 -9.42
N ASP B 319 -8.46 -9.84 -10.10
CA ASP B 319 -7.65 -10.74 -10.91
C ASP B 319 -7.74 -10.39 -12.40
N SER B 320 -6.74 -10.85 -13.15
CA SER B 320 -6.73 -10.58 -14.59
C SER B 320 -7.84 -11.34 -15.32
N ASP B 321 -8.10 -12.60 -14.93
CA ASP B 321 -9.11 -13.40 -15.62
C ASP B 321 -10.53 -13.01 -15.24
N ASN B 322 -10.71 -11.96 -14.42
CA ASN B 322 -12.02 -11.56 -13.92
C ASN B 322 -13.05 -11.63 -15.03
N LYS B 323 -14.18 -12.25 -14.72
CA LYS B 323 -15.13 -12.69 -15.73
C LYS B 323 -15.83 -11.53 -16.43
N LEU B 324 -15.90 -10.36 -15.79
CA LEU B 324 -16.50 -9.16 -16.35
C LEU B 324 -15.49 -8.20 -16.98
N GLY B 325 -14.20 -8.52 -16.90
CA GLY B 325 -13.17 -7.61 -17.40
C GLY B 325 -12.82 -6.47 -16.48
N VAL B 326 -13.19 -6.54 -15.20
CA VAL B 326 -12.85 -5.49 -14.25
C VAL B 326 -11.34 -5.33 -14.16
N GLY B 327 -10.88 -4.08 -14.12
CA GLY B 327 -9.45 -3.82 -14.14
C GLY B 327 -8.75 -4.36 -12.90
N SER B 328 -7.52 -4.86 -13.10
CA SER B 328 -6.78 -5.54 -12.04
C SER B 328 -5.56 -4.81 -11.50
N ASP B 329 -5.03 -3.79 -12.18
CA ASP B 329 -3.82 -3.09 -11.72
C ASP B 329 -4.13 -2.07 -10.64
N ASP B 330 -3.13 -1.80 -9.81
CA ASP B 330 -3.30 -0.83 -8.74
C ASP B 330 -3.38 0.58 -9.31
N THR B 331 -3.64 1.53 -8.42
CA THR B 331 -3.78 2.93 -8.81
C THR B 331 -3.51 3.79 -7.58
N VAL B 332 -2.83 4.91 -7.78
CA VAL B 332 -2.45 5.82 -6.71
C VAL B 332 -2.76 7.25 -7.10
N ALA B 333 -3.20 8.05 -6.14
CA ALA B 333 -3.53 9.42 -6.40
C ALA B 333 -2.76 10.33 -5.47
N VAL B 334 -2.29 11.45 -6.02
CA VAL B 334 -1.69 12.54 -5.28
C VAL B 334 -2.55 13.76 -5.50
N GLY B 335 -2.71 14.56 -4.46
CA GLY B 335 -3.61 15.68 -4.53
C GLY B 335 -3.14 16.87 -3.73
N ILE B 336 -3.41 18.05 -4.26
CA ILE B 336 -3.15 19.30 -3.57
C ILE B 336 -4.43 20.11 -3.63
N VAL B 337 -4.89 20.57 -2.47
CA VAL B 337 -6.29 21.00 -2.32
C VAL B 337 -6.35 22.33 -1.59
N TYR B 338 -6.82 23.36 -2.29
CA TYR B 338 -7.32 24.59 -1.68
C TYR B 338 -8.84 24.55 -1.69
N GLN B 339 -9.43 24.98 -0.58
CA GLN B 339 -10.87 25.07 -0.45
C GLN B 339 -11.21 26.28 0.42
N PHE B 340 -12.40 26.83 0.21
CA PHE B 340 -12.85 27.99 0.97
C PHE B 340 -14.27 27.84 1.45
N ALA C 1 15.59 -28.66 28.72
CA ALA C 1 15.98 -28.14 30.02
C ALA C 1 15.81 -26.64 30.03
N GLU C 2 15.29 -26.08 31.12
CA GLU C 2 15.09 -24.63 31.18
C GLU C 2 16.46 -24.00 31.41
N ILE C 3 17.03 -23.43 30.34
CA ILE C 3 18.38 -22.89 30.40
C ILE C 3 18.41 -21.38 30.54
N TYR C 4 17.27 -20.71 30.46
CA TYR C 4 17.21 -19.25 30.52
C TYR C 4 15.86 -18.81 31.05
N ASN C 5 15.87 -17.84 31.98
CA ASN C 5 14.64 -17.29 32.52
C ASN C 5 14.86 -15.99 33.28
N LYS C 6 14.97 -14.87 32.55
CA LYS C 6 15.05 -13.53 33.12
C LYS C 6 14.13 -12.60 32.36
N ASP C 7 13.69 -11.54 33.03
CA ASP C 7 13.01 -10.43 32.37
C ASP C 7 11.82 -10.91 31.54
N GLY C 8 11.03 -11.79 32.16
CA GLY C 8 9.82 -12.27 31.54
C GLY C 8 9.98 -13.36 30.51
N ASN C 9 11.13 -13.47 29.86
CA ASN C 9 11.30 -14.50 28.87
C ASN C 9 11.91 -15.75 29.52
N LYS C 10 11.49 -16.92 29.06
CA LYS C 10 12.04 -18.19 29.53
C LYS C 10 12.19 -19.14 28.35
N VAL C 11 13.39 -19.70 28.20
CA VAL C 11 13.70 -20.58 27.07
C VAL C 11 14.09 -21.96 27.58
N ASP C 12 13.58 -22.97 26.93
CA ASP C 12 13.80 -24.36 27.31
C ASP C 12 14.45 -25.06 26.13
N LEU C 13 15.76 -25.29 26.22
CA LEU C 13 16.44 -26.06 25.19
C LEU C 13 16.34 -27.53 25.55
N TYR C 14 15.89 -28.32 24.59
CA TYR C 14 15.59 -29.71 24.89
C TYR C 14 16.03 -30.59 23.74
N GLY C 15 16.11 -31.87 24.03
CA GLY C 15 16.45 -32.83 23.01
C GLY C 15 16.73 -34.18 23.62
N LYS C 16 16.90 -35.16 22.73
CA LYS C 16 17.15 -36.52 23.18
C LYS C 16 18.07 -37.22 22.19
N ALA C 17 18.72 -38.27 22.68
CA ALA C 17 19.47 -39.20 21.85
C ALA C 17 18.90 -40.59 22.05
N VAL C 18 18.52 -41.24 20.96
CA VAL C 18 17.77 -42.48 21.02
C VAL C 18 18.59 -43.52 20.29
N GLY C 19 19.27 -44.39 21.05
CA GLY C 19 19.95 -45.53 20.46
C GLY C 19 18.94 -46.61 20.23
N LEU C 20 18.72 -47.02 18.99
CA LEU C 20 17.55 -47.85 18.72
C LEU C 20 17.80 -48.80 17.56
N HIS C 21 17.39 -50.06 17.74
CA HIS C 21 17.56 -51.11 16.74
C HIS C 21 16.22 -51.83 16.56
N TYR C 22 15.92 -52.17 15.31
CA TYR C 22 14.73 -52.91 14.93
C TYR C 22 15.15 -54.30 14.47
N PHE C 23 14.44 -55.34 14.95
CA PHE C 23 14.71 -56.72 14.60
C PHE C 23 13.52 -57.32 13.85
N SER C 24 13.78 -57.88 12.68
CA SER C 24 12.77 -58.50 11.82
C SER C 24 13.46 -59.59 11.00
N LYS C 25 12.69 -60.58 10.56
CA LYS C 25 13.29 -61.64 9.78
C LYS C 25 13.84 -61.10 8.46
N GLY C 26 14.97 -61.66 8.04
CA GLY C 26 15.53 -61.33 6.75
C GLY C 26 16.02 -59.88 6.68
N ASN C 27 15.82 -59.29 5.50
CA ASN C 27 16.21 -57.91 5.29
C ASN C 27 15.33 -56.94 6.06
N GLY C 28 14.09 -57.33 6.35
CA GLY C 28 13.12 -56.44 6.95
C GLY C 28 12.17 -55.78 5.98
N GLU C 29 12.26 -56.11 4.69
CA GLU C 29 11.44 -55.43 3.69
C GLU C 29 9.97 -55.80 3.80
N ASN C 30 9.65 -57.09 3.80
CA ASN C 30 8.26 -57.52 3.91
C ASN C 30 7.81 -57.68 5.35
N SER C 31 8.26 -56.77 6.21
CA SER C 31 7.97 -56.71 7.64
C SER C 31 7.25 -55.40 7.96
N TYR C 32 6.90 -55.24 9.24
CA TYR C 32 6.18 -54.04 9.68
C TYR C 32 7.08 -52.82 9.71
N GLY C 33 8.22 -52.93 10.40
CA GLY C 33 9.09 -51.81 10.68
C GLY C 33 10.55 -51.92 10.24
N GLY C 34 10.91 -52.99 9.54
CA GLY C 34 12.27 -53.14 9.05
C GLY C 34 13.28 -53.61 10.09
N ASN C 35 14.51 -53.83 9.61
CA ASN C 35 15.61 -54.40 10.40
C ASN C 35 16.86 -53.57 10.24
N GLY C 36 17.38 -53.07 11.35
CA GLY C 36 18.68 -52.45 11.35
C GLY C 36 18.82 -51.45 12.48
N ASP C 37 19.74 -50.51 12.26
CA ASP C 37 19.95 -49.41 13.19
C ASP C 37 18.97 -48.28 12.86
N MET C 38 18.30 -47.78 13.89
CA MET C 38 17.33 -46.70 13.71
C MET C 38 17.61 -45.56 14.69
N THR C 39 18.87 -45.38 15.09
CA THR C 39 19.23 -44.39 16.09
C THR C 39 18.87 -42.98 15.60
N TYR C 40 18.41 -42.13 16.51
CA TYR C 40 18.04 -40.79 16.10
C TYR C 40 18.29 -39.83 17.25
N ALA C 41 18.14 -38.55 16.95
CA ALA C 41 18.24 -37.51 17.96
C ALA C 41 17.21 -36.43 17.68
N ARG C 42 16.80 -35.75 18.72
CA ARG C 42 15.93 -34.61 18.57
C ARG C 42 16.57 -33.45 19.28
N LEU C 43 16.46 -32.26 18.68
CA LEU C 43 16.87 -31.03 19.32
C LEU C 43 15.78 -30.01 19.07
N GLY C 44 15.53 -29.16 20.08
CA GLY C 44 14.48 -28.16 19.97
C GLY C 44 14.49 -27.20 21.13
N PHE C 45 13.72 -26.12 20.96
CA PHE C 45 13.54 -25.07 21.97
C PHE C 45 12.08 -24.64 22.01
N LYS C 46 11.64 -24.22 23.20
CA LYS C 46 10.33 -23.63 23.44
C LYS C 46 10.50 -22.33 24.21
N GLY C 47 10.01 -21.22 23.66
CA GLY C 47 10.12 -19.93 24.31
C GLY C 47 8.78 -19.36 24.69
N GLU C 48 8.76 -18.60 25.79
CA GLU C 48 7.53 -18.04 26.36
C GLU C 48 7.87 -16.74 27.07
N THR C 49 7.28 -15.65 26.62
CA THR C 49 7.52 -14.33 27.18
C THR C 49 6.24 -13.76 27.75
N GLN C 50 6.35 -13.10 28.90
CA GLN C 50 5.21 -12.47 29.55
C GLN C 50 5.06 -11.05 29.05
N ILE C 51 4.23 -10.87 28.03
CA ILE C 51 3.99 -9.53 27.51
C ILE C 51 3.34 -8.66 28.57
N ASN C 52 2.30 -9.15 29.20
CA ASN C 52 1.77 -8.52 30.41
C ASN C 52 1.12 -9.62 31.23
N SER C 53 0.35 -9.22 32.24
CA SER C 53 -0.18 -10.21 33.17
C SER C 53 -1.13 -11.18 32.49
N ASP C 54 -1.74 -10.78 31.38
CA ASP C 54 -2.76 -11.58 30.72
C ASP C 54 -2.32 -12.14 29.38
N LEU C 55 -1.32 -11.54 28.75
CA LEU C 55 -0.89 -11.89 27.40
C LEU C 55 0.42 -12.67 27.51
N THR C 56 0.65 -13.53 26.54
CA THR C 56 1.82 -14.38 26.57
C THR C 56 2.22 -14.70 25.14
N GLY C 57 3.52 -14.56 24.83
CA GLY C 57 4.03 -14.89 23.52
C GLY C 57 4.77 -16.21 23.56
N TYR C 58 4.77 -16.92 22.45
CA TYR C 58 5.41 -18.21 22.48
C TYR C 58 5.80 -18.63 21.06
N GLY C 59 6.90 -19.37 20.98
CA GLY C 59 7.32 -19.99 19.74
C GLY C 59 8.20 -21.18 20.07
N GLN C 60 8.32 -22.10 19.11
CA GLN C 60 9.11 -23.31 19.36
C GLN C 60 9.43 -24.01 18.05
N TRP C 61 10.61 -24.65 18.02
CA TRP C 61 11.13 -25.35 16.85
C TRP C 61 11.74 -26.67 17.31
N GLU C 62 11.65 -27.68 16.45
CA GLU C 62 12.03 -29.05 16.79
C GLU C 62 12.52 -29.76 15.54
N TYR C 63 13.67 -30.45 15.67
CA TYR C 63 14.38 -31.05 14.54
C TYR C 63 14.71 -32.50 14.82
N ASN C 64 14.69 -33.31 13.75
CA ASN C 64 15.11 -34.71 13.77
C ASN C 64 16.45 -34.86 13.03
N PHE C 65 17.49 -35.20 13.77
CA PHE C 65 18.77 -35.60 13.18
C PHE C 65 18.83 -37.13 13.24
N GLN C 66 18.77 -37.81 12.10
CA GLN C 66 18.92 -39.25 12.14
C GLN C 66 20.38 -39.60 12.39
N GLY C 67 20.61 -40.60 13.23
CA GLY C 67 21.94 -41.10 13.49
C GLY C 67 22.26 -42.43 12.87
N ASN C 68 21.44 -42.96 11.98
CA ASN C 68 21.68 -44.24 11.34
C ASN C 68 22.21 -44.09 9.92
N ASN C 69 22.57 -42.87 9.53
CA ASN C 69 23.18 -42.57 8.24
C ASN C 69 24.67 -42.34 8.42
N SER C 70 25.41 -42.53 7.32
CA SER C 70 26.86 -42.32 7.35
C SER C 70 27.17 -40.83 7.36
N GLU C 71 28.42 -40.49 7.07
CA GLU C 71 28.83 -39.10 6.86
C GLU C 71 29.11 -38.81 5.40
N GLY C 72 28.76 -39.72 4.50
CA GLY C 72 28.97 -39.58 3.07
C GLY C 72 27.76 -39.03 2.32
N ALA C 73 27.50 -39.59 1.16
CA ALA C 73 26.45 -39.11 0.26
C ALA C 73 25.05 -39.24 0.84
N ASP C 74 24.86 -39.99 1.93
CA ASP C 74 23.53 -40.28 2.47
C ASP C 74 23.25 -39.57 3.80
N ALA C 75 24.14 -38.68 4.24
CA ALA C 75 24.13 -38.27 5.64
C ALA C 75 22.86 -37.56 6.07
N GLN C 76 22.05 -37.10 5.13
CA GLN C 76 20.91 -36.25 5.46
C GLN C 76 19.58 -36.96 5.33
N THR C 77 19.57 -38.23 4.92
CA THR C 77 18.32 -38.96 4.79
C THR C 77 17.54 -38.88 6.08
N GLY C 78 16.27 -38.50 5.99
CA GLY C 78 15.50 -38.48 7.20
C GLY C 78 15.78 -37.36 8.16
N ASN C 79 16.61 -36.40 7.79
CA ASN C 79 16.69 -35.16 8.56
C ASN C 79 15.55 -34.22 8.16
N LYS C 80 14.94 -33.60 9.17
CA LYS C 80 13.71 -32.86 8.92
C LYS C 80 13.35 -32.02 10.14
N THR C 81 12.79 -30.84 9.88
CA THR C 81 12.12 -30.05 10.91
C THR C 81 10.70 -30.55 11.08
N ARG C 82 10.32 -30.81 12.34
CA ARG C 82 9.02 -31.32 12.73
C ARG C 82 8.04 -30.21 13.08
N LEU C 83 8.49 -29.31 13.95
CA LEU C 83 7.69 -28.21 14.44
C LEU C 83 8.43 -26.90 14.21
N ALA C 84 7.68 -25.84 13.97
CA ALA C 84 8.23 -24.50 13.76
C ALA C 84 7.10 -23.51 13.77
N PHE C 85 6.86 -22.86 14.90
CA PHE C 85 5.70 -22.00 14.95
C PHE C 85 5.86 -21.01 16.08
N ALA C 86 5.05 -19.95 16.01
CA ALA C 86 4.95 -18.96 17.07
C ALA C 86 3.53 -18.47 17.12
N GLY C 87 3.15 -17.90 18.27
CA GLY C 87 1.78 -17.47 18.49
C GLY C 87 1.65 -16.66 19.77
N LEU C 88 0.40 -16.34 20.11
CA LEU C 88 0.10 -15.66 21.36
C LEU C 88 -1.03 -16.36 22.09
N LYS C 89 -1.06 -16.15 23.40
CA LYS C 89 -2.04 -16.78 24.29
C LYS C 89 -2.53 -15.71 25.27
N TYR C 90 -3.80 -15.31 25.15
CA TYR C 90 -4.35 -14.24 25.97
C TYR C 90 -5.31 -14.84 26.99
N ALA C 91 -4.91 -14.83 28.27
CA ALA C 91 -5.76 -15.09 29.42
C ALA C 91 -6.89 -16.09 29.15
N ASP C 92 -8.12 -15.61 29.27
CA ASP C 92 -9.29 -16.45 29.08
C ASP C 92 -9.83 -16.39 27.66
N VAL C 93 -9.08 -15.87 26.71
CA VAL C 93 -9.58 -15.80 25.34
C VAL C 93 -9.06 -16.97 24.53
N GLY C 94 -7.84 -17.40 24.83
CA GLY C 94 -7.28 -18.54 24.14
C GLY C 94 -5.96 -18.23 23.46
N SER C 95 -5.57 -19.08 22.53
CA SER C 95 -4.26 -19.02 21.91
C SER C 95 -4.43 -19.04 20.40
N PHE C 96 -3.55 -18.31 19.73
CA PHE C 96 -3.42 -18.41 18.29
C PHE C 96 -1.95 -18.61 17.98
N ASP C 97 -1.67 -19.60 17.15
CA ASP C 97 -0.31 -19.89 16.74
C ASP C 97 -0.39 -20.30 15.28
N TYR C 98 0.63 -19.93 14.53
CA TYR C 98 0.73 -20.27 13.13
C TYR C 98 2.12 -20.84 12.89
N GLY C 99 2.20 -21.78 11.98
CA GLY C 99 3.48 -22.32 11.59
C GLY C 99 3.32 -23.76 11.13
N ARG C 100 4.35 -24.55 11.38
CA ARG C 100 4.29 -25.98 11.18
C ARG C 100 3.98 -26.61 12.53
N ASN C 101 2.84 -27.30 12.61
CA ASN C 101 2.32 -27.81 13.88
C ASN C 101 1.41 -29.00 13.60
N TYR C 102 0.70 -29.44 14.64
CA TYR C 102 -0.11 -30.65 14.57
C TYR C 102 -1.52 -30.30 14.12
N GLY C 103 -2.04 -31.09 13.19
CA GLY C 103 -3.44 -30.97 12.81
C GLY C 103 -4.39 -31.25 13.96
N VAL C 104 -5.64 -30.84 13.81
CA VAL C 104 -6.55 -30.95 14.94
C VAL C 104 -7.07 -32.37 15.14
N VAL C 105 -7.17 -33.18 14.07
CA VAL C 105 -7.58 -34.56 14.30
C VAL C 105 -6.58 -35.26 15.21
N TYR C 106 -5.34 -34.77 15.28
CA TYR C 106 -4.42 -35.26 16.30
C TYR C 106 -4.86 -34.85 17.71
N ASP C 107 -5.80 -33.93 17.86
CA ASP C 107 -6.33 -33.71 19.21
C ASP C 107 -7.09 -34.93 19.73
N ALA C 108 -7.49 -35.83 18.84
CA ALA C 108 -8.06 -37.10 19.23
C ALA C 108 -7.04 -38.24 19.18
N LEU C 109 -6.44 -38.46 18.00
CA LEU C 109 -5.56 -39.60 17.78
C LEU C 109 -4.42 -39.72 18.79
N GLY C 110 -4.13 -38.65 19.54
CA GLY C 110 -3.08 -38.72 20.54
C GLY C 110 -3.43 -39.51 21.77
N TYR C 111 -4.67 -39.99 21.90
CA TYR C 111 -5.02 -40.82 23.04
C TYR C 111 -4.31 -42.16 22.98
N THR C 112 -4.12 -42.70 21.79
CA THR C 112 -3.47 -43.98 21.60
C THR C 112 -2.07 -43.82 21.01
N ASP C 113 -1.54 -42.60 21.06
CA ASP C 113 -0.15 -42.35 20.70
C ASP C 113 0.65 -42.37 22.00
N MET C 114 0.77 -43.59 22.54
CA MET C 114 1.41 -43.82 23.83
C MET C 114 2.29 -45.07 23.86
N LEU C 115 2.50 -45.74 22.73
CA LEU C 115 3.33 -46.94 22.73
C LEU C 115 4.80 -46.53 22.90
N PRO C 116 5.63 -47.41 23.45
CA PRO C 116 7.05 -47.04 23.67
C PRO C 116 7.77 -46.63 22.39
N GLU C 117 7.37 -47.18 21.25
CA GLU C 117 7.98 -46.76 20.00
C GLU C 117 6.92 -46.66 18.89
N PHE C 118 6.12 -47.70 18.71
CA PHE C 118 5.23 -47.80 17.54
C PHE C 118 3.83 -47.25 17.77
N GLY C 119 3.66 -46.08 18.37
CA GLY C 119 2.35 -45.48 18.63
C GLY C 119 1.33 -45.44 17.51
N GLY C 120 0.42 -44.46 17.58
CA GLY C 120 -0.67 -44.36 16.64
C GLY C 120 -0.29 -44.28 15.17
N ASP C 121 -0.47 -45.40 14.49
CA ASP C 121 -0.13 -45.58 13.07
C ASP C 121 -0.92 -44.66 12.13
N THR C 122 -1.92 -43.90 12.62
CA THR C 122 -2.74 -43.06 11.75
C THR C 122 -2.44 -41.56 11.84
N ALA C 123 -1.61 -41.12 12.78
CA ALA C 123 -1.26 -39.70 12.83
C ALA C 123 -0.15 -39.37 11.84
N TYR C 124 -0.37 -39.75 10.57
CA TYR C 124 0.57 -39.53 9.49
C TYR C 124 1.08 -38.10 9.48
N SER C 125 2.28 -37.93 8.96
CA SER C 125 2.87 -36.61 8.86
C SER C 125 2.54 -36.04 7.49
N ASP C 126 2.30 -34.72 7.46
CA ASP C 126 2.01 -34.01 6.21
C ASP C 126 0.77 -34.58 5.53
N ASP C 127 -0.29 -34.73 6.30
CA ASP C 127 -1.49 -35.38 5.81
C ASP C 127 -2.70 -34.65 6.40
N PHE C 128 -2.81 -33.37 6.04
CA PHE C 128 -3.94 -32.54 6.44
C PHE C 128 -3.97 -32.38 7.95
N PHE C 129 -4.92 -33.04 8.63
CA PHE C 129 -5.24 -32.73 10.02
C PHE C 129 -4.84 -33.78 11.03
N VAL C 130 -4.27 -34.92 10.60
CA VAL C 130 -4.03 -36.03 11.53
C VAL C 130 -2.69 -35.97 12.26
N GLY C 131 -1.66 -35.41 11.63
CA GLY C 131 -0.36 -35.30 12.28
C GLY C 131 0.29 -33.98 11.99
N ARG C 132 1.58 -33.84 12.30
CA ARG C 132 2.30 -32.61 11.99
C ARG C 132 2.10 -32.27 10.52
N VAL C 133 1.87 -30.99 10.24
CA VAL C 133 1.58 -30.53 8.90
C VAL C 133 2.07 -29.09 8.82
N GLY C 134 2.35 -28.63 7.60
CA GLY C 134 2.92 -27.31 7.46
C GLY C 134 1.92 -26.19 7.28
N GLY C 135 2.00 -25.19 8.15
CA GLY C 135 1.29 -23.97 7.89
C GLY C 135 -0.15 -23.93 8.36
N VAL C 136 -0.40 -24.28 9.61
CA VAL C 136 -1.76 -24.31 10.11
C VAL C 136 -1.90 -23.19 11.13
N ALA C 137 -2.92 -22.39 10.96
CA ALA C 137 -3.29 -21.43 11.98
C ALA C 137 -4.19 -22.14 12.96
N THR C 138 -3.88 -22.01 14.25
CA THR C 138 -4.55 -22.80 15.27
C THR C 138 -4.99 -21.89 16.40
N TYR C 139 -6.31 -21.74 16.54
CA TYR C 139 -6.94 -21.13 17.69
C TYR C 139 -7.37 -22.21 18.67
N ARG C 140 -6.97 -22.06 19.92
CA ARG C 140 -7.37 -22.99 20.97
C ARG C 140 -7.91 -22.21 22.17
N ASN C 141 -8.86 -22.81 22.89
CA ASN C 141 -9.48 -22.23 24.08
C ASN C 141 -9.58 -23.29 25.16
N SER C 142 -9.10 -22.97 26.36
CA SER C 142 -9.07 -23.91 27.48
C SER C 142 -10.10 -23.51 28.52
N ASN C 143 -10.88 -24.48 29.00
CA ASN C 143 -11.89 -24.29 30.03
C ASN C 143 -13.05 -23.44 29.54
N PHE C 144 -13.37 -23.53 28.25
CA PHE C 144 -14.42 -22.73 27.62
C PHE C 144 -14.40 -21.31 28.14
N PHE C 145 -13.43 -20.52 27.68
CA PHE C 145 -13.30 -19.11 28.04
C PHE C 145 -13.23 -18.89 29.54
N GLY C 146 -12.71 -19.88 30.27
CA GLY C 146 -12.56 -19.74 31.70
C GLY C 146 -13.77 -20.13 32.52
N LEU C 147 -14.79 -20.68 31.90
CA LEU C 147 -16.07 -20.95 32.58
C LEU C 147 -16.22 -22.41 32.94
N VAL C 148 -16.21 -23.29 31.95
CA VAL C 148 -16.49 -24.71 32.13
C VAL C 148 -15.17 -25.44 32.29
N ASP C 149 -14.75 -25.64 33.54
CA ASP C 149 -13.52 -26.35 33.80
C ASP C 149 -13.52 -27.71 33.12
N GLY C 150 -12.46 -28.00 32.39
CA GLY C 150 -12.29 -29.26 31.71
C GLY C 150 -12.76 -29.31 30.27
N LEU C 151 -13.45 -28.27 29.80
CA LEU C 151 -14.00 -28.26 28.45
C LEU C 151 -13.06 -27.48 27.52
N ASN C 152 -12.57 -28.14 26.47
CA ASN C 152 -11.69 -27.52 25.50
C ASN C 152 -12.28 -27.66 24.11
N PHE C 153 -11.94 -26.69 23.26
CA PHE C 153 -12.25 -26.75 21.84
C PHE C 153 -11.15 -26.02 21.10
N ALA C 154 -11.06 -26.29 19.79
CA ALA C 154 -10.01 -25.71 18.97
C ALA C 154 -10.49 -25.60 17.52
N VAL C 155 -10.09 -24.52 16.86
CA VAL C 155 -10.38 -24.29 15.45
C VAL C 155 -9.07 -24.07 14.72
N GLN C 156 -8.95 -24.65 13.53
CA GLN C 156 -7.67 -24.60 12.83
C GLN C 156 -7.94 -24.47 11.34
N TYR C 157 -7.31 -23.48 10.71
CA TYR C 157 -7.38 -23.29 9.28
C TYR C 157 -6.05 -23.71 8.67
N LEU C 158 -6.09 -24.55 7.64
CA LEU C 158 -4.90 -25.11 7.03
C LEU C 158 -4.74 -24.56 5.62
N GLY C 159 -3.68 -23.79 5.40
CA GLY C 159 -3.42 -23.25 4.10
C GLY C 159 -2.91 -24.29 3.13
N LYS C 160 -3.01 -23.94 1.85
CA LYS C 160 -2.60 -24.81 0.76
C LYS C 160 -1.11 -25.10 0.86
N ASN C 161 -0.71 -26.29 0.39
CA ASN C 161 0.70 -26.66 0.21
C ASN C 161 0.78 -27.53 -1.03
N GLU C 162 1.00 -26.90 -2.17
CA GLU C 162 1.03 -27.61 -3.45
C GLU C 162 2.48 -28.03 -3.69
N ARG C 163 2.87 -29.18 -3.13
CA ARG C 163 4.27 -29.59 -3.05
C ARG C 163 4.71 -30.43 -4.26
N ASP C 164 5.94 -30.93 -4.19
CA ASP C 164 6.53 -31.65 -5.31
C ASP C 164 5.82 -32.96 -5.59
N THR C 165 5.38 -33.63 -4.53
CA THR C 165 4.87 -34.99 -4.57
C THR C 165 3.42 -35.03 -4.12
N ALA C 166 2.63 -35.89 -4.77
CA ALA C 166 1.22 -36.00 -4.40
C ALA C 166 1.05 -36.26 -2.91
N ARG C 167 1.96 -37.00 -2.29
CA ARG C 167 1.79 -37.43 -0.91
C ARG C 167 1.81 -36.27 0.08
N ARG C 168 2.59 -35.23 -0.19
CA ARG C 168 2.73 -34.16 0.80
C ARG C 168 1.93 -32.91 0.46
N SER C 169 1.35 -32.83 -0.74
CA SER C 169 0.52 -31.69 -1.09
C SER C 169 -0.80 -31.73 -0.31
N ASN C 170 -1.45 -30.56 -0.23
CA ASN C 170 -2.79 -30.40 0.32
C ASN C 170 -3.36 -29.03 -0.05
N GLY C 171 -4.69 -28.94 -0.13
CA GLY C 171 -5.37 -27.69 -0.35
C GLY C 171 -5.77 -26.98 0.94
N ASP C 172 -6.47 -25.86 0.77
CA ASP C 172 -6.99 -25.10 1.90
C ASP C 172 -8.07 -25.90 2.64
N GLY C 173 -8.16 -25.72 3.96
CA GLY C 173 -9.18 -26.41 4.73
C GLY C 173 -9.26 -25.98 6.19
N VAL C 174 -10.29 -26.49 6.87
CA VAL C 174 -10.58 -26.15 8.27
C VAL C 174 -10.99 -27.39 9.04
N GLY C 175 -10.80 -27.32 10.36
CA GLY C 175 -11.13 -28.40 11.25
C GLY C 175 -11.21 -27.91 12.68
N GLY C 176 -11.68 -28.81 13.53
CA GLY C 176 -11.90 -28.43 14.92
C GLY C 176 -12.00 -29.63 15.83
N SER C 177 -12.02 -29.33 17.13
CA SER C 177 -11.96 -30.37 18.14
C SER C 177 -12.69 -29.92 19.38
N ILE C 178 -13.27 -30.89 20.11
CA ILE C 178 -13.80 -30.68 21.44
C ILE C 178 -13.35 -31.83 22.33
N SER C 179 -12.98 -31.51 23.57
CA SER C 179 -12.54 -32.51 24.53
C SER C 179 -13.02 -32.12 25.92
N TYR C 180 -13.60 -33.08 26.63
CA TYR C 180 -13.94 -32.94 28.04
C TYR C 180 -13.20 -33.99 28.85
N GLU C 181 -12.62 -33.56 29.97
CA GLU C 181 -11.84 -34.41 30.85
C GLU C 181 -12.33 -34.17 32.28
N TYR C 182 -12.68 -35.23 33.00
CA TYR C 182 -13.21 -35.07 34.35
C TYR C 182 -12.72 -36.21 35.23
N GLU C 183 -11.92 -35.87 36.24
CA GLU C 183 -11.59 -36.78 37.35
C GLU C 183 -11.13 -38.16 36.86
N GLY C 184 -10.10 -38.12 36.01
CA GLY C 184 -9.44 -39.28 35.48
C GLY C 184 -9.90 -39.68 34.09
N PHE C 185 -11.13 -39.35 33.73
CA PHE C 185 -11.72 -39.77 32.47
C PHE C 185 -11.53 -38.70 31.38
N GLY C 186 -11.50 -39.14 30.12
CA GLY C 186 -11.40 -38.22 28.99
C GLY C 186 -12.18 -38.64 27.74
N ILE C 187 -12.92 -37.71 27.14
CA ILE C 187 -13.68 -37.95 25.89
C ILE C 187 -13.36 -36.84 24.89
N VAL C 188 -13.19 -37.22 23.62
CA VAL C 188 -12.78 -36.26 22.58
C VAL C 188 -13.28 -36.72 21.22
N GLY C 189 -13.56 -35.74 20.36
CA GLY C 189 -13.75 -35.98 18.94
C GLY C 189 -13.21 -34.77 18.22
N ALA C 190 -12.88 -34.96 16.94
CA ALA C 190 -12.31 -33.87 16.14
C ALA C 190 -12.58 -34.11 14.67
N TYR C 191 -12.65 -33.02 13.90
CA TYR C 191 -12.99 -33.12 12.48
C TYR C 191 -12.26 -32.05 11.69
N GLY C 192 -11.93 -32.36 10.44
CA GLY C 192 -11.37 -31.39 9.53
C GLY C 192 -11.62 -31.81 8.10
N ALA C 193 -11.70 -30.81 7.21
CA ALA C 193 -11.79 -31.09 5.79
C ALA C 193 -11.07 -29.99 5.02
N ALA C 194 -10.70 -30.32 3.78
CA ALA C 194 -9.83 -29.49 2.97
C ALA C 194 -9.87 -29.99 1.53
N ASP C 195 -9.58 -29.10 0.59
CA ASP C 195 -9.52 -29.51 -0.81
C ASP C 195 -8.31 -30.39 -1.07
N ARG C 196 -8.32 -31.02 -2.25
CA ARG C 196 -7.24 -31.87 -2.74
C ARG C 196 -6.58 -31.21 -3.95
N THR C 197 -5.24 -31.15 -3.95
CA THR C 197 -4.51 -30.51 -5.03
C THR C 197 -4.65 -31.30 -6.34
N ASN C 198 -4.41 -30.60 -7.44
CA ASN C 198 -4.61 -31.18 -8.76
C ASN C 198 -3.76 -32.43 -8.95
N LEU C 199 -2.55 -32.42 -8.39
CA LEU C 199 -1.68 -33.59 -8.45
C LEU C 199 -2.30 -34.75 -7.70
N GLN C 200 -2.90 -34.48 -6.55
CA GLN C 200 -3.46 -35.58 -5.78
C GLN C 200 -4.60 -36.25 -6.53
N GLU C 201 -5.43 -35.47 -7.20
CA GLU C 201 -6.55 -36.07 -7.93
C GLU C 201 -6.10 -36.88 -9.13
N ALA C 202 -4.89 -36.64 -9.62
CA ALA C 202 -4.36 -37.36 -10.79
C ALA C 202 -3.81 -38.73 -10.46
N GLN C 203 -3.67 -39.06 -9.18
CA GLN C 203 -3.07 -40.33 -8.79
C GLN C 203 -3.96 -41.51 -9.19
N PRO C 204 -3.37 -42.69 -9.44
CA PRO C 204 -4.20 -43.83 -9.85
C PRO C 204 -5.10 -44.34 -8.72
N LEU C 205 -4.67 -44.22 -7.48
CA LEU C 205 -5.46 -44.63 -6.33
C LEU C 205 -6.03 -43.38 -5.67
N GLY C 206 -7.34 -43.35 -5.47
CA GLY C 206 -7.94 -42.18 -4.89
C GLY C 206 -8.72 -41.31 -5.85
N ASN C 207 -10.04 -41.24 -5.63
CA ASN C 207 -10.93 -40.35 -6.35
C ASN C 207 -11.80 -39.56 -5.41
N GLY C 208 -11.78 -38.24 -5.55
CA GLY C 208 -12.52 -37.32 -4.72
C GLY C 208 -11.97 -35.93 -4.89
N LYS C 209 -12.80 -34.94 -4.53
CA LYS C 209 -12.36 -33.55 -4.59
C LYS C 209 -12.13 -32.93 -3.23
N LYS C 210 -12.49 -33.61 -2.14
CA LYS C 210 -12.32 -33.05 -0.81
C LYS C 210 -11.88 -34.19 0.12
N ALA C 211 -10.91 -33.88 0.97
CA ALA C 211 -10.41 -34.86 1.94
C ALA C 211 -11.06 -34.58 3.28
N GLU C 212 -11.35 -35.65 4.01
CA GLU C 212 -12.10 -35.56 5.26
C GLU C 212 -11.45 -36.48 6.28
N GLN C 213 -11.34 -36.01 7.53
CA GLN C 213 -10.72 -36.80 8.58
C GLN C 213 -11.36 -36.47 9.90
N TRP C 214 -11.83 -37.49 10.60
CA TRP C 214 -12.40 -37.31 11.93
C TRP C 214 -12.06 -38.53 12.79
N ALA C 215 -12.12 -38.31 14.10
CA ALA C 215 -11.76 -39.36 15.04
C ALA C 215 -12.33 -39.02 16.40
N THR C 216 -12.64 -40.07 17.16
CA THR C 216 -13.21 -39.94 18.49
C THR C 216 -12.40 -40.79 19.46
N GLY C 217 -12.35 -40.35 20.71
CA GLY C 217 -11.55 -41.02 21.71
C GLY C 217 -12.09 -40.99 23.13
N LEU C 218 -11.88 -42.08 23.87
CA LEU C 218 -12.21 -42.15 25.28
C LEU C 218 -11.01 -42.70 26.03
N LYS C 219 -10.79 -42.20 27.25
CA LYS C 219 -9.59 -42.55 28.00
C LYS C 219 -9.82 -42.40 29.50
N TYR C 220 -9.06 -43.20 30.27
CA TYR C 220 -8.89 -43.04 31.71
C TYR C 220 -7.40 -42.91 32.00
N ASP C 221 -7.04 -41.92 32.82
CA ASP C 221 -5.65 -41.57 33.09
C ASP C 221 -5.55 -41.15 34.57
N ALA C 222 -5.59 -42.13 35.46
CA ALA C 222 -5.42 -41.84 36.89
C ALA C 222 -5.00 -43.11 37.61
N ASN C 223 -4.66 -42.93 38.89
CA ASN C 223 -4.17 -43.98 39.79
C ASN C 223 -3.33 -45.03 39.06
N ASN C 224 -2.29 -44.58 38.37
CA ASN C 224 -1.29 -45.39 37.70
C ASN C 224 -1.84 -46.17 36.50
N ILE C 225 -3.08 -45.91 36.09
CA ILE C 225 -3.72 -46.66 35.00
C ILE C 225 -3.95 -45.73 33.81
N TYR C 226 -3.71 -46.25 32.60
CA TYR C 226 -4.02 -45.50 31.38
C TYR C 226 -4.64 -46.43 30.36
N LEU C 227 -5.91 -46.20 30.05
CA LEU C 227 -6.62 -46.96 29.03
C LEU C 227 -7.25 -45.96 28.07
N ALA C 228 -7.27 -46.30 26.78
CA ALA C 228 -7.75 -45.37 25.77
C ALA C 228 -8.18 -46.14 24.53
N ALA C 229 -9.20 -45.63 23.85
CA ALA C 229 -9.64 -46.24 22.61
C ALA C 229 -9.95 -45.15 21.59
N ASN C 230 -9.62 -45.41 20.32
CA ASN C 230 -9.80 -44.45 19.26
C ASN C 230 -10.46 -45.06 18.03
N TYR C 231 -11.44 -44.34 17.49
CA TYR C 231 -12.04 -44.69 16.22
C TYR C 231 -12.06 -43.49 15.32
N GLY C 232 -11.80 -43.72 14.06
CA GLY C 232 -11.88 -42.65 13.08
C GLY C 232 -12.17 -43.21 11.70
N GLU C 233 -12.61 -42.32 10.83
CA GLU C 233 -12.86 -42.65 9.44
C GLU C 233 -12.23 -41.54 8.62
N THR C 234 -11.81 -41.88 7.41
CA THR C 234 -11.20 -40.90 6.52
C THR C 234 -11.76 -41.13 5.13
N ARG C 235 -11.76 -40.06 4.34
CA ARG C 235 -12.21 -40.12 2.96
C ARG C 235 -11.18 -39.34 2.15
N ASN C 236 -10.57 -40.02 1.16
CA ASN C 236 -9.64 -39.44 0.21
C ASN C 236 -8.36 -38.90 0.87
N ALA C 237 -8.05 -39.31 2.10
CA ALA C 237 -6.99 -38.69 2.87
C ALA C 237 -5.87 -39.62 3.33
N THR C 238 -6.10 -40.91 3.44
CA THR C 238 -4.99 -41.71 3.93
C THR C 238 -4.10 -42.14 2.77
N PRO C 239 -2.77 -42.02 2.88
CA PRO C 239 -1.89 -42.34 1.75
C PRO C 239 -1.56 -43.81 1.67
N ILE C 240 -1.46 -44.32 0.43
CA ILE C 240 -1.20 -45.74 0.18
C ILE C 240 -0.24 -45.92 -0.99
N THR C 241 0.35 -47.12 -1.05
CA THR C 241 1.22 -47.57 -2.12
C THR C 241 0.89 -49.02 -2.41
N ASN C 242 0.51 -49.31 -3.66
CA ASN C 242 0.27 -50.70 -4.06
C ASN C 242 1.57 -51.27 -4.60
N LYS C 243 2.36 -51.90 -3.72
CA LYS C 243 3.70 -52.36 -4.08
C LYS C 243 3.72 -53.39 -5.19
N PHE C 244 2.55 -53.85 -5.65
CA PHE C 244 2.52 -54.81 -6.75
C PHE C 244 2.59 -54.13 -8.10
N THR C 245 1.87 -53.03 -8.27
CA THR C 245 1.98 -52.23 -9.49
C THR C 245 2.93 -51.07 -9.31
N ASN C 246 3.59 -50.99 -8.15
CA ASN C 246 4.45 -49.87 -7.77
C ASN C 246 3.76 -48.55 -8.09
N THR C 247 2.51 -48.48 -7.64
CA THR C 247 1.62 -47.35 -7.85
C THR C 247 1.33 -46.69 -6.52
N SER C 248 1.12 -45.38 -6.55
CA SER C 248 0.87 -44.61 -5.36
C SER C 248 -0.53 -44.02 -5.42
N GLY C 249 -0.99 -43.46 -4.28
CA GLY C 249 -2.27 -42.77 -4.26
C GLY C 249 -2.80 -42.53 -2.86
N PHE C 250 -4.12 -42.49 -2.77
CA PHE C 250 -4.82 -42.26 -1.52
C PHE C 250 -5.99 -43.23 -1.38
N ALA C 251 -6.29 -43.57 -0.13
CA ALA C 251 -7.35 -44.52 0.19
C ALA C 251 -8.68 -43.81 0.23
N ASN C 252 -9.60 -44.24 -0.64
CA ASN C 252 -10.92 -43.63 -0.73
C ASN C 252 -11.65 -43.63 0.61
N LYS C 253 -11.53 -44.70 1.36
CA LYS C 253 -12.18 -44.79 2.67
C LYS C 253 -11.27 -45.62 3.56
N THR C 254 -11.15 -45.19 4.82
CA THR C 254 -10.53 -46.02 5.85
C THR C 254 -11.30 -45.84 7.15
N GLN C 255 -11.33 -46.91 7.95
CA GLN C 255 -11.95 -46.91 9.27
C GLN C 255 -10.96 -47.57 10.22
N ASP C 256 -10.54 -46.83 11.26
CA ASP C 256 -9.35 -47.15 12.04
C ASP C 256 -9.65 -47.37 13.51
N VAL C 257 -9.09 -48.45 14.06
CA VAL C 257 -9.24 -48.79 15.46
C VAL C 257 -7.87 -48.75 16.15
N LEU C 258 -7.86 -48.14 17.33
CA LEU C 258 -6.68 -48.06 18.18
C LEU C 258 -7.06 -48.33 19.62
N LEU C 259 -6.37 -49.25 20.26
CA LEU C 259 -6.61 -49.55 21.67
C LEU C 259 -5.27 -49.59 22.40
N VAL C 260 -5.27 -49.04 23.61
CA VAL C 260 -4.07 -48.94 24.42
C VAL C 260 -4.42 -49.13 25.88
N ALA C 261 -3.72 -50.06 26.53
CA ALA C 261 -3.85 -50.28 27.96
C ALA C 261 -2.46 -50.37 28.54
N GLN C 262 -2.19 -49.58 29.58
CA GLN C 262 -0.89 -49.61 30.23
C GLN C 262 -1.08 -49.29 31.70
N TYR C 263 -0.12 -49.74 32.49
CA TYR C 263 -0.11 -49.47 33.92
C TYR C 263 1.32 -49.08 34.27
N GLN C 264 1.44 -48.21 35.25
CA GLN C 264 2.74 -47.62 35.58
C GLN C 264 3.08 -47.97 37.02
N PHE C 265 4.04 -48.85 37.20
CA PHE C 265 4.42 -49.19 38.55
C PHE C 265 5.22 -48.05 39.15
N ASP C 266 5.17 -47.98 40.49
CA ASP C 266 5.86 -46.95 41.23
C ASP C 266 7.37 -47.03 41.07
N PHE C 267 7.92 -48.23 40.86
CA PHE C 267 9.36 -48.35 40.77
C PHE C 267 9.88 -48.10 39.37
N GLY C 268 9.03 -47.63 38.46
CA GLY C 268 9.48 -47.16 37.16
C GLY C 268 9.17 -48.06 36.00
N LEU C 269 8.70 -49.28 36.20
CA LEU C 269 8.31 -50.08 35.06
C LEU C 269 6.93 -49.65 34.60
N ARG C 270 6.75 -49.58 33.28
CA ARG C 270 5.46 -49.26 32.67
C ARG C 270 5.16 -50.26 31.58
N PRO C 271 4.43 -51.33 31.88
CA PRO C 271 4.06 -52.30 30.84
C PRO C 271 3.06 -51.70 29.87
N SER C 272 3.00 -52.28 28.68
CA SER C 272 2.06 -51.77 27.69
C SER C 272 1.57 -52.92 26.81
N ILE C 273 0.25 -52.99 26.61
CA ILE C 273 -0.41 -53.88 25.67
C ILE C 273 -1.36 -53.04 24.81
N ALA C 274 -1.46 -53.36 23.52
CA ALA C 274 -2.23 -52.52 22.61
C ALA C 274 -2.67 -53.28 21.37
N TYR C 275 -3.72 -52.78 20.72
CA TYR C 275 -4.24 -53.30 19.46
C TYR C 275 -4.53 -52.14 18.50
N THR C 276 -4.35 -52.39 17.19
CA THR C 276 -4.49 -51.35 16.18
C THR C 276 -4.85 -51.94 14.81
N LYS C 277 -6.03 -51.58 14.29
CA LYS C 277 -6.51 -52.08 12.99
C LYS C 277 -7.07 -50.92 12.18
N SER C 278 -6.60 -50.80 10.93
CA SER C 278 -7.06 -49.81 9.98
C SER C 278 -7.41 -50.46 8.67
N LYS C 279 -8.69 -50.45 8.30
CA LYS C 279 -9.19 -51.11 7.10
C LYS C 279 -9.51 -50.07 6.03
N ALA C 280 -9.16 -50.38 4.79
CA ALA C 280 -9.42 -49.50 3.65
C ALA C 280 -10.52 -50.11 2.78
N LYS C 281 -11.39 -49.27 2.26
CA LYS C 281 -12.44 -49.72 1.37
C LYS C 281 -12.37 -48.90 0.08
N ASP C 282 -12.92 -49.49 -0.98
CA ASP C 282 -13.03 -48.86 -2.29
C ASP C 282 -11.67 -48.56 -2.90
N VAL C 283 -10.62 -49.31 -2.53
CA VAL C 283 -9.30 -49.13 -3.13
C VAL C 283 -9.33 -49.57 -4.58
N GLU C 284 -8.93 -48.66 -5.47
CA GLU C 284 -9.05 -48.89 -6.91
C GLU C 284 -8.30 -50.16 -7.29
N GLY C 285 -8.99 -51.07 -7.97
CA GLY C 285 -8.37 -52.31 -8.37
C GLY C 285 -8.30 -53.37 -7.28
N ILE C 286 -8.51 -53.00 -6.02
CA ILE C 286 -8.38 -53.90 -4.90
C ILE C 286 -9.70 -54.07 -4.15
N GLY C 287 -10.35 -52.98 -3.82
CA GLY C 287 -11.54 -53.06 -2.96
C GLY C 287 -11.17 -52.87 -1.49
N ASP C 288 -11.43 -53.87 -0.67
CA ASP C 288 -11.02 -53.82 0.72
C ASP C 288 -9.66 -54.49 0.88
N VAL C 289 -8.87 -53.93 1.80
CA VAL C 289 -7.53 -54.42 2.09
C VAL C 289 -7.06 -53.78 3.38
N ASP C 290 -6.53 -54.58 4.29
CA ASP C 290 -6.05 -54.00 5.53
C ASP C 290 -4.73 -53.30 5.27
N LEU C 291 -4.52 -52.20 5.99
CA LEU C 291 -3.30 -51.43 5.96
C LEU C 291 -2.47 -51.61 7.21
N VAL C 292 -3.13 -51.69 8.36
CA VAL C 292 -2.50 -51.84 9.66
C VAL C 292 -3.35 -52.84 10.45
N ASN C 293 -2.74 -53.89 10.98
CA ASN C 293 -3.50 -54.97 11.63
C ASN C 293 -2.55 -55.64 12.62
N TYR C 294 -2.58 -55.19 13.88
CA TYR C 294 -1.55 -55.70 14.77
C TYR C 294 -1.91 -55.55 16.24
N PHE C 295 -1.24 -56.37 17.03
CA PHE C 295 -1.20 -56.32 18.50
C PHE C 295 0.19 -55.89 18.94
N GLU C 296 0.27 -55.12 20.02
CA GLU C 296 1.55 -54.72 20.59
C GLU C 296 1.60 -55.15 22.05
N VAL C 297 2.74 -55.72 22.45
CA VAL C 297 3.08 -55.97 23.84
C VAL C 297 4.50 -55.46 24.07
N GLY C 298 4.70 -54.73 25.14
CA GLY C 298 6.02 -54.17 25.41
C GLY C 298 6.00 -53.36 26.68
N ALA C 299 7.17 -52.82 27.03
CA ALA C 299 7.26 -52.02 28.24
C ALA C 299 8.49 -51.13 28.18
N THR C 300 8.46 -50.09 29.01
CA THR C 300 9.56 -49.16 29.21
C THR C 300 10.00 -49.18 30.67
N TYR C 301 11.29 -49.06 30.92
CA TYR C 301 11.79 -48.82 32.27
C TYR C 301 12.28 -47.38 32.37
N TYR C 302 11.74 -46.65 33.33
CA TYR C 302 12.05 -45.24 33.57
C TYR C 302 12.96 -45.15 34.78
N PHE C 303 14.26 -44.90 34.55
CA PHE C 303 15.16 -44.63 35.66
C PHE C 303 14.83 -43.30 36.33
N ASN C 304 14.67 -42.26 35.51
CA ASN C 304 14.14 -40.97 35.93
C ASN C 304 13.69 -40.24 34.68
N LYS C 305 13.33 -38.97 34.84
CA LYS C 305 12.70 -38.23 33.75
C LYS C 305 13.57 -38.15 32.51
N ASN C 306 14.85 -38.45 32.65
CA ASN C 306 15.85 -38.30 31.61
C ASN C 306 16.24 -39.60 30.97
N MET C 307 16.09 -40.73 31.67
CA MET C 307 16.67 -41.97 31.22
C MET C 307 15.58 -43.04 31.13
N SER C 308 15.65 -43.82 30.05
CA SER C 308 14.63 -44.81 29.78
C SER C 308 15.22 -45.88 28.89
N THR C 309 14.74 -47.10 29.08
CA THR C 309 15.01 -48.20 28.16
C THR C 309 13.67 -48.86 27.86
N TYR C 310 13.56 -49.51 26.71
CA TYR C 310 12.26 -50.06 26.36
C TYR C 310 12.39 -51.17 25.33
N VAL C 311 11.35 -51.99 25.28
CA VAL C 311 11.19 -53.03 24.28
C VAL C 311 9.77 -52.95 23.75
N ASP C 312 9.61 -53.10 22.44
CA ASP C 312 8.32 -52.89 21.78
C ASP C 312 8.18 -53.98 20.72
N TYR C 313 7.22 -54.88 20.91
CA TYR C 313 6.97 -55.99 19.99
C TYR C 313 5.69 -55.76 19.20
N ILE C 314 5.76 -55.95 17.89
CA ILE C 314 4.59 -55.84 17.02
C ILE C 314 4.26 -57.23 16.50
N ILE C 315 3.20 -57.84 17.06
CA ILE C 315 2.66 -59.08 16.53
C ILE C 315 1.79 -58.69 15.34
N ASN C 316 2.29 -58.90 14.14
CA ASN C 316 1.69 -58.35 12.93
C ASN C 316 0.72 -59.38 12.37
N GLN C 317 -0.54 -58.98 12.20
CA GLN C 317 -1.59 -59.88 11.75
C GLN C 317 -1.92 -59.75 10.28
N ILE C 318 -1.28 -58.85 9.56
CA ILE C 318 -1.46 -58.78 8.11
C ILE C 318 -1.18 -60.15 7.53
N ASP C 319 -1.92 -60.53 6.50
CA ASP C 319 -1.67 -61.83 5.92
C ASP C 319 -0.73 -61.68 4.73
N SER C 320 -0.11 -62.80 4.37
CA SER C 320 0.93 -62.76 3.34
C SER C 320 0.39 -62.33 1.99
N ASP C 321 -0.83 -62.77 1.65
CA ASP C 321 -1.48 -62.44 0.39
C ASP C 321 -2.03 -61.01 0.34
N ASN C 322 -1.76 -60.17 1.35
CA ASN C 322 -2.32 -58.84 1.41
C ASN C 322 -2.29 -58.17 0.06
N LYS C 323 -3.44 -57.66 -0.37
CA LYS C 323 -3.58 -57.24 -1.76
C LYS C 323 -2.76 -56.00 -2.08
N LEU C 324 -2.36 -55.21 -1.07
CA LEU C 324 -1.51 -54.06 -1.32
C LEU C 324 -0.02 -54.34 -1.09
N GLY C 325 0.34 -55.53 -0.59
CA GLY C 325 1.72 -55.79 -0.29
C GLY C 325 2.21 -55.18 1.01
N VAL C 326 1.29 -54.76 1.88
CA VAL C 326 1.69 -54.28 3.19
C VAL C 326 2.43 -55.39 3.90
N GLY C 327 3.54 -55.06 4.54
CA GLY C 327 4.40 -56.11 5.08
C GLY C 327 3.69 -56.96 6.11
N SER C 328 3.99 -58.27 6.09
CA SER C 328 3.27 -59.26 6.90
C SER C 328 4.07 -59.86 8.06
N ASP C 329 5.39 -59.67 8.12
CA ASP C 329 6.22 -60.24 9.17
C ASP C 329 6.22 -59.37 10.43
N ASP C 330 6.46 -60.00 11.58
CA ASP C 330 6.49 -59.27 12.85
C ASP C 330 7.77 -58.43 12.96
N THR C 331 7.87 -57.63 14.04
CA THR C 331 9.01 -56.75 14.27
C THR C 331 9.07 -56.38 15.74
N VAL C 332 10.29 -56.25 16.27
CA VAL C 332 10.53 -55.87 17.65
C VAL C 332 11.61 -54.80 17.69
N ALA C 333 11.49 -53.87 18.63
CA ALA C 333 12.43 -52.77 18.75
C ALA C 333 13.04 -52.77 20.14
N VAL C 334 14.32 -52.43 20.22
CA VAL C 334 14.98 -52.25 21.50
C VAL C 334 15.46 -50.80 21.56
N GLY C 335 15.31 -50.16 22.70
CA GLY C 335 15.68 -48.78 22.77
C GLY C 335 16.24 -48.29 24.08
N ILE C 336 17.26 -47.44 23.97
CA ILE C 336 17.89 -46.78 25.11
C ILE C 336 17.90 -45.29 24.80
N VAL C 337 17.31 -44.49 25.71
CA VAL C 337 16.93 -43.12 25.40
C VAL C 337 17.31 -42.21 26.55
N TYR C 338 18.25 -41.30 26.30
CA TYR C 338 18.51 -40.16 27.17
C TYR C 338 17.85 -38.91 26.58
N GLN C 339 17.22 -38.12 27.45
CA GLN C 339 16.56 -36.89 27.06
C GLN C 339 16.77 -35.85 28.15
N PHE C 340 16.75 -34.57 27.75
CA PHE C 340 16.90 -33.47 28.70
C PHE C 340 15.93 -32.35 28.39
N ALA D 1 -13.19 40.65 -7.06
CA ALA D 1 -13.32 41.49 -5.87
C ALA D 1 -13.21 40.63 -4.60
N GLU D 2 -12.48 41.15 -3.62
CA GLU D 2 -12.25 40.42 -2.38
C GLU D 2 -13.52 40.43 -1.53
N ILE D 3 -14.19 39.27 -1.46
CA ILE D 3 -15.43 39.12 -0.71
C ILE D 3 -15.27 38.44 0.64
N TYR D 4 -14.09 37.89 0.95
CA TYR D 4 -13.93 37.15 2.20
C TYR D 4 -12.49 37.24 2.61
N ASN D 5 -12.25 37.58 3.88
CA ASN D 5 -10.89 37.57 4.39
C ASN D 5 -10.90 37.60 5.90
N LYS D 6 -11.06 36.42 6.49
CA LYS D 6 -10.96 36.19 7.91
C LYS D 6 -10.12 34.94 8.10
N ASP D 7 -9.49 34.83 9.28
CA ASP D 7 -8.82 33.60 9.66
C ASP D 7 -7.82 33.15 8.61
N GLY D 8 -7.04 34.11 8.14
CA GLY D 8 -5.95 33.75 7.24
C GLY D 8 -6.41 33.44 5.83
N ASN D 9 -7.66 33.04 5.65
CA ASN D 9 -8.13 32.73 4.32
C ASN D 9 -8.72 33.99 3.71
N LYS D 10 -8.45 34.21 2.42
CA LYS D 10 -9.02 35.35 1.72
C LYS D 10 -9.40 34.87 0.33
N VAL D 11 -10.63 35.15 -0.08
CA VAL D 11 -11.12 34.71 -1.37
C VAL D 11 -11.48 35.93 -2.20
N ASP D 12 -11.14 35.86 -3.47
CA ASP D 12 -11.39 36.92 -4.43
C ASP D 12 -12.36 36.30 -5.44
N LEU D 13 -13.62 36.69 -5.36
CA LEU D 13 -14.57 36.33 -6.41
C LEU D 13 -14.50 37.43 -7.45
N TYR D 14 -14.22 37.06 -8.69
CA TYR D 14 -13.94 38.07 -9.71
C TYR D 14 -14.55 37.63 -11.03
N GLY D 15 -14.68 38.57 -11.95
CA GLY D 15 -15.22 38.25 -13.25
C GLY D 15 -15.54 39.48 -14.07
N LYS D 16 -15.96 39.24 -15.32
CA LYS D 16 -16.26 40.35 -16.20
C LYS D 16 -17.37 39.99 -17.18
N ALA D 17 -18.04 41.05 -17.66
CA ALA D 17 -19.02 40.97 -18.75
C ALA D 17 -18.51 41.82 -19.89
N VAL D 18 -18.39 41.22 -21.06
CA VAL D 18 -17.71 41.82 -22.19
C VAL D 18 -18.72 41.88 -23.33
N GLY D 19 -19.26 43.07 -23.57
CA GLY D 19 -20.12 43.24 -24.73
C GLY D 19 -19.25 43.47 -25.95
N LEU D 20 -19.28 42.57 -26.92
CA LEU D 20 -18.24 42.65 -27.93
C LEU D 20 -18.77 42.22 -29.29
N HIS D 21 -18.43 43.01 -30.32
CA HIS D 21 -18.84 42.74 -31.69
C HIS D 21 -17.66 42.88 -32.64
N TYR D 22 -17.61 42.00 -33.65
CA TYR D 22 -16.57 42.00 -34.67
C TYR D 22 -17.18 42.41 -36.00
N PHE D 23 -16.52 43.32 -36.72
CA PHE D 23 -16.98 43.80 -38.03
C PHE D 23 -15.97 43.42 -39.11
N SER D 24 -16.45 42.76 -40.16
CA SER D 24 -15.58 42.31 -41.26
C SER D 24 -16.36 42.18 -42.56
N LYS D 25 -15.62 42.19 -43.65
CA LYS D 25 -16.21 42.01 -44.98
C LYS D 25 -16.88 40.64 -45.10
N GLY D 26 -17.98 40.61 -45.86
CA GLY D 26 -18.60 39.34 -46.22
C GLY D 26 -19.20 38.58 -45.06
N ASN D 27 -19.04 37.26 -45.10
CA ASN D 27 -19.54 36.43 -44.00
C ASN D 27 -18.73 36.66 -42.74
N GLY D 28 -17.46 37.04 -42.92
CA GLY D 28 -16.46 37.01 -41.90
C GLY D 28 -15.57 35.79 -42.01
N GLU D 29 -15.82 34.93 -43.00
CA GLU D 29 -15.03 33.70 -43.13
C GLU D 29 -13.61 34.01 -43.56
N ASN D 30 -13.45 34.74 -44.65
CA ASN D 30 -12.12 35.08 -45.13
C ASN D 30 -11.54 36.30 -44.44
N SER D 31 -11.80 36.45 -43.15
CA SER D 31 -11.33 37.58 -42.37
C SER D 31 -10.38 37.09 -41.28
N TYR D 32 -9.80 38.05 -40.57
CA TYR D 32 -8.89 37.71 -39.48
C TYR D 32 -9.67 37.15 -38.30
N GLY D 33 -10.73 37.86 -37.90
CA GLY D 33 -11.43 37.52 -36.68
C GLY D 33 -12.91 37.20 -36.78
N GLY D 34 -13.45 37.10 -38.00
CA GLY D 34 -14.86 36.79 -38.17
C GLY D 34 -15.78 37.98 -37.99
N ASN D 35 -17.08 37.74 -38.23
CA ASN D 35 -18.08 38.79 -38.26
C ASN D 35 -19.30 38.35 -37.46
N GLY D 36 -19.62 39.08 -36.40
CA GLY D 36 -20.87 38.85 -35.71
C GLY D 36 -20.77 39.26 -34.25
N ASP D 37 -21.64 38.63 -33.43
CA ASP D 37 -21.66 38.82 -31.99
C ASP D 37 -20.64 37.89 -31.35
N MET D 38 -19.78 38.44 -30.49
CA MET D 38 -18.76 37.67 -29.81
C MET D 38 -18.77 37.93 -28.31
N THR D 39 -19.92 38.28 -27.76
CA THR D 39 -20.02 38.67 -26.35
C THR D 39 -19.62 37.52 -25.45
N TYR D 40 -18.96 37.83 -24.34
CA TYR D 40 -18.55 36.78 -23.42
C TYR D 40 -18.58 37.32 -22.00
N ALA D 41 -18.52 36.41 -21.04
CA ALA D 41 -18.40 36.82 -19.65
C ALA D 41 -17.55 35.79 -18.93
N ARG D 42 -16.84 36.23 -17.89
CA ARG D 42 -15.99 35.32 -17.14
C ARG D 42 -16.29 35.41 -15.65
N LEU D 43 -16.19 34.27 -14.98
CA LEU D 43 -16.33 34.17 -13.54
C LEU D 43 -15.17 33.34 -13.01
N GLY D 44 -14.72 33.68 -11.81
CA GLY D 44 -13.60 32.97 -11.24
C GLY D 44 -13.38 33.35 -9.79
N PHE D 45 -12.50 32.58 -9.14
CA PHE D 45 -12.08 32.87 -7.77
C PHE D 45 -10.58 32.67 -7.64
N LYS D 46 -10.00 33.46 -6.73
CA LYS D 46 -8.60 33.40 -6.35
C LYS D 46 -8.59 33.25 -4.84
N GLY D 47 -8.07 32.14 -4.33
CA GLY D 47 -8.05 31.88 -2.90
C GLY D 47 -6.63 31.86 -2.38
N GLU D 48 -6.44 32.32 -1.14
CA GLU D 48 -5.11 32.41 -0.56
C GLU D 48 -5.22 32.36 0.96
N THR D 49 -4.63 31.34 1.57
CA THR D 49 -4.69 31.13 3.00
C THR D 49 -3.31 31.29 3.62
N GLN D 50 -3.24 32.00 4.75
CA GLN D 50 -1.97 32.23 5.43
C GLN D 50 -1.74 31.10 6.42
N ILE D 51 -1.08 30.05 5.94
CA ILE D 51 -0.85 28.87 6.78
C ILE D 51 0.05 29.21 7.97
N ASN D 52 1.18 29.86 7.73
CA ASN D 52 1.98 30.36 8.85
C ASN D 52 2.74 31.60 8.39
N SER D 53 3.77 32.01 9.14
CA SER D 53 4.41 33.27 8.83
C SER D 53 5.04 33.24 7.45
N ASP D 54 5.41 32.06 6.99
CA ASP D 54 6.14 31.89 5.74
C ASP D 54 5.36 31.14 4.69
N LEU D 55 4.36 30.34 5.08
CA LEU D 55 3.73 29.39 4.19
C LEU D 55 2.37 29.89 3.76
N THR D 56 1.99 29.53 2.55
CA THR D 56 0.73 30.04 2.05
C THR D 56 0.19 29.08 1.00
N GLY D 57 -1.08 28.76 1.13
CA GLY D 57 -1.78 27.93 0.17
C GLY D 57 -2.64 28.85 -0.67
N TYR D 58 -2.90 28.42 -1.90
CA TYR D 58 -3.60 29.27 -2.85
C TYR D 58 -4.27 28.38 -3.87
N GLY D 59 -5.40 28.85 -4.38
CA GLY D 59 -6.08 28.13 -5.45
C GLY D 59 -6.88 29.10 -6.30
N GLN D 60 -7.17 28.66 -7.53
CA GLN D 60 -7.83 29.55 -8.47
C GLN D 60 -8.52 28.76 -9.58
N TRP D 61 -9.70 29.25 -9.96
CA TRP D 61 -10.50 28.65 -11.03
C TRP D 61 -11.13 29.76 -11.83
N GLU D 62 -11.25 29.54 -13.15
CA GLU D 62 -11.67 30.56 -14.10
C GLU D 62 -12.38 29.92 -15.28
N TYR D 63 -13.55 30.46 -15.62
CA TYR D 63 -14.43 29.87 -16.61
C TYR D 63 -14.88 30.89 -17.63
N ASN D 64 -15.04 30.44 -18.87
CA ASN D 64 -15.58 31.27 -19.93
C ASN D 64 -17.01 30.81 -20.24
N PHE D 65 -17.97 31.65 -19.88
CA PHE D 65 -19.36 31.49 -20.28
C PHE D 65 -19.53 32.39 -21.49
N GLN D 66 -19.70 31.81 -22.66
CA GLN D 66 -19.91 32.62 -23.84
C GLN D 66 -21.33 33.17 -23.83
N GLY D 67 -21.47 34.43 -24.25
CA GLY D 67 -22.77 35.03 -24.37
C GLY D 67 -23.25 35.18 -25.80
N ASN D 68 -22.55 34.61 -26.76
CA ASN D 68 -22.91 34.73 -28.16
C ASN D 68 -23.63 33.51 -28.68
N ASN D 69 -24.02 32.59 -27.79
CA ASN D 69 -24.80 31.40 -28.11
C ASN D 69 -26.25 31.56 -27.67
N SER D 70 -27.12 30.78 -28.31
CA SER D 70 -28.53 30.82 -27.91
C SER D 70 -28.71 30.04 -26.62
N GLU D 71 -29.95 29.69 -26.31
CA GLU D 71 -30.26 28.80 -25.22
C GLU D 71 -30.71 27.44 -25.71
N GLY D 72 -30.60 27.19 -27.01
CA GLY D 72 -31.04 25.95 -27.64
C GLY D 72 -29.96 24.90 -27.83
N ALA D 73 -29.98 24.24 -28.98
CA ALA D 73 -29.08 23.12 -29.21
C ALA D 73 -27.61 23.51 -29.23
N ASP D 74 -27.28 24.81 -29.29
CA ASP D 74 -25.92 25.34 -29.43
C ASP D 74 -25.39 25.99 -28.15
N ALA D 75 -26.10 25.84 -27.03
CA ALA D 75 -25.94 26.74 -25.90
C ALA D 75 -24.57 26.74 -25.26
N GLN D 76 -23.77 25.69 -25.47
CA GLN D 76 -22.54 25.52 -24.73
C GLN D 76 -21.28 25.76 -25.51
N THR D 77 -21.38 26.01 -26.82
CA THR D 77 -20.19 26.16 -27.65
C THR D 77 -19.24 27.18 -27.05
N GLY D 78 -17.98 26.77 -26.88
CA GLY D 78 -16.99 27.67 -26.35
C GLY D 78 -17.09 27.93 -24.87
N ASN D 79 -17.95 27.24 -24.15
CA ASN D 79 -17.85 27.25 -22.69
C ASN D 79 -16.76 26.27 -22.29
N LYS D 80 -15.93 26.67 -21.32
CA LYS D 80 -14.73 25.91 -21.02
C LYS D 80 -14.10 26.44 -19.73
N THR D 81 -13.47 25.56 -18.98
CA THR D 81 -12.61 25.98 -17.87
C THR D 81 -11.23 26.35 -18.40
N ARG D 82 -10.77 27.56 -18.07
CA ARG D 82 -9.43 28.01 -18.46
C ARG D 82 -8.38 27.83 -17.37
N LEU D 83 -8.67 28.15 -16.12
CA LEU D 83 -7.72 27.93 -15.05
C LEU D 83 -8.34 27.11 -13.94
N ALA D 84 -7.52 26.30 -13.29
CA ALA D 84 -7.92 25.44 -12.20
C ALA D 84 -6.69 24.83 -11.55
N PHE D 85 -6.23 25.40 -10.44
CA PHE D 85 -4.98 24.90 -9.88
C PHE D 85 -4.90 25.27 -8.41
N ALA D 86 -4.00 24.60 -7.72
CA ALA D 86 -3.69 24.92 -6.34
C ALA D 86 -2.21 24.71 -6.11
N GLY D 87 -1.69 25.34 -5.07
CA GLY D 87 -0.27 25.23 -4.80
C GLY D 87 0.07 25.80 -3.43
N LEU D 88 1.36 25.79 -3.15
CA LEU D 88 1.90 26.35 -1.92
C LEU D 88 3.05 27.27 -2.29
N LYS D 89 3.31 28.25 -1.44
CA LYS D 89 4.39 29.22 -1.66
C LYS D 89 5.09 29.38 -0.33
N TYR D 90 6.33 28.87 -0.24
CA TYR D 90 7.07 28.87 1.01
C TYR D 90 8.19 29.90 0.91
N ALA D 91 8.11 30.92 1.75
CA ALA D 91 9.14 31.93 1.99
C ALA D 91 9.93 32.34 0.76
N ASP D 92 11.25 32.22 0.83
CA ASP D 92 12.11 32.51 -0.30
C ASP D 92 12.51 31.24 -1.03
N VAL D 93 11.74 30.17 -0.86
CA VAL D 93 12.04 28.93 -1.57
C VAL D 93 11.28 28.88 -2.87
N GLY D 94 10.10 29.49 -2.92
CA GLY D 94 9.38 29.56 -4.18
C GLY D 94 8.00 28.94 -4.16
N SER D 95 7.45 28.71 -5.33
CA SER D 95 6.09 28.26 -5.38
C SER D 95 6.03 27.01 -6.21
N PHE D 96 5.16 26.10 -5.81
CA PHE D 96 4.80 24.95 -6.60
C PHE D 96 3.28 24.92 -6.66
N ASP D 97 2.76 24.72 -7.87
CA ASP D 97 1.34 24.66 -8.11
C ASP D 97 1.11 23.64 -9.21
N TYR D 98 0.01 22.92 -9.09
CA TYR D 98 -0.37 21.92 -10.08
C TYR D 98 -1.82 22.19 -10.43
N GLY D 99 -2.17 21.90 -11.65
CA GLY D 99 -3.54 22.03 -12.07
C GLY D 99 -3.56 22.34 -13.54
N ARG D 100 -4.54 23.16 -13.92
CA ARG D 100 -4.54 23.79 -15.22
C ARG D 100 -4.01 25.21 -15.00
N ASN D 101 -2.92 25.55 -15.68
CA ASN D 101 -2.27 26.85 -15.52
C ASN D 101 -1.57 27.17 -16.83
N TYR D 102 -0.76 28.22 -16.81
CA TYR D 102 -0.14 28.68 -18.04
C TYR D 102 1.20 27.99 -18.22
N GLY D 103 1.49 27.57 -19.45
CA GLY D 103 2.81 27.08 -19.77
C GLY D 103 3.86 28.16 -19.56
N VAL D 104 5.12 27.72 -19.44
CA VAL D 104 6.14 28.69 -19.04
C VAL D 104 6.61 29.57 -20.18
N VAL D 105 6.59 29.08 -21.43
CA VAL D 105 6.98 29.92 -22.57
C VAL D 105 6.13 31.17 -22.62
N TYR D 106 4.94 31.14 -22.02
CA TYR D 106 4.14 32.34 -21.85
C TYR D 106 4.78 33.35 -20.90
N ASP D 107 5.80 32.97 -20.11
CA ASP D 107 6.50 33.98 -19.34
C ASP D 107 7.18 34.99 -20.24
N ALA D 108 7.39 34.61 -21.51
CA ALA D 108 7.90 35.48 -22.57
C ALA D 108 6.79 36.04 -23.44
N LEU D 109 5.99 35.16 -24.06
CA LEU D 109 4.93 35.59 -24.97
C LEU D 109 3.96 36.59 -24.34
N GLY D 110 3.94 36.69 -23.01
CA GLY D 110 3.03 37.61 -22.36
C GLY D 110 3.41 39.07 -22.46
N TYR D 111 4.58 39.39 -23.00
CA TYR D 111 4.95 40.79 -23.15
C TYR D 111 4.08 41.48 -24.20
N THR D 112 3.75 40.76 -25.26
CA THR D 112 3.04 41.31 -26.39
C THR D 112 1.59 40.90 -26.41
N ASP D 113 1.09 40.35 -25.31
CA ASP D 113 -0.33 40.12 -25.15
C ASP D 113 -0.91 41.29 -24.36
N MET D 114 -1.01 42.42 -25.06
CA MET D 114 -1.48 43.66 -24.45
C MET D 114 -2.46 44.42 -25.34
N LEU D 115 -2.94 43.81 -26.42
CA LEU D 115 -3.87 44.51 -27.30
C LEU D 115 -5.25 44.58 -26.63
N PRO D 116 -6.05 45.60 -26.96
CA PRO D 116 -7.37 45.72 -26.31
C PRO D 116 -8.23 44.51 -26.48
N GLU D 117 -8.04 43.76 -27.57
CA GLU D 117 -8.78 42.53 -27.79
C GLU D 117 -7.87 41.42 -28.35
N PHE D 118 -7.14 41.72 -29.40
CA PHE D 118 -6.39 40.67 -30.10
C PHE D 118 -4.98 40.55 -29.57
N GLY D 119 -4.03 40.27 -30.45
CA GLY D 119 -2.67 40.08 -29.99
C GLY D 119 -2.40 38.62 -29.75
N GLY D 120 -1.44 38.36 -28.87
CA GLY D 120 -0.95 37.04 -28.53
C GLY D 120 -1.28 35.91 -29.47
N ASP D 121 -1.10 36.12 -30.78
CA ASP D 121 -1.49 35.07 -31.71
C ASP D 121 -0.72 33.77 -31.52
N THR D 122 0.33 33.75 -30.71
CA THR D 122 1.13 32.54 -30.55
C THR D 122 0.91 31.80 -29.23
N ALA D 123 0.23 32.42 -28.26
CA ALA D 123 -0.06 31.74 -27.01
C ALA D 123 -1.26 30.82 -27.18
N TYR D 124 -1.20 29.95 -28.18
CA TYR D 124 -2.26 29.00 -28.46
C TYR D 124 -2.70 28.28 -27.21
N SER D 125 -3.97 27.89 -27.19
CA SER D 125 -4.52 27.19 -26.05
C SER D 125 -4.32 25.70 -26.28
N ASP D 126 -3.93 24.98 -25.21
CA ASP D 126 -3.70 23.54 -25.27
C ASP D 126 -2.62 23.19 -26.28
N ASP D 127 -1.48 23.88 -26.18
CA ASP D 127 -0.39 23.79 -27.14
C ASP D 127 0.93 23.76 -26.38
N PHE D 128 1.08 22.72 -25.56
CA PHE D 128 2.32 22.51 -24.82
C PHE D 128 2.56 23.70 -23.91
N PHE D 129 3.57 24.53 -24.21
CA PHE D 129 4.05 25.51 -23.24
C PHE D 129 3.69 26.95 -23.55
N VAL D 130 3.05 27.23 -24.68
CA VAL D 130 2.85 28.63 -25.05
C VAL D 130 1.62 29.23 -24.39
N GLY D 131 0.61 28.42 -24.07
CA GLY D 131 -0.58 28.92 -23.40
C GLY D 131 -1.11 28.03 -22.30
N ARG D 132 -2.34 28.31 -21.85
CA ARG D 132 -2.99 27.48 -20.84
C ARG D 132 -3.01 26.02 -21.26
N VAL D 133 -2.72 25.13 -20.32
CA VAL D 133 -2.65 23.72 -20.66
C VAL D 133 -2.95 22.88 -19.42
N GLY D 134 -3.45 21.66 -19.64
CA GLY D 134 -3.89 20.86 -18.52
C GLY D 134 -2.83 19.95 -17.95
N GLY D 135 -2.58 20.08 -16.64
CA GLY D 135 -1.75 19.14 -15.94
C GLY D 135 -0.27 19.47 -15.96
N VAL D 136 0.08 20.69 -15.58
CA VAL D 136 1.46 21.14 -15.56
C VAL D 136 1.85 21.38 -14.11
N ALA D 137 2.96 20.78 -13.69
CA ALA D 137 3.55 21.10 -12.40
C ALA D 137 4.52 22.25 -12.61
N THR D 138 4.40 23.29 -11.78
CA THR D 138 5.10 24.55 -12.02
C THR D 138 5.78 25.03 -10.76
N TYR D 139 7.10 25.01 -10.78
CA TYR D 139 7.92 25.61 -9.74
C TYR D 139 8.32 27.01 -10.13
N ARG D 140 8.06 27.97 -9.27
CA ARG D 140 8.45 29.34 -9.53
C ARG D 140 9.29 29.86 -8.37
N ASN D 141 10.25 30.70 -8.72
CA ASN D 141 11.11 31.36 -7.75
C ASN D 141 11.23 32.82 -8.16
N SER D 142 10.89 33.71 -7.24
CA SER D 142 10.88 35.14 -7.50
C SER D 142 12.01 35.79 -6.72
N ASN D 143 12.77 36.65 -7.41
CA ASN D 143 13.88 37.41 -6.82
C ASN D 143 15.02 36.52 -6.36
N PHE D 144 15.24 35.41 -7.07
CA PHE D 144 16.30 34.45 -6.81
C PHE D 144 16.54 34.22 -5.33
N PHE D 145 15.63 33.50 -4.68
CA PHE D 145 15.79 33.08 -3.29
C PHE D 145 16.06 34.25 -2.35
N GLY D 146 15.66 35.45 -2.73
CA GLY D 146 15.86 36.62 -1.89
C GLY D 146 17.21 37.28 -2.02
N LEU D 147 18.03 36.86 -2.97
CA LEU D 147 19.40 37.34 -3.09
C LEU D 147 19.56 38.37 -4.20
N VAL D 148 19.31 37.98 -5.45
CA VAL D 148 19.47 38.87 -6.59
C VAL D 148 18.08 39.41 -6.92
N ASP D 149 17.77 40.57 -6.34
CA ASP D 149 16.46 41.21 -6.51
C ASP D 149 16.12 41.47 -7.99
N GLY D 150 14.90 41.08 -8.36
CA GLY D 150 14.39 41.26 -9.70
C GLY D 150 14.59 40.08 -10.61
N LEU D 151 15.36 39.08 -10.20
CA LEU D 151 15.69 37.93 -11.04
C LEU D 151 14.70 36.81 -10.76
N ASN D 152 13.95 36.41 -11.77
CA ASN D 152 12.92 35.39 -11.59
C ASN D 152 13.13 34.23 -12.56
N PHE D 153 12.75 33.03 -12.12
CA PHE D 153 12.77 31.85 -12.98
C PHE D 153 11.71 30.86 -12.55
N ALA D 154 11.45 29.88 -13.42
CA ALA D 154 10.43 28.88 -13.19
C ALA D 154 10.75 27.60 -13.93
N VAL D 155 10.43 26.47 -13.33
CA VAL D 155 10.59 25.16 -13.95
C VAL D 155 9.23 24.49 -14.00
N GLN D 156 8.92 23.85 -15.12
CA GLN D 156 7.58 23.33 -15.31
C GLN D 156 7.66 21.99 -16.02
N TYR D 157 7.03 20.98 -15.43
CA TYR D 157 6.89 19.68 -16.06
C TYR D 157 5.45 19.52 -16.51
N LEU D 158 5.27 19.10 -17.76
CA LEU D 158 3.97 18.96 -18.38
C LEU D 158 3.71 17.48 -18.63
N GLY D 159 2.74 16.92 -17.95
CA GLY D 159 2.40 15.53 -18.17
C GLY D 159 1.68 15.34 -19.49
N LYS D 160 1.72 14.09 -19.96
CA LYS D 160 1.09 13.77 -21.22
C LYS D 160 -0.42 13.94 -21.11
N ASN D 161 -1.04 14.23 -22.26
CA ASN D 161 -2.49 14.27 -22.40
C ASN D 161 -2.81 13.66 -23.75
N GLU D 162 -3.12 12.38 -23.77
CA GLU D 162 -3.46 11.70 -25.02
C GLU D 162 -4.96 11.85 -25.21
N ARG D 163 -5.36 12.93 -25.88
CA ARG D 163 -6.77 13.23 -26.01
C ARG D 163 -7.32 12.68 -27.33
N ASP D 164 -8.61 12.91 -27.55
CA ASP D 164 -9.29 12.36 -28.73
C ASP D 164 -8.86 13.04 -30.02
N THR D 165 -8.40 14.29 -29.95
CA THR D 165 -8.04 15.11 -31.11
C THR D 165 -6.54 15.37 -31.06
N ALA D 166 -5.90 15.35 -32.24
CA ALA D 166 -4.47 15.62 -32.28
C ALA D 166 -4.15 17.00 -31.73
N ARG D 167 -5.01 17.98 -31.98
CA ARG D 167 -4.70 19.36 -31.67
C ARG D 167 -4.56 19.61 -30.18
N ARG D 168 -5.33 18.91 -29.37
CA ARG D 168 -5.31 19.17 -27.94
C ARG D 168 -4.49 18.15 -27.17
N SER D 169 -4.04 17.08 -27.85
CA SER D 169 -3.15 16.13 -27.21
C SER D 169 -1.78 16.76 -27.02
N ASN D 170 -1.00 16.16 -26.13
CA ASN D 170 0.41 16.49 -25.96
C ASN D 170 1.07 15.39 -25.16
N GLY D 171 2.36 15.20 -25.41
CA GLY D 171 3.12 14.25 -24.62
C GLY D 171 3.73 14.91 -23.43
N ASP D 172 4.38 14.09 -22.61
CA ASP D 172 5.05 14.62 -21.44
C ASP D 172 6.34 15.36 -21.84
N GLY D 173 6.67 16.40 -21.06
CA GLY D 173 7.77 17.28 -21.39
C GLY D 173 8.07 18.24 -20.27
N VAL D 174 9.09 19.08 -20.47
CA VAL D 174 9.59 20.02 -19.47
C VAL D 174 9.93 21.38 -20.08
N GLY D 175 9.98 22.41 -19.22
CA GLY D 175 10.36 23.74 -19.67
C GLY D 175 10.68 24.66 -18.50
N GLY D 176 11.24 25.82 -18.84
CA GLY D 176 11.67 26.80 -17.86
C GLY D 176 11.87 28.17 -18.47
N SER D 177 12.02 29.16 -17.60
CA SER D 177 12.10 30.55 -18.00
C SER D 177 12.92 31.32 -16.98
N ILE D 178 13.56 32.40 -17.43
CA ILE D 178 14.22 33.37 -16.55
C ILE D 178 13.90 34.77 -17.03
N SER D 179 13.69 35.69 -16.09
CA SER D 179 13.48 37.08 -16.45
C SER D 179 14.10 37.99 -15.41
N TYR D 180 14.77 39.04 -15.89
CA TYR D 180 15.29 40.11 -15.06
C TYR D 180 14.55 41.38 -15.45
N GLU D 181 14.17 42.16 -14.46
CA GLU D 181 13.51 43.44 -14.68
C GLU D 181 14.23 44.49 -13.87
N TYR D 182 14.63 45.59 -14.53
CA TYR D 182 15.42 46.64 -13.89
C TYR D 182 14.94 47.99 -14.37
N GLU D 183 14.44 48.81 -13.43
CA GLU D 183 14.15 50.22 -13.66
C GLU D 183 13.34 50.44 -14.93
N GLY D 184 12.22 49.73 -15.03
CA GLY D 184 11.28 49.88 -16.11
C GLY D 184 11.50 48.91 -17.26
N PHE D 185 12.74 48.45 -17.44
CA PHE D 185 13.14 47.62 -18.55
C PHE D 185 13.00 46.15 -18.15
N GLY D 186 12.77 45.30 -19.15
CA GLY D 186 12.61 43.88 -18.90
C GLY D 186 13.17 42.98 -19.99
N ILE D 187 13.86 41.92 -19.59
CA ILE D 187 14.40 40.92 -20.51
C ILE D 187 13.93 39.55 -20.02
N VAL D 188 13.56 38.65 -20.96
CA VAL D 188 13.05 37.33 -20.60
C VAL D 188 13.32 36.37 -21.75
N GLY D 189 13.54 35.09 -21.40
CA GLY D 189 13.53 34.01 -22.36
C GLY D 189 13.03 32.71 -21.75
N ALA D 190 12.54 31.82 -22.62
CA ALA D 190 12.02 30.53 -22.15
C ALA D 190 12.03 29.52 -23.29
N TYR D 191 12.15 28.23 -22.91
CA TYR D 191 12.22 27.08 -23.81
C TYR D 191 11.46 25.94 -23.17
N GLY D 192 10.86 25.11 -24.02
CA GLY D 192 10.19 23.92 -23.54
C GLY D 192 10.18 22.88 -24.64
N ALA D 193 10.16 21.61 -24.23
CA ALA D 193 10.07 20.52 -25.18
C ALA D 193 9.23 19.41 -24.58
N ALA D 194 8.76 18.54 -25.43
CA ALA D 194 7.80 17.51 -25.03
C ALA D 194 7.68 16.52 -26.17
N ASP D 195 7.29 15.30 -25.83
CA ASP D 195 7.06 14.29 -26.84
C ASP D 195 5.81 14.64 -27.65
N ARG D 196 5.62 13.95 -28.74
CA ARG D 196 4.42 14.10 -29.55
C ARG D 196 3.60 12.81 -29.45
N THR D 197 2.31 12.93 -29.19
CA THR D 197 1.49 11.75 -29.10
C THR D 197 1.37 11.09 -30.47
N ASN D 198 1.12 9.78 -30.45
CA ASN D 198 1.06 9.02 -31.70
C ASN D 198 -0.05 9.54 -32.59
N LEU D 199 -1.11 10.08 -31.99
CA LEU D 199 -2.16 10.72 -32.75
C LEU D 199 -1.63 11.94 -33.49
N GLN D 200 -0.76 12.72 -32.84
CA GLN D 200 -0.20 13.89 -33.50
C GLN D 200 0.75 13.50 -34.62
N GLU D 201 1.57 12.47 -34.41
CA GLU D 201 2.55 12.08 -35.39
C GLU D 201 1.93 11.54 -36.67
N ALA D 202 0.71 11.03 -36.59
CA ALA D 202 0.02 10.49 -37.76
C ALA D 202 -0.62 11.56 -38.61
N GLN D 203 -0.69 12.78 -38.12
CA GLN D 203 -1.33 13.84 -38.87
C GLN D 203 -0.50 14.16 -40.13
N PRO D 204 -1.16 14.63 -41.20
CA PRO D 204 -0.40 14.90 -42.44
C PRO D 204 0.53 16.09 -42.32
N LEU D 205 0.19 17.06 -41.51
CA LEU D 205 1.01 18.25 -41.34
C LEU D 205 1.82 18.09 -40.06
N GLY D 206 3.13 18.19 -40.19
CA GLY D 206 3.96 17.98 -39.03
C GLY D 206 4.65 16.63 -39.05
N ASN D 207 5.98 16.65 -39.14
CA ASN D 207 6.77 15.45 -38.97
C ASN D 207 7.87 15.71 -37.96
N GLY D 208 7.87 14.91 -36.92
CA GLY D 208 8.80 15.05 -35.83
C GLY D 208 8.30 14.26 -34.65
N LYS D 209 9.23 13.93 -33.76
CA LYS D 209 8.88 13.19 -32.56
C LYS D 209 8.97 14.04 -31.32
N LYS D 210 9.46 15.26 -31.41
CA LYS D 210 9.56 16.10 -30.24
C LYS D 210 9.14 17.51 -30.63
N ALA D 211 8.30 18.12 -29.81
CA ALA D 211 7.86 19.49 -30.04
C ALA D 211 8.68 20.42 -29.17
N GLU D 212 9.03 21.57 -29.72
CA GLU D 212 9.95 22.49 -29.07
C GLU D 212 9.35 23.87 -29.23
N GLN D 213 9.46 24.68 -28.19
CA GLN D 213 8.89 26.03 -28.22
C GLN D 213 9.80 26.91 -27.39
N TRP D 214 10.32 27.99 -27.99
CA TRP D 214 11.12 28.91 -27.23
C TRP D 214 10.81 30.33 -27.68
N ALA D 215 11.09 31.28 -26.79
CA ALA D 215 10.74 32.66 -27.05
C ALA D 215 11.52 33.57 -26.11
N THR D 216 11.81 34.77 -26.63
CA THR D 216 12.54 35.80 -25.93
C THR D 216 11.79 37.11 -26.03
N GLY D 217 11.95 37.96 -25.03
CA GLY D 217 11.18 39.20 -24.96
C GLY D 217 11.96 40.32 -24.31
N LEU D 218 11.68 41.54 -24.78
CA LEU D 218 12.23 42.76 -24.21
C LEU D 218 11.09 43.75 -23.99
N LYS D 219 11.16 44.55 -22.93
CA LYS D 219 10.05 45.46 -22.66
C LYS D 219 10.50 46.68 -21.87
N TYR D 220 9.80 47.78 -22.08
CA TYR D 220 9.90 48.98 -21.25
C TYR D 220 8.51 49.30 -20.72
N ASP D 221 8.40 49.47 -19.39
CA ASP D 221 7.11 49.66 -18.74
C ASP D 221 7.27 50.66 -17.60
N ALA D 222 7.32 51.93 -17.96
CA ALA D 222 7.32 53.00 -16.97
C ALA D 222 6.95 54.29 -17.68
N ASN D 223 6.79 55.34 -16.88
CA ASN D 223 6.40 56.67 -17.33
C ASN D 223 5.35 56.62 -18.44
N ASN D 224 4.24 55.96 -18.11
CA ASN D 224 3.08 55.87 -18.98
C ASN D 224 3.37 55.23 -20.32
N ILE D 225 4.60 54.75 -20.55
CA ILE D 225 4.94 54.14 -21.82
C ILE D 225 5.15 52.66 -21.59
N TYR D 226 4.70 51.86 -22.54
CA TYR D 226 4.92 50.41 -22.54
C TYR D 226 5.31 50.00 -23.95
N LEU D 227 6.53 49.52 -24.09
CA LEU D 227 7.02 49.04 -25.36
C LEU D 227 7.53 47.62 -25.22
N ALA D 228 7.27 46.78 -26.21
CA ALA D 228 7.63 45.38 -26.06
C ALA D 228 7.78 44.72 -27.41
N ALA D 229 8.73 43.79 -27.47
CA ALA D 229 8.98 42.99 -28.67
C ALA D 229 9.20 41.54 -28.25
N ASN D 230 8.67 40.62 -29.06
CA ASN D 230 8.79 39.19 -28.81
C ASN D 230 9.23 38.51 -30.08
N TYR D 231 10.24 37.65 -29.95
CA TYR D 231 10.65 36.75 -31.02
C TYR D 231 10.77 35.36 -30.45
N GLY D 232 10.28 34.38 -31.21
CA GLY D 232 10.39 32.99 -30.80
C GLY D 232 10.33 32.07 -31.99
N GLU D 233 10.77 30.84 -31.77
CA GLU D 233 10.73 29.80 -32.78
C GLU D 233 10.17 28.53 -32.19
N THR D 234 9.54 27.71 -33.03
CA THR D 234 8.98 26.45 -32.60
C THR D 234 9.24 25.40 -33.67
N ARG D 235 9.25 24.15 -33.24
CA ARG D 235 9.39 23.01 -34.12
C ARG D 235 8.37 21.95 -33.72
N ASN D 236 7.55 21.53 -34.67
CA ASN D 236 6.57 20.45 -34.52
C ASN D 236 5.48 20.78 -33.48
N ALA D 237 5.34 22.04 -33.09
CA ALA D 237 4.46 22.43 -31.99
C ALA D 237 3.39 23.45 -32.36
N THR D 238 3.57 24.23 -33.40
CA THR D 238 2.47 25.17 -33.61
C THR D 238 1.39 24.54 -34.49
N PRO D 239 0.10 24.67 -34.16
CA PRO D 239 -0.94 23.97 -34.94
C PRO D 239 -1.37 24.74 -36.18
N ILE D 240 -1.63 23.99 -37.25
CA ILE D 240 -2.00 24.59 -38.53
C ILE D 240 -3.13 23.78 -39.15
N THR D 241 -3.87 24.44 -40.05
CA THR D 241 -4.96 23.78 -40.74
C THR D 241 -4.93 24.24 -42.18
N ASN D 242 -4.79 23.30 -43.10
CA ASN D 242 -4.78 23.60 -44.53
C ASN D 242 -6.23 23.61 -45.01
N LYS D 243 -6.83 24.80 -45.02
CA LYS D 243 -8.24 24.96 -45.40
C LYS D 243 -8.51 24.58 -46.84
N PHE D 244 -7.49 24.28 -47.65
CA PHE D 244 -7.79 23.86 -49.00
C PHE D 244 -8.10 22.37 -49.07
N THR D 245 -7.31 21.54 -48.39
CA THR D 245 -7.56 20.10 -48.32
C THR D 245 -8.30 19.71 -47.05
N ASN D 246 -8.72 20.69 -46.28
CA ASN D 246 -9.37 20.46 -44.99
C ASN D 246 -8.55 19.47 -44.17
N THR D 247 -7.25 19.72 -44.13
CA THR D 247 -6.29 18.86 -43.49
C THR D 247 -5.65 19.56 -42.31
N SER D 248 -5.43 18.82 -41.23
CA SER D 248 -4.90 19.38 -40.00
C SER D 248 -3.52 18.82 -39.69
N GLY D 249 -2.86 19.48 -38.74
CA GLY D 249 -1.57 19.02 -38.27
C GLY D 249 -0.84 20.11 -37.51
N PHE D 250 0.49 20.06 -37.60
CA PHE D 250 1.38 20.98 -36.91
C PHE D 250 2.46 21.47 -37.84
N ALA D 251 2.96 22.67 -37.55
CA ALA D 251 4.00 23.30 -38.34
C ALA D 251 5.37 22.79 -37.93
N ASN D 252 6.08 22.21 -38.90
CA ASN D 252 7.42 21.69 -38.64
C ASN D 252 8.32 22.75 -38.03
N LYS D 253 8.22 23.98 -38.53
CA LYS D 253 9.02 25.09 -38.02
C LYS D 253 8.20 26.36 -38.15
N THR D 254 8.27 27.24 -37.16
CA THR D 254 7.72 28.58 -37.31
C THR D 254 8.64 29.60 -36.63
N GLN D 255 8.57 30.84 -37.14
CA GLN D 255 9.32 31.98 -36.61
C GLN D 255 8.35 33.12 -36.36
N ASP D 256 8.26 33.58 -35.12
CA ASP D 256 7.19 34.48 -34.70
C ASP D 256 7.77 35.76 -34.15
N VAL D 257 7.29 36.89 -34.68
CA VAL D 257 7.69 38.22 -34.25
C VAL D 257 6.46 38.91 -33.72
N LEU D 258 6.59 39.56 -32.58
CA LEU D 258 5.50 40.32 -32.00
C LEU D 258 6.05 41.66 -31.54
N LEU D 259 5.40 42.74 -31.97
CA LEU D 259 5.82 44.09 -31.61
C LEU D 259 4.59 44.87 -31.15
N VAL D 260 4.74 45.65 -30.08
CA VAL D 260 3.63 46.35 -29.45
C VAL D 260 4.13 47.65 -28.84
N ALA D 261 3.45 48.75 -29.14
CA ALA D 261 3.76 50.04 -28.52
C ALA D 261 2.47 50.71 -28.06
N GLN D 262 2.47 51.23 -26.83
CA GLN D 262 1.32 51.99 -26.37
C GLN D 262 1.75 53.01 -25.31
N TYR D 263 0.90 54.02 -25.11
CA TYR D 263 1.09 55.08 -24.11
C TYR D 263 -0.23 55.25 -23.37
N GLN D 264 -0.16 55.65 -22.10
CA GLN D 264 -1.34 55.69 -21.26
C GLN D 264 -1.57 57.11 -20.76
N PHE D 265 -2.58 57.78 -21.29
CA PHE D 265 -2.89 59.12 -20.85
C PHE D 265 -3.61 59.08 -19.51
N ASP D 266 -3.51 60.18 -18.78
CA ASP D 266 -4.13 60.30 -17.46
C ASP D 266 -5.64 60.20 -17.51
N PHE D 267 -6.28 60.60 -18.61
CA PHE D 267 -7.74 60.60 -18.67
C PHE D 267 -8.29 59.25 -19.13
N GLY D 268 -7.45 58.23 -19.22
CA GLY D 268 -7.88 56.87 -19.39
C GLY D 268 -7.74 56.33 -20.79
N LEU D 269 -7.50 57.17 -21.78
CA LEU D 269 -7.32 56.63 -23.11
C LEU D 269 -5.94 56.01 -23.19
N ARG D 270 -5.87 54.80 -23.76
CA ARG D 270 -4.62 54.07 -23.94
C ARG D 270 -4.56 53.64 -25.39
N PRO D 271 -3.91 54.44 -26.25
CA PRO D 271 -3.76 54.03 -27.64
C PRO D 271 -2.73 52.91 -27.75
N SER D 272 -2.88 52.08 -28.78
CA SER D 272 -1.88 51.04 -29.04
C SER D 272 -1.80 50.78 -30.53
N ILE D 273 -0.57 50.65 -31.02
CA ILE D 273 -0.29 50.20 -32.38
C ILE D 273 0.68 49.04 -32.25
N ALA D 274 0.55 48.05 -33.13
CA ALA D 274 1.33 46.83 -33.00
C ALA D 274 1.47 46.15 -34.35
N TYR D 275 2.49 45.30 -34.46
CA TYR D 275 2.75 44.48 -35.63
C TYR D 275 3.00 43.07 -35.17
N THR D 276 2.65 42.10 -36.01
CA THR D 276 2.74 40.71 -35.60
C THR D 276 2.85 39.81 -36.82
N LYS D 277 3.94 39.06 -36.91
CA LYS D 277 4.20 38.17 -38.04
C LYS D 277 4.65 36.82 -37.49
N SER D 278 3.98 35.76 -37.94
CA SER D 278 4.34 34.40 -37.59
C SER D 278 4.45 33.62 -38.88
N LYS D 279 5.68 33.24 -39.24
CA LYS D 279 5.97 32.55 -40.48
C LYS D 279 6.36 31.12 -40.17
N ALA D 280 5.80 30.17 -40.93
CA ALA D 280 6.07 28.75 -40.76
C ALA D 280 6.84 28.21 -41.96
N LYS D 281 7.74 27.26 -41.72
CA LYS D 281 8.52 26.67 -42.80
C LYS D 281 8.39 25.15 -42.81
N ASP D 282 8.70 24.62 -44.00
CA ASP D 282 8.77 23.18 -44.24
C ASP D 282 7.42 22.50 -44.05
N VAL D 283 6.33 23.25 -44.26
CA VAL D 283 4.98 22.68 -44.21
C VAL D 283 4.80 21.74 -45.39
N GLU D 284 4.51 20.48 -45.11
CA GLU D 284 4.45 19.48 -46.17
C GLU D 284 3.47 19.89 -47.25
N GLY D 285 3.92 19.85 -48.51
CA GLY D 285 3.11 20.23 -49.64
C GLY D 285 3.11 21.71 -49.94
N ILE D 286 3.54 22.55 -49.02
CA ILE D 286 3.46 23.99 -49.15
C ILE D 286 4.86 24.62 -49.20
N GLY D 287 5.74 24.20 -48.31
CA GLY D 287 7.02 24.87 -48.13
C GLY D 287 6.92 25.94 -47.04
N ASP D 288 7.15 27.19 -47.43
CA ASP D 288 6.96 28.33 -46.53
C ASP D 288 5.59 28.95 -46.79
N VAL D 289 4.95 29.44 -45.73
CA VAL D 289 3.63 30.06 -45.79
C VAL D 289 3.35 30.82 -44.50
N ASP D 290 2.86 32.04 -44.64
CA ASP D 290 2.62 32.88 -43.48
C ASP D 290 1.38 32.41 -42.75
N LEU D 291 1.41 32.51 -41.42
CA LEU D 291 0.27 32.16 -40.58
C LEU D 291 -0.42 33.37 -39.96
N VAL D 292 0.36 34.37 -39.55
CA VAL D 292 -0.13 35.60 -38.95
C VAL D 292 0.72 36.73 -39.51
N ASN D 293 0.08 37.76 -40.07
CA ASN D 293 0.83 38.83 -40.73
C ASN D 293 -0.06 40.06 -40.75
N TYR D 294 0.13 40.97 -39.81
CA TYR D 294 -0.81 42.07 -39.70
C TYR D 294 -0.23 43.24 -38.92
N PHE D 295 -0.85 44.41 -39.14
CA PHE D 295 -0.66 45.62 -38.35
C PHE D 295 -1.93 45.86 -37.54
N GLU D 296 -1.75 46.34 -36.31
CA GLU D 296 -2.87 46.64 -35.43
C GLU D 296 -2.74 48.07 -34.92
N VAL D 297 -3.87 48.78 -34.88
CA VAL D 297 -3.97 50.08 -34.22
C VAL D 297 -5.25 50.09 -33.40
N GLY D 298 -5.22 50.67 -32.21
CA GLY D 298 -6.44 50.64 -31.41
C GLY D 298 -6.27 51.35 -30.08
N ALA D 299 -7.35 51.33 -29.29
CA ALA D 299 -7.29 52.00 -28.00
C ALA D 299 -8.34 51.46 -27.03
N THR D 300 -8.05 51.70 -25.76
CA THR D 300 -8.97 51.44 -24.67
C THR D 300 -9.25 52.76 -23.99
N TYR D 301 -10.49 52.97 -23.58
CA TYR D 301 -10.82 54.06 -22.67
C TYR D 301 -11.17 53.43 -21.32
N TYR D 302 -10.45 53.83 -20.29
CA TYR D 302 -10.63 53.27 -18.96
C TYR D 302 -11.40 54.29 -18.12
N PHE D 303 -12.70 54.06 -17.96
CA PHE D 303 -13.50 54.94 -17.09
C PHE D 303 -13.06 54.82 -15.64
N ASN D 304 -12.86 53.58 -15.18
CA ASN D 304 -12.28 53.31 -13.86
C ASN D 304 -11.83 51.84 -13.85
N LYS D 305 -11.46 51.32 -12.68
CA LYS D 305 -10.83 49.99 -12.65
C LYS D 305 -11.68 48.78 -13.16
N ASN D 306 -12.98 48.70 -12.75
CA ASN D 306 -14.33 48.32 -13.34
C ASN D 306 -14.73 48.45 -14.81
N MET D 307 -14.63 49.60 -15.46
CA MET D 307 -15.37 49.81 -16.67
C MET D 307 -14.41 50.30 -17.70
N SER D 308 -14.56 49.77 -18.90
CA SER D 308 -13.66 50.10 -19.97
C SER D 308 -14.36 49.84 -21.29
N THR D 309 -14.01 50.63 -22.28
CA THR D 309 -14.42 50.37 -23.65
C THR D 309 -13.20 50.48 -24.55
N TYR D 310 -13.28 49.84 -25.70
CA TYR D 310 -12.12 49.76 -26.56
C TYR D 310 -12.53 49.50 -28.00
N VAL D 311 -11.63 49.87 -28.90
CA VAL D 311 -11.73 49.53 -30.31
C VAL D 311 -10.40 48.98 -30.74
N ASP D 312 -10.43 47.93 -31.55
CA ASP D 312 -9.22 47.24 -31.94
C ASP D 312 -9.37 46.91 -33.41
N TYR D 313 -8.53 47.53 -34.25
CA TYR D 313 -8.51 47.34 -35.68
C TYR D 313 -7.29 46.52 -36.07
N ILE D 314 -7.53 45.47 -36.84
CA ILE D 314 -6.48 44.58 -37.32
C ILE D 314 -6.35 44.84 -38.81
N ILE D 315 -5.29 45.54 -39.22
CA ILE D 315 -4.98 45.70 -40.65
C ILE D 315 -4.25 44.44 -41.10
N ASN D 316 -4.96 43.59 -41.82
CA ASN D 316 -4.52 42.24 -42.09
C ASN D 316 -3.80 42.20 -43.44
N GLN D 317 -2.56 41.73 -43.42
CA GLN D 317 -1.71 41.74 -44.60
C GLN D 317 -1.58 40.40 -45.28
N ILE D 318 -2.20 39.34 -44.77
CA ILE D 318 -2.21 38.05 -45.44
C ILE D 318 -2.73 38.27 -46.85
N ASP D 319 -2.25 37.48 -47.80
CA ASP D 319 -2.68 37.63 -49.18
C ASP D 319 -3.78 36.63 -49.51
N SER D 320 -4.57 36.97 -50.54
CA SER D 320 -5.69 36.11 -50.90
C SER D 320 -5.23 34.76 -51.43
N ASP D 321 -4.11 34.72 -52.14
CA ASP D 321 -3.55 33.51 -52.69
C ASP D 321 -2.87 32.61 -51.65
N ASN D 322 -2.94 32.96 -50.36
CA ASN D 322 -2.28 32.20 -49.30
C ASN D 322 -2.46 30.71 -49.46
N LYS D 323 -1.34 29.99 -49.41
CA LYS D 323 -1.37 28.57 -49.72
C LYS D 323 -2.05 27.73 -48.65
N LEU D 324 -2.15 28.22 -47.41
CA LEU D 324 -2.87 27.50 -46.36
C LEU D 324 -4.31 27.95 -46.19
N GLY D 325 -4.74 28.96 -46.94
CA GLY D 325 -6.10 29.47 -46.79
C GLY D 325 -6.33 30.37 -45.60
N VAL D 326 -5.27 30.91 -44.99
CA VAL D 326 -5.48 31.82 -43.87
C VAL D 326 -6.27 33.03 -44.33
N GLY D 327 -7.26 33.42 -43.54
CA GLY D 327 -8.13 34.51 -43.95
C GLY D 327 -7.35 35.81 -44.06
N SER D 328 -7.64 36.57 -45.13
CA SER D 328 -6.85 37.74 -45.48
C SER D 328 -7.54 39.08 -45.32
N ASP D 329 -8.87 39.13 -45.13
CA ASP D 329 -9.51 40.43 -45.02
C ASP D 329 -9.35 40.95 -43.59
N ASP D 330 -9.28 42.27 -43.44
CA ASP D 330 -9.05 42.81 -42.10
C ASP D 330 -10.34 42.77 -41.26
N THR D 331 -10.23 43.18 -39.99
CA THR D 331 -11.29 43.00 -39.01
C THR D 331 -11.16 44.01 -37.88
N VAL D 332 -12.28 44.45 -37.34
CA VAL D 332 -12.30 45.40 -36.24
C VAL D 332 -13.29 44.96 -35.17
N ALA D 333 -12.95 45.21 -33.92
CA ALA D 333 -13.77 44.80 -32.80
C ALA D 333 -14.16 46.02 -31.99
N VAL D 334 -15.36 45.99 -31.46
CA VAL D 334 -15.84 47.01 -30.54
C VAL D 334 -16.13 46.33 -29.22
N GLY D 335 -15.81 46.98 -28.13
CA GLY D 335 -16.02 46.31 -26.87
C GLY D 335 -16.34 47.21 -25.71
N ILE D 336 -17.27 46.76 -24.87
CA ILE D 336 -17.62 47.45 -23.65
C ILE D 336 -17.57 46.43 -22.52
N VAL D 337 -16.81 46.75 -21.48
CA VAL D 337 -16.36 45.73 -20.55
C VAL D 337 -16.56 46.26 -19.14
N TYR D 338 -17.45 45.60 -18.39
CA TYR D 338 -17.56 45.76 -16.94
C TYR D 338 -16.83 44.62 -16.25
N GLN D 339 -16.11 44.93 -15.18
CA GLN D 339 -15.46 43.86 -14.45
C GLN D 339 -15.43 44.17 -12.96
N PHE D 340 -15.35 43.11 -12.17
CA PHE D 340 -15.25 43.24 -10.72
C PHE D 340 -14.21 42.28 -10.15
N ALA E 1 29.70 -26.55 26.61
CA ALA E 1 29.79 -25.86 27.89
C ALA E 1 28.69 -26.29 28.83
N GLU E 2 29.00 -26.45 30.12
CA GLU E 2 27.95 -26.88 31.04
C GLU E 2 26.98 -25.71 31.21
N ILE E 3 25.82 -25.82 30.55
CA ILE E 3 24.79 -24.78 30.55
C ILE E 3 23.66 -25.10 31.50
N TYR E 4 23.61 -26.31 32.04
CA TYR E 4 22.51 -26.78 32.85
C TYR E 4 23.01 -27.87 33.77
N ASN E 5 22.63 -27.79 35.04
CA ASN E 5 22.99 -28.83 35.99
C ASN E 5 22.21 -28.69 37.29
N LYS E 6 20.94 -29.12 37.28
CA LYS E 6 20.11 -29.19 38.47
C LYS E 6 19.41 -30.55 38.46
N ASP E 7 19.07 -31.02 39.65
CA ASP E 7 18.25 -32.23 39.80
C ASP E 7 18.88 -33.44 39.11
N GLY E 8 20.18 -33.63 39.34
CA GLY E 8 20.86 -34.83 38.87
C GLY E 8 21.22 -34.86 37.40
N ASN E 9 20.52 -34.11 36.54
CA ASN E 9 20.83 -34.04 35.12
C ASN E 9 21.75 -32.85 34.86
N LYS E 10 22.70 -33.04 33.95
CA LYS E 10 23.61 -31.97 33.57
C LYS E 10 23.76 -31.99 32.05
N VAL E 11 23.59 -30.83 31.44
CA VAL E 11 23.62 -30.70 29.98
C VAL E 11 24.83 -29.86 29.59
N ASP E 12 25.54 -30.31 28.57
CA ASP E 12 26.71 -29.62 28.07
C ASP E 12 26.41 -29.34 26.60
N LEU E 13 26.03 -28.10 26.30
CA LEU E 13 25.89 -27.66 24.93
C LEU E 13 27.23 -27.07 24.52
N TYR E 14 27.78 -27.56 23.42
CA TYR E 14 29.14 -27.19 23.06
C TYR E 14 29.25 -27.06 21.55
N GLY E 15 30.34 -26.46 21.12
CA GLY E 15 30.60 -26.31 19.70
C GLY E 15 31.80 -25.41 19.48
N LYS E 16 32.16 -25.29 18.21
CA LYS E 16 33.29 -24.44 17.85
C LYS E 16 33.03 -23.80 16.49
N ALA E 17 33.73 -22.69 16.29
CA ALA E 17 33.75 -21.97 15.03
C ALA E 17 35.18 -21.97 14.50
N VAL E 18 35.35 -22.46 13.28
CA VAL E 18 36.68 -22.71 12.72
C VAL E 18 36.80 -21.91 11.43
N GLY E 19 37.53 -20.81 11.49
CA GLY E 19 37.86 -20.15 10.25
C GLY E 19 39.06 -20.89 9.70
N LEU E 20 38.92 -21.53 8.54
CA LEU E 20 39.97 -22.42 8.07
C LEU E 20 40.08 -22.36 6.55
N HIS E 21 41.33 -22.20 6.09
CA HIS E 21 41.66 -22.10 4.68
C HIS E 21 42.82 -23.04 4.38
N TYR E 22 42.77 -23.68 3.21
CA TYR E 22 43.83 -24.58 2.75
C TYR E 22 44.55 -23.96 1.57
N PHE E 23 45.88 -23.97 1.63
CA PHE E 23 46.73 -23.46 0.56
C PHE E 23 47.52 -24.62 -0.04
N SER E 24 47.45 -24.74 -1.36
CA SER E 24 48.10 -25.82 -2.09
C SER E 24 48.45 -25.33 -3.48
N LYS E 25 49.37 -26.04 -4.12
CA LYS E 25 49.78 -25.68 -5.46
C LYS E 25 48.58 -25.84 -6.40
N GLY E 26 48.50 -24.95 -7.39
CA GLY E 26 47.49 -25.11 -8.42
C GLY E 26 46.09 -24.99 -7.88
N ASN E 27 45.17 -25.77 -8.46
CA ASN E 27 43.80 -25.78 -7.99
C ASN E 27 43.65 -26.52 -6.66
N GLY E 28 44.56 -27.43 -6.36
CA GLY E 28 44.43 -28.34 -5.24
C GLY E 28 43.99 -29.76 -5.56
N GLU E 29 43.86 -30.14 -6.83
CA GLU E 29 43.38 -31.49 -7.15
C GLU E 29 44.43 -32.54 -6.79
N ASN E 30 45.66 -32.38 -7.29
CA ASN E 30 46.73 -33.34 -7.09
C ASN E 30 47.50 -33.10 -5.80
N SER E 31 46.84 -32.59 -4.77
CA SER E 31 47.47 -32.28 -3.51
C SER E 31 46.87 -33.12 -2.39
N TYR E 32 47.49 -33.01 -1.23
CA TYR E 32 47.11 -33.83 -0.09
C TYR E 32 45.73 -33.43 0.40
N GLY E 33 45.53 -32.15 0.64
CA GLY E 33 44.31 -31.72 1.29
C GLY E 33 43.49 -30.76 0.47
N GLY E 34 43.89 -30.53 -0.78
CA GLY E 34 43.13 -29.62 -1.63
C GLY E 34 43.43 -28.16 -1.37
N ASN E 35 42.71 -27.32 -2.10
CA ASN E 35 42.88 -25.86 -2.04
C ASN E 35 41.53 -25.19 -1.92
N GLY E 36 41.35 -24.40 -0.86
CA GLY E 36 40.25 -23.48 -0.84
C GLY E 36 39.83 -23.11 0.58
N ASP E 37 38.60 -22.62 0.68
CA ASP E 37 37.99 -22.32 1.95
C ASP E 37 37.45 -23.62 2.53
N MET E 38 37.81 -23.91 3.77
CA MET E 38 37.33 -25.10 4.45
C MET E 38 36.76 -24.74 5.81
N THR E 39 36.20 -23.53 5.96
CA THR E 39 35.66 -23.11 7.25
C THR E 39 34.53 -24.07 7.64
N TYR E 40 34.44 -24.40 8.93
CA TYR E 40 33.38 -25.29 9.38
C TYR E 40 32.98 -24.93 10.81
N ALA E 41 31.87 -25.51 11.26
CA ALA E 41 31.40 -25.33 12.62
C ALA E 41 30.83 -26.63 13.16
N ARG E 42 30.97 -26.80 14.46
CA ARG E 42 30.47 -27.96 15.18
C ARG E 42 29.57 -27.46 16.28
N LEU E 43 28.49 -28.21 16.50
CA LEU E 43 27.56 -28.02 17.60
C LEU E 43 27.22 -29.40 18.13
N GLY E 44 26.97 -29.47 19.43
CA GLY E 44 26.64 -30.76 20.01
C GLY E 44 26.18 -30.58 21.44
N PHE E 45 25.68 -31.69 21.99
CA PHE E 45 25.35 -31.76 23.42
C PHE E 45 25.76 -33.12 23.94
N LYS E 46 26.23 -33.15 25.19
CA LYS E 46 26.47 -34.39 25.92
C LYS E 46 25.84 -34.23 27.30
N GLY E 47 24.87 -35.10 27.60
CA GLY E 47 24.17 -35.05 28.87
C GLY E 47 24.43 -36.30 29.67
N GLU E 48 24.36 -36.17 31.00
CA GLU E 48 24.71 -37.23 31.93
C GLU E 48 23.90 -37.04 33.21
N THR E 49 23.09 -38.03 33.58
CA THR E 49 22.20 -37.94 34.74
C THR E 49 22.55 -38.96 35.82
N GLN E 50 22.47 -38.52 37.08
CA GLN E 50 22.73 -39.37 38.25
C GLN E 50 21.44 -40.03 38.73
N ILE E 51 21.20 -41.26 38.31
CA ILE E 51 20.03 -41.99 38.77
C ILE E 51 20.13 -42.23 40.28
N ASN E 52 21.22 -42.83 40.72
CA ASN E 52 21.42 -43.09 42.14
C ASN E 52 22.92 -43.11 42.42
N SER E 53 23.28 -43.71 43.56
CA SER E 53 24.67 -43.65 44.02
C SER E 53 25.63 -44.37 43.07
N ASP E 54 25.19 -45.42 42.40
CA ASP E 54 26.07 -46.20 41.55
C ASP E 54 25.75 -46.14 40.06
N LEU E 55 24.57 -45.71 39.68
CA LEU E 55 24.16 -45.79 38.28
C LEU E 55 24.15 -44.40 37.66
N THR E 56 24.43 -44.34 36.36
CA THR E 56 24.46 -43.07 35.64
C THR E 56 24.15 -43.31 34.17
N GLY E 57 23.17 -42.59 33.64
CA GLY E 57 22.80 -42.66 32.24
C GLY E 57 23.27 -41.42 31.49
N TYR E 58 23.56 -41.59 30.20
CA TYR E 58 24.16 -40.51 29.45
C TYR E 58 23.83 -40.68 27.98
N GLY E 59 23.77 -39.55 27.27
CA GLY E 59 23.57 -39.54 25.85
C GLY E 59 24.29 -38.36 25.25
N GLN E 60 24.51 -38.42 23.94
CA GLN E 60 25.33 -37.41 23.28
C GLN E 60 25.03 -37.36 21.80
N TRP E 61 25.03 -36.14 21.23
CA TRP E 61 24.78 -35.85 19.82
C TRP E 61 25.73 -34.73 19.39
N GLU E 62 26.20 -34.80 18.14
CA GLU E 62 27.25 -33.93 17.64
C GLU E 62 27.15 -33.74 16.12
N TYR E 63 27.27 -32.50 15.67
CA TYR E 63 27.04 -32.17 14.26
C TYR E 63 28.17 -31.33 13.67
N ASN E 64 28.42 -31.56 12.39
CA ASN E 64 29.33 -30.77 11.56
C ASN E 64 28.53 -29.92 10.58
N PHE E 65 28.51 -28.62 10.80
CA PHE E 65 27.93 -27.67 9.85
C PHE E 65 29.08 -27.02 9.07
N GLN E 66 29.17 -27.32 7.78
CA GLN E 66 30.23 -26.73 6.96
C GLN E 66 29.91 -25.28 6.63
N GLY E 67 30.93 -24.43 6.74
CA GLY E 67 30.83 -23.02 6.40
C GLY E 67 31.52 -22.60 5.14
N ASN E 68 31.99 -23.53 4.35
CA ASN E 68 32.59 -23.21 3.12
C ASN E 68 31.47 -23.21 2.12
N ASN E 69 30.20 -23.28 2.52
CA ASN E 69 29.47 -23.47 1.28
C ASN E 69 28.46 -22.36 1.25
N SER E 70 27.80 -22.29 0.10
CA SER E 70 26.96 -21.16 -0.28
C SER E 70 25.64 -21.24 0.43
N GLU E 71 24.67 -20.46 -0.02
CA GLU E 71 23.29 -20.65 0.41
C GLU E 71 22.44 -21.16 -0.73
N GLY E 72 23.06 -21.57 -1.82
CA GLY E 72 22.30 -22.04 -2.96
C GLY E 72 22.11 -23.54 -2.96
N ALA E 73 22.14 -24.14 -4.14
CA ALA E 73 21.79 -25.55 -4.29
C ALA E 73 22.76 -26.49 -3.55
N ASP E 74 23.90 -26.01 -3.07
CA ASP E 74 24.91 -26.86 -2.43
C ASP E 74 25.03 -26.66 -0.93
N ALA E 75 24.09 -25.96 -0.29
CA ALA E 75 24.28 -25.43 1.05
C ALA E 75 24.54 -26.50 2.11
N GLN E 76 24.30 -27.77 1.78
CA GLN E 76 24.38 -28.88 2.73
C GLN E 76 25.59 -29.76 2.55
N THR E 77 26.44 -29.49 1.55
CA THR E 77 27.56 -30.38 1.27
C THR E 77 28.40 -30.63 2.51
N GLY E 78 28.61 -31.92 2.81
CA GLY E 78 29.47 -32.25 3.92
C GLY E 78 28.89 -31.98 5.29
N ASN E 79 27.63 -31.60 5.38
CA ASN E 79 26.95 -31.51 6.66
C ASN E 79 26.55 -32.90 7.12
N LYS E 80 26.69 -33.16 8.42
CA LYS E 80 26.56 -34.53 8.88
C LYS E 80 26.42 -34.57 10.40
N THR E 81 25.68 -35.56 10.88
CA THR E 81 25.71 -35.91 12.28
C THR E 81 26.96 -36.76 12.48
N ARG E 82 27.79 -36.39 13.45
CA ARG E 82 28.99 -37.16 13.75
C ARG E 82 28.74 -38.18 14.86
N LEU E 83 28.15 -37.72 15.97
CA LEU E 83 27.88 -38.58 17.12
C LEU E 83 26.40 -38.56 17.44
N ALA E 84 25.93 -39.69 17.96
CA ALA E 84 24.55 -39.86 18.41
C ALA E 84 24.46 -41.20 19.12
N PHE E 85 24.50 -41.19 20.44
CA PHE E 85 24.47 -42.45 21.17
C PHE E 85 24.02 -42.17 22.59
N ALA E 86 23.57 -43.21 23.27
CA ALA E 86 23.24 -43.08 24.67
C ALA E 86 23.59 -44.38 25.40
N GLY E 87 23.75 -44.28 26.71
CA GLY E 87 24.15 -45.44 27.46
C GLY E 87 24.09 -45.21 28.95
N LEU E 88 24.51 -46.23 29.70
CA LEU E 88 24.54 -46.20 31.15
C LEU E 88 25.90 -46.64 31.66
N LYS E 89 26.23 -46.18 32.86
CA LYS E 89 27.51 -46.50 33.51
C LYS E 89 27.21 -46.80 34.96
N TYR E 90 27.42 -48.04 35.35
CA TYR E 90 27.10 -48.54 36.68
C TYR E 90 28.42 -48.68 37.43
N ALA E 91 28.60 -47.83 38.44
CA ALA E 91 29.67 -47.89 39.44
C ALA E 91 30.98 -48.47 38.89
N ASP E 92 31.44 -49.53 39.55
CA ASP E 92 32.67 -50.22 39.17
C ASP E 92 32.41 -51.45 38.30
N VAL E 93 31.26 -51.52 37.64
CA VAL E 93 30.98 -52.65 36.77
C VAL E 93 31.35 -52.35 35.31
N GLY E 94 31.29 -51.07 34.91
CA GLY E 94 31.62 -50.56 33.59
C GLY E 94 30.50 -49.75 32.96
N SER E 95 30.59 -49.50 31.65
CA SER E 95 29.64 -48.65 30.93
C SER E 95 29.19 -49.35 29.64
N PHE E 96 27.94 -49.12 29.25
CA PHE E 96 27.42 -49.62 28.00
C PHE E 96 26.77 -48.47 27.24
N ASP E 97 27.06 -48.35 25.94
CA ASP E 97 26.40 -47.33 25.15
C ASP E 97 26.19 -47.81 23.72
N TYR E 98 25.08 -47.39 23.13
CA TYR E 98 24.74 -47.74 21.75
C TYR E 98 24.34 -46.50 20.97
N GLY E 99 24.66 -46.52 19.67
CA GLY E 99 24.33 -45.49 18.70
C GLY E 99 25.40 -45.45 17.61
N ARG E 100 25.65 -44.22 17.13
CA ARG E 100 26.80 -43.93 16.27
C ARG E 100 27.90 -43.32 17.15
N ASN E 101 29.03 -44.02 17.21
CA ASN E 101 30.12 -43.71 18.14
C ASN E 101 31.42 -44.17 17.49
N TYR E 102 32.52 -44.14 18.24
CA TYR E 102 33.83 -44.43 17.71
C TYR E 102 34.10 -45.92 17.85
N GLY E 103 34.59 -46.54 16.78
CA GLY E 103 35.08 -47.91 16.89
C GLY E 103 36.25 -48.01 17.84
N VAL E 104 36.48 -49.22 18.35
CA VAL E 104 37.45 -49.36 19.42
C VAL E 104 38.90 -49.29 18.93
N VAL E 105 39.17 -49.60 17.67
CA VAL E 105 40.52 -49.46 17.16
C VAL E 105 41.02 -48.02 17.32
N TYR E 106 40.10 -47.05 17.30
CA TYR E 106 40.48 -45.67 17.55
C TYR E 106 40.99 -45.46 18.97
N ASP E 107 40.77 -46.41 19.88
CA ASP E 107 41.37 -46.25 21.19
C ASP E 107 42.89 -46.26 21.11
N ALA E 108 43.44 -46.77 20.01
CA ALA E 108 44.87 -46.70 19.73
C ALA E 108 45.17 -45.54 18.80
N LEU E 109 44.52 -45.52 17.62
CA LEU E 109 44.79 -44.52 16.60
C LEU E 109 44.66 -43.10 17.14
N GLY E 110 44.02 -42.92 18.29
CA GLY E 110 43.94 -41.62 18.91
C GLY E 110 45.25 -41.17 19.53
N TYR E 111 46.25 -42.04 19.59
CA TYR E 111 47.54 -41.60 20.12
C TYR E 111 48.23 -40.64 19.16
N THR E 112 48.13 -40.88 17.85
CA THR E 112 48.81 -40.02 16.89
C THR E 112 47.85 -39.10 16.13
N ASP E 113 46.59 -39.02 16.55
CA ASP E 113 45.66 -38.06 15.97
C ASP E 113 45.56 -36.83 16.88
N MET E 114 46.64 -36.03 16.83
CA MET E 114 46.78 -34.87 17.71
C MET E 114 47.31 -33.64 16.96
N LEU E 115 47.44 -33.71 15.63
CA LEU E 115 47.99 -32.61 14.87
C LEU E 115 47.01 -31.43 14.82
N PRO E 116 47.52 -30.21 14.64
CA PRO E 116 46.63 -29.04 14.62
C PRO E 116 45.54 -29.11 13.58
N GLU E 117 45.76 -29.79 12.46
CA GLU E 117 44.66 -29.99 11.52
C GLU E 117 44.68 -31.39 10.90
N PHE E 118 45.82 -31.84 10.40
CA PHE E 118 45.83 -33.10 9.66
C PHE E 118 46.15 -34.29 10.57
N GLY E 119 46.99 -35.20 10.09
CA GLY E 119 47.32 -36.39 10.82
C GLY E 119 46.20 -37.40 10.77
N GLY E 120 46.24 -38.34 11.72
CA GLY E 120 45.31 -39.46 11.83
C GLY E 120 44.67 -39.96 10.54
N ASP E 121 45.46 -40.11 9.48
CA ASP E 121 44.92 -40.50 8.19
C ASP E 121 44.26 -41.87 8.20
N THR E 122 44.45 -42.67 9.23
CA THR E 122 43.92 -44.02 9.23
C THR E 122 42.63 -44.14 10.01
N ALA E 123 42.23 -43.08 10.72
CA ALA E 123 40.97 -43.07 11.43
C ALA E 123 39.84 -42.77 10.45
N TYR E 124 39.79 -43.52 9.35
CA TYR E 124 38.71 -43.40 8.39
C TYR E 124 37.35 -43.52 9.08
N SER E 125 36.37 -42.77 8.56
CA SER E 125 35.01 -42.82 9.07
C SER E 125 34.16 -43.76 8.23
N ASP E 126 33.21 -44.41 8.89
CA ASP E 126 32.32 -45.37 8.24
C ASP E 126 33.14 -46.50 7.65
N ASP E 127 34.06 -47.00 8.47
CA ASP E 127 35.01 -48.00 8.04
C ASP E 127 35.25 -48.96 9.21
N PHE E 128 34.18 -49.63 9.61
CA PHE E 128 34.26 -50.65 10.65
C PHE E 128 34.72 -50.04 11.98
N PHE E 129 35.90 -50.41 12.45
CA PHE E 129 36.24 -50.14 13.84
C PHE E 129 37.22 -49.00 14.04
N VAL E 130 37.71 -48.39 12.95
CA VAL E 130 38.79 -47.41 13.06
C VAL E 130 38.30 -46.00 13.35
N GLY E 131 37.14 -45.64 12.85
CA GLY E 131 36.59 -44.32 13.12
C GLY E 131 35.11 -44.41 13.40
N ARG E 132 34.44 -43.26 13.43
CA ARG E 132 33.00 -43.21 13.69
C ARG E 132 32.23 -44.11 12.72
N VAL E 133 31.25 -44.83 13.27
CA VAL E 133 30.52 -45.84 12.52
C VAL E 133 29.11 -45.98 13.10
N GLY E 134 28.20 -46.49 12.28
CA GLY E 134 26.81 -46.57 12.65
C GLY E 134 26.43 -47.86 13.35
N GLY E 135 25.82 -47.73 14.52
CA GLY E 135 25.14 -48.83 15.16
C GLY E 135 26.01 -49.72 16.01
N VAL E 136 26.82 -49.16 16.91
CA VAL E 136 27.76 -49.92 17.71
C VAL E 136 27.37 -49.86 19.18
N ALA E 137 27.25 -51.04 19.78
CA ALA E 137 27.18 -51.21 21.23
C ALA E 137 28.60 -51.39 21.76
N THR E 138 28.93 -50.63 22.79
CA THR E 138 30.30 -50.51 23.27
C THR E 138 30.30 -50.65 24.78
N TYR E 139 30.91 -51.72 25.28
CA TYR E 139 31.15 -51.91 26.70
C TYR E 139 32.54 -51.42 27.07
N ARG E 140 32.62 -50.56 28.09
CA ARG E 140 33.88 -50.01 28.58
C ARG E 140 33.98 -50.25 30.07
N ASN E 141 35.21 -50.48 30.52
CA ASN E 141 35.52 -50.71 31.93
C ASN E 141 36.72 -49.85 32.28
N SER E 142 36.56 -49.04 33.33
CA SER E 142 37.56 -48.08 33.75
C SER E 142 38.23 -48.55 35.03
N ASN E 143 39.57 -48.59 35.01
CA ASN E 143 40.35 -48.98 36.18
C ASN E 143 40.04 -50.40 36.62
N PHE E 144 39.79 -51.28 35.65
CA PHE E 144 39.52 -52.69 35.91
C PHE E 144 38.62 -52.97 37.11
N PHE E 145 37.32 -52.77 36.96
CA PHE E 145 36.34 -53.12 37.99
C PHE E 145 36.65 -52.43 39.31
N GLY E 146 37.34 -51.30 39.24
CA GLY E 146 37.72 -50.52 40.40
C GLY E 146 39.01 -50.94 41.05
N LEU E 147 39.76 -51.85 40.45
CA LEU E 147 40.91 -52.49 41.09
C LEU E 147 42.25 -51.98 40.58
N VAL E 148 42.54 -52.15 39.29
CA VAL E 148 43.86 -51.82 38.75
C VAL E 148 43.76 -50.41 38.18
N ASP E 149 44.14 -49.42 39.00
CA ASP E 149 44.15 -48.04 38.55
C ASP E 149 44.97 -47.92 37.28
N GLY E 150 44.37 -47.34 36.25
CA GLY E 150 45.05 -47.19 34.98
C GLY E 150 44.81 -48.30 33.97
N LEU E 151 44.14 -49.38 34.35
CA LEU E 151 43.94 -50.51 33.44
C LEU E 151 42.56 -50.38 32.82
N ASN E 152 42.52 -50.24 31.51
CA ASN E 152 41.29 -50.06 30.76
C ASN E 152 41.19 -51.11 29.66
N PHE E 153 39.95 -51.51 29.38
CA PHE E 153 39.66 -52.39 28.27
C PHE E 153 38.24 -52.13 27.81
N ALA E 154 37.94 -52.60 26.60
CA ALA E 154 36.62 -52.36 26.05
C ALA E 154 36.26 -53.46 25.08
N VAL E 155 34.96 -53.79 25.04
CA VAL E 155 34.40 -54.74 24.11
C VAL E 155 33.31 -54.03 23.32
N GLN E 156 33.24 -54.33 22.02
CA GLN E 156 32.29 -53.63 21.15
C GLN E 156 31.75 -54.57 20.08
N TYR E 157 30.43 -54.61 19.95
CA TYR E 157 29.78 -55.35 18.88
C TYR E 157 29.29 -54.35 17.84
N LEU E 158 29.63 -54.61 16.56
CA LEU E 158 29.37 -53.70 15.45
C LEU E 158 28.28 -54.29 14.57
N GLY E 159 27.15 -53.60 14.51
CA GLY E 159 26.04 -54.04 13.71
C GLY E 159 26.25 -53.87 12.22
N LYS E 160 25.38 -54.53 11.47
CA LYS E 160 25.36 -54.40 10.02
C LYS E 160 24.93 -53.00 9.61
N ASN E 161 25.42 -52.54 8.45
CA ASN E 161 24.93 -51.31 7.82
C ASN E 161 24.98 -51.51 6.30
N GLU E 162 23.87 -51.97 5.70
CA GLU E 162 23.84 -52.20 4.25
C GLU E 162 23.41 -50.92 3.53
N ARG E 163 24.37 -50.07 3.24
CA ARG E 163 24.09 -48.74 2.72
C ARG E 163 24.14 -48.76 1.18
N ASP E 164 23.97 -47.58 0.58
CA ASP E 164 23.90 -47.47 -0.88
C ASP E 164 25.22 -47.80 -1.55
N THR E 165 26.31 -47.52 -0.85
CA THR E 165 27.66 -47.51 -1.38
C THR E 165 28.51 -48.57 -0.69
N ALA E 166 29.37 -49.23 -1.46
CA ALA E 166 30.28 -50.19 -0.84
C ALA E 166 31.13 -49.52 0.22
N ARG E 167 31.49 -48.25 0.03
CA ARG E 167 32.43 -47.61 0.93
C ARG E 167 31.87 -47.43 2.34
N ARG E 168 30.56 -47.23 2.48
CA ARG E 168 30.01 -46.96 3.79
C ARG E 168 29.33 -48.17 4.41
N SER E 169 29.15 -49.24 3.65
CA SER E 169 28.54 -50.45 4.17
C SER E 169 29.50 -51.21 5.09
N ASN E 170 28.91 -52.08 5.91
CA ASN E 170 29.63 -53.04 6.74
C ASN E 170 28.67 -54.12 7.21
N GLY E 171 29.22 -55.31 7.44
CA GLY E 171 28.48 -56.41 8.02
C GLY E 171 28.65 -56.45 9.52
N ASP E 172 28.14 -57.53 10.11
CA ASP E 172 28.29 -57.74 11.54
C ASP E 172 29.77 -57.95 11.89
N GLY E 173 30.14 -57.54 13.11
CA GLY E 173 31.51 -57.78 13.54
C GLY E 173 31.69 -57.49 15.00
N VAL E 174 32.87 -57.87 15.50
CA VAL E 174 33.20 -57.71 16.92
C VAL E 174 34.64 -57.21 17.04
N GLY E 175 34.91 -56.56 18.17
CA GLY E 175 36.22 -56.01 18.45
C GLY E 175 36.32 -55.61 19.90
N GLY E 176 37.55 -55.27 20.29
CA GLY E 176 37.84 -54.90 21.67
C GLY E 176 39.17 -54.20 21.77
N SER E 177 39.44 -53.66 22.96
CA SER E 177 40.64 -52.87 23.17
C SER E 177 41.10 -53.08 24.60
N ILE E 178 42.42 -52.99 24.79
CA ILE E 178 43.03 -53.01 26.13
C ILE E 178 44.06 -51.88 26.19
N SER E 179 44.15 -51.22 27.35
CA SER E 179 45.07 -50.11 27.55
C SER E 179 45.63 -50.09 28.97
N TYR E 180 46.93 -49.83 29.10
CA TYR E 180 47.49 -49.51 30.40
C TYR E 180 48.17 -48.15 30.36
N GLU E 181 47.95 -47.35 31.38
CA GLU E 181 48.56 -46.03 31.51
C GLU E 181 49.11 -45.85 32.91
N TYR E 182 50.37 -45.43 32.99
CA TYR E 182 51.03 -45.20 34.28
C TYR E 182 51.93 -43.97 34.16
N GLU E 183 51.59 -42.94 34.94
CA GLU E 183 52.47 -41.79 35.21
C GLU E 183 53.14 -41.25 33.95
N GLY E 184 52.30 -40.91 32.96
CA GLY E 184 52.74 -40.30 31.72
C GLY E 184 52.94 -41.27 30.58
N PHE E 185 53.21 -42.54 30.88
CA PHE E 185 53.46 -43.49 29.81
C PHE E 185 52.17 -44.19 29.43
N GLY E 186 52.03 -44.49 28.15
CA GLY E 186 50.84 -45.22 27.74
C GLY E 186 51.07 -46.14 26.58
N ILE E 187 50.63 -47.39 26.72
CA ILE E 187 50.70 -48.36 25.64
C ILE E 187 49.33 -49.01 25.53
N VAL E 188 48.87 -49.24 24.29
CA VAL E 188 47.55 -49.80 24.01
C VAL E 188 47.61 -50.53 22.69
N GLY E 189 46.69 -51.47 22.53
CA GLY E 189 46.43 -52.08 21.23
C GLY E 189 44.97 -52.43 21.16
N ALA E 190 44.50 -52.64 19.93
CA ALA E 190 43.09 -52.99 19.78
C ALA E 190 42.92 -53.73 18.47
N TYR E 191 41.88 -54.56 18.41
CA TYR E 191 41.62 -55.41 17.27
C TYR E 191 40.12 -55.51 17.03
N GLY E 192 39.76 -55.64 15.77
CA GLY E 192 38.39 -55.89 15.38
C GLY E 192 38.34 -56.54 14.01
N ALA E 193 37.30 -57.35 13.81
CA ALA E 193 37.06 -57.97 12.51
C ALA E 193 35.56 -58.09 12.29
N ALA E 194 35.18 -58.26 11.02
CA ALA E 194 33.78 -58.18 10.64
C ALA E 194 33.61 -58.71 9.23
N ASP E 195 32.38 -59.14 8.93
CA ASP E 195 32.03 -59.61 7.60
C ASP E 195 31.97 -58.45 6.60
N ARG E 196 32.00 -58.79 5.32
CA ARG E 196 31.90 -57.81 4.24
C ARG E 196 30.59 -58.03 3.52
N THR E 197 29.82 -56.95 3.33
CA THR E 197 28.53 -57.11 2.64
C THR E 197 28.77 -57.48 1.18
N ASN E 198 27.77 -58.13 0.58
CA ASN E 198 27.92 -58.62 -0.79
C ASN E 198 28.25 -57.47 -1.75
N LEU E 199 27.80 -56.27 -1.43
CA LEU E 199 28.17 -55.08 -2.22
C LEU E 199 29.67 -54.82 -2.17
N GLN E 200 30.27 -54.99 -0.98
CA GLN E 200 31.71 -54.76 -0.82
C GLN E 200 32.53 -55.79 -1.59
N GLU E 201 32.10 -57.05 -1.57
CA GLU E 201 32.83 -58.10 -2.27
C GLU E 201 32.78 -57.91 -3.78
N ALA E 202 31.78 -57.18 -4.26
CA ALA E 202 31.59 -56.96 -5.68
C ALA E 202 32.49 -55.85 -6.24
N GLN E 203 33.12 -55.03 -5.40
CA GLN E 203 33.99 -53.97 -5.91
C GLN E 203 35.26 -54.59 -6.50
N PRO E 204 35.89 -53.88 -7.46
CA PRO E 204 37.08 -54.46 -8.10
C PRO E 204 38.30 -54.56 -7.20
N LEU E 205 38.47 -53.64 -6.26
CA LEU E 205 39.63 -53.63 -5.37
C LEU E 205 39.24 -54.18 -4.01
N GLY E 206 39.90 -55.24 -3.60
CA GLY E 206 39.62 -55.87 -2.34
C GLY E 206 38.70 -57.05 -2.55
N ASN E 207 39.21 -58.27 -2.37
CA ASN E 207 38.32 -59.42 -2.42
C ASN E 207 38.68 -60.36 -1.27
N GLY E 208 37.66 -60.73 -0.53
CA GLY E 208 37.74 -61.51 0.69
C GLY E 208 36.36 -61.46 1.30
N LYS E 209 36.08 -62.35 2.24
CA LYS E 209 34.80 -62.37 2.91
C LYS E 209 34.86 -61.81 4.33
N LYS E 210 36.06 -61.48 4.82
CA LYS E 210 36.27 -60.99 6.17
C LYS E 210 37.21 -59.80 6.17
N ALA E 211 36.86 -58.77 6.93
CA ALA E 211 37.69 -57.59 7.11
C ALA E 211 38.31 -57.57 8.50
N GLU E 212 39.55 -57.10 8.61
CA GLU E 212 40.26 -57.07 9.88
C GLU E 212 41.05 -55.78 10.01
N GLN E 213 41.11 -55.27 11.25
CA GLN E 213 41.79 -54.03 11.56
C GLN E 213 42.39 -54.14 12.94
N TRP E 214 43.69 -53.89 13.07
CA TRP E 214 44.33 -53.89 14.38
C TRP E 214 45.42 -52.83 14.43
N ALA E 215 45.74 -52.41 15.64
CA ALA E 215 46.65 -51.30 15.85
C ALA E 215 47.18 -51.31 17.27
N THR E 216 48.39 -50.79 17.42
CA THR E 216 49.04 -50.66 18.70
C THR E 216 49.56 -49.25 18.84
N GLY E 217 49.66 -48.78 20.07
CA GLY E 217 50.06 -47.41 20.29
C GLY E 217 50.98 -47.26 21.47
N LEU E 218 51.92 -46.33 21.36
CA LEU E 218 52.86 -45.96 22.41
C LEU E 218 52.82 -44.45 22.59
N LYS E 219 52.89 -43.99 23.83
CA LYS E 219 52.76 -42.56 24.05
C LYS E 219 53.44 -42.16 25.35
N TYR E 220 53.96 -40.94 25.36
CA TYR E 220 54.38 -40.25 26.56
C TYR E 220 53.70 -38.89 26.61
N ASP E 221 53.08 -38.56 27.73
CA ASP E 221 52.36 -37.30 27.82
C ASP E 221 52.52 -36.76 29.24
N ALA E 222 53.63 -36.10 29.49
CA ALA E 222 53.82 -35.52 30.81
C ALA E 222 54.71 -34.31 30.67
N ASN E 223 54.87 -33.62 31.79
CA ASN E 223 55.47 -32.29 31.79
C ASN E 223 54.82 -31.45 30.70
N ASN E 224 55.55 -31.21 29.61
CA ASN E 224 55.04 -30.48 28.47
C ASN E 224 55.33 -31.21 27.16
N ILE E 225 55.66 -32.49 27.24
CA ILE E 225 56.08 -33.29 26.10
C ILE E 225 54.96 -34.24 25.71
N TYR E 226 54.84 -34.50 24.41
CA TYR E 226 53.94 -35.54 23.94
C TYR E 226 54.58 -36.29 22.79
N LEU E 227 54.81 -37.58 22.98
CA LEU E 227 55.37 -38.46 21.96
C LEU E 227 54.40 -39.59 21.74
N ALA E 228 54.29 -40.04 20.49
CA ALA E 228 53.31 -41.06 20.18
C ALA E 228 53.74 -41.83 18.95
N ALA E 229 53.45 -43.10 18.94
CA ALA E 229 53.73 -43.91 17.78
C ALA E 229 52.53 -44.81 17.56
N ASN E 230 52.17 -45.01 16.30
CA ASN E 230 51.06 -45.87 15.99
C ASN E 230 51.48 -46.81 14.87
N TYR E 231 51.20 -48.08 15.07
CA TYR E 231 51.37 -49.10 14.06
C TYR E 231 50.08 -49.87 13.94
N GLY E 232 49.72 -50.21 12.71
CA GLY E 232 48.58 -51.06 12.49
C GLY E 232 48.67 -51.73 11.15
N GLU E 233 47.89 -52.79 10.99
CA GLU E 233 47.73 -53.52 9.73
C GLU E 233 46.25 -53.74 9.52
N THR E 234 45.83 -53.83 8.25
CA THR E 234 44.43 -54.08 7.92
C THR E 234 44.35 -55.10 6.80
N ARG E 235 43.20 -55.78 6.71
CA ARG E 235 42.93 -56.72 5.63
C ARG E 235 41.52 -56.46 5.11
N ASN E 236 41.43 -56.11 3.82
CA ASN E 236 40.17 -55.88 3.11
C ASN E 236 39.35 -54.73 3.70
N ALA E 237 39.97 -53.82 4.46
CA ALA E 237 39.23 -52.84 5.23
C ALA E 237 39.55 -51.37 4.93
N THR E 238 40.74 -51.05 4.36
CA THR E 238 41.00 -49.63 4.09
C THR E 238 40.48 -49.27 2.71
N PRO E 239 39.76 -48.16 2.57
CA PRO E 239 39.18 -47.80 1.26
C PRO E 239 40.12 -47.00 0.39
N ILE E 240 40.07 -47.31 -0.91
CA ILE E 240 40.99 -46.74 -1.89
C ILE E 240 40.22 -46.35 -3.15
N THR E 241 40.80 -45.45 -3.92
CA THR E 241 40.22 -45.09 -5.22
C THR E 241 41.36 -44.90 -6.21
N ASN E 242 41.41 -45.75 -7.23
CA ASN E 242 42.36 -45.57 -8.34
C ASN E 242 41.69 -44.80 -9.48
N LYS E 243 41.95 -43.49 -9.37
CA LYS E 243 41.51 -42.36 -10.16
C LYS E 243 41.95 -42.50 -11.61
N PHE E 244 42.77 -43.50 -11.93
CA PHE E 244 43.17 -43.71 -13.31
C PHE E 244 42.08 -44.46 -14.04
N THR E 245 41.47 -45.44 -13.38
CA THR E 245 40.27 -46.07 -13.89
C THR E 245 39.02 -45.56 -13.17
N ASN E 246 39.18 -44.61 -12.25
CA ASN E 246 38.11 -44.16 -11.34
C ASN E 246 37.35 -45.34 -10.76
N THR E 247 38.14 -46.25 -10.22
CA THR E 247 37.66 -47.47 -9.62
C THR E 247 37.90 -47.37 -8.13
N SER E 248 36.95 -47.88 -7.36
CA SER E 248 36.95 -47.83 -5.91
C SER E 248 37.07 -49.24 -5.37
N GLY E 249 37.25 -49.33 -4.07
CA GLY E 249 37.29 -50.64 -3.48
C GLY E 249 37.88 -50.59 -2.08
N PHE E 250 38.60 -51.65 -1.75
CA PHE E 250 39.28 -51.74 -0.47
C PHE E 250 40.67 -52.29 -0.72
N ALA E 251 41.60 -51.89 0.14
CA ALA E 251 42.98 -52.34 0.02
C ALA E 251 43.09 -53.71 0.67
N ASN E 252 43.52 -54.70 -0.11
CA ASN E 252 43.61 -56.07 0.41
C ASN E 252 44.43 -56.13 1.70
N LYS E 253 45.50 -55.34 1.78
CA LYS E 253 46.39 -55.32 2.94
C LYS E 253 46.95 -53.92 3.07
N THR E 254 47.11 -53.43 4.30
CA THR E 254 47.82 -52.17 4.51
C THR E 254 48.71 -52.24 5.74
N GLN E 255 49.73 -51.37 5.74
CA GLN E 255 50.67 -51.21 6.83
C GLN E 255 50.77 -49.73 7.16
N ASP E 256 50.42 -49.35 8.39
CA ASP E 256 50.26 -47.94 8.74
C ASP E 256 51.18 -47.58 9.89
N VAL E 257 51.96 -46.51 9.70
CA VAL E 257 52.82 -45.94 10.73
C VAL E 257 52.43 -44.49 10.92
N LEU E 258 52.29 -44.07 12.17
CA LEU E 258 52.04 -42.66 12.48
C LEU E 258 52.91 -42.30 13.66
N LEU E 259 53.64 -41.19 13.56
CA LEU E 259 54.51 -40.75 14.63
C LEU E 259 54.26 -39.27 14.90
N VAL E 260 54.23 -38.88 16.17
CA VAL E 260 53.84 -37.53 16.53
C VAL E 260 54.61 -37.04 17.75
N ALA E 261 55.23 -35.86 17.61
CA ALA E 261 55.97 -35.19 18.68
C ALA E 261 55.57 -33.74 18.76
N GLN E 262 55.31 -33.25 19.97
CA GLN E 262 54.97 -31.86 20.19
C GLN E 262 55.49 -31.43 21.54
N TYR E 263 55.63 -30.12 21.70
CA TYR E 263 56.08 -29.52 22.95
C TYR E 263 55.21 -28.29 23.24
N GLN E 264 54.98 -27.98 24.52
CA GLN E 264 54.08 -26.88 24.85
C GLN E 264 54.86 -25.83 25.66
N PHE E 265 55.19 -24.73 25.00
CA PHE E 265 55.99 -23.65 25.58
C PHE E 265 55.21 -22.84 26.60
N ASP E 266 55.94 -22.18 27.50
CA ASP E 266 55.29 -21.39 28.53
C ASP E 266 54.41 -20.29 27.94
N PHE E 267 54.81 -19.73 26.82
CA PHE E 267 54.10 -18.62 26.23
C PHE E 267 52.98 -19.06 25.30
N GLY E 268 52.66 -20.36 25.27
CA GLY E 268 51.45 -20.82 24.65
C GLY E 268 51.59 -21.46 23.30
N LEU E 269 52.74 -21.40 22.67
CA LEU E 269 52.87 -22.05 21.38
C LEU E 269 53.05 -23.54 21.57
N ARG E 270 52.40 -24.35 20.75
CA ARG E 270 52.53 -25.81 20.80
C ARG E 270 52.98 -26.22 19.41
N PRO E 271 54.29 -26.31 19.18
CA PRO E 271 54.81 -26.76 17.89
C PRO E 271 54.54 -28.23 17.68
N SER E 272 54.49 -28.63 16.41
CA SER E 272 54.18 -30.01 16.10
C SER E 272 55.00 -30.52 14.93
N ILE E 273 55.54 -31.71 15.10
CA ILE E 273 56.23 -32.47 14.07
C ILE E 273 55.62 -33.87 14.02
N ALA E 274 55.52 -34.44 12.82
CA ALA E 274 54.89 -35.75 12.69
C ALA E 274 55.34 -36.44 11.40
N TYR E 275 55.25 -37.77 11.42
CA TYR E 275 55.49 -38.62 10.27
C TYR E 275 54.33 -39.59 10.16
N THR E 276 53.93 -39.89 8.94
CA THR E 276 52.71 -40.67 8.72
C THR E 276 52.81 -41.37 7.38
N LYS E 277 52.85 -42.70 7.39
CA LYS E 277 53.01 -43.48 6.17
C LYS E 277 52.03 -44.65 6.20
N SER E 278 51.29 -44.82 5.11
CA SER E 278 50.36 -45.94 4.98
C SER E 278 50.61 -46.61 3.64
N LYS E 279 51.10 -47.85 3.68
CA LYS E 279 51.46 -48.61 2.49
C LYS E 279 50.48 -49.76 2.28
N ALA E 280 50.02 -49.95 1.05
CA ALA E 280 49.06 -51.00 0.71
C ALA E 280 49.70 -52.07 -0.15
N LYS E 281 49.31 -53.32 0.07
CA LYS E 281 49.82 -54.45 -0.71
C LYS E 281 48.67 -55.25 -1.31
N ASP E 282 49.01 -55.98 -2.37
CA ASP E 282 48.12 -56.88 -3.07
C ASP E 282 46.91 -56.14 -3.64
N VAL E 283 47.06 -54.83 -3.88
CA VAL E 283 46.01 -54.05 -4.52
C VAL E 283 45.91 -54.47 -5.98
N GLU E 284 44.74 -54.95 -6.39
CA GLU E 284 44.59 -55.55 -7.72
C GLU E 284 45.00 -54.58 -8.82
N GLY E 285 45.91 -55.06 -9.69
CA GLY E 285 46.45 -54.28 -10.79
C GLY E 285 47.65 -53.43 -10.45
N ILE E 286 47.94 -53.20 -9.18
CA ILE E 286 48.98 -52.26 -8.75
C ILE E 286 50.13 -52.97 -8.05
N GLY E 287 49.81 -53.86 -7.14
CA GLY E 287 50.83 -54.41 -6.26
C GLY E 287 50.91 -53.58 -4.99
N ASP E 288 52.08 -53.03 -4.72
CA ASP E 288 52.24 -52.14 -3.57
C ASP E 288 52.16 -50.68 -4.01
N VAL E 289 51.67 -49.83 -3.12
CA VAL E 289 51.46 -48.41 -3.39
C VAL E 289 51.25 -47.64 -2.09
N ASP E 290 51.92 -46.49 -1.95
CA ASP E 290 51.72 -45.66 -0.77
C ASP E 290 50.41 -44.89 -0.91
N LEU E 291 49.69 -44.77 0.21
CA LEU E 291 48.47 -43.96 0.26
C LEU E 291 48.67 -42.70 1.07
N VAL E 292 49.48 -42.76 2.11
CA VAL E 292 49.79 -41.61 2.93
C VAL E 292 51.28 -41.69 3.20
N ASN E 293 52.00 -40.60 2.89
CA ASN E 293 53.47 -40.58 2.95
C ASN E 293 53.88 -39.12 3.12
N TYR E 294 54.12 -38.68 4.35
CA TYR E 294 54.40 -37.27 4.51
C TYR E 294 55.09 -36.99 5.82
N PHE E 295 55.73 -35.83 5.85
CA PHE E 295 56.28 -35.21 7.05
C PHE E 295 55.42 -34.00 7.35
N GLU E 296 55.17 -33.74 8.62
CA GLU E 296 54.32 -32.61 9.02
C GLU E 296 55.08 -31.71 9.98
N VAL E 297 54.94 -30.40 9.77
CA VAL E 297 55.39 -29.39 10.72
C VAL E 297 54.25 -28.41 10.92
N GLY E 298 54.08 -27.96 12.15
CA GLY E 298 53.02 -26.99 12.39
C GLY E 298 53.01 -26.56 13.84
N ALA E 299 52.12 -25.62 14.13
CA ALA E 299 52.06 -25.14 15.48
C ALA E 299 50.70 -24.53 15.74
N THR E 300 50.31 -24.55 17.01
CA THR E 300 49.11 -23.91 17.49
C THR E 300 49.54 -22.90 18.54
N TYR E 301 48.88 -21.75 18.56
CA TYR E 301 49.02 -20.84 19.68
C TYR E 301 47.72 -20.85 20.46
N TYR E 302 47.82 -21.10 21.75
CA TYR E 302 46.67 -21.21 22.63
C TYR E 302 46.54 -19.90 23.39
N PHE E 303 45.56 -19.09 22.99
CA PHE E 303 45.30 -17.86 23.73
C PHE E 303 44.72 -18.16 25.10
N ASN E 304 43.72 -19.05 25.16
CA ASN E 304 43.20 -19.65 26.39
C ASN E 304 42.37 -20.87 25.97
N LYS E 305 41.60 -21.42 26.91
CA LYS E 305 40.95 -22.69 26.62
C LYS E 305 40.01 -22.61 25.43
N ASN E 306 39.58 -21.41 25.07
CA ASN E 306 38.56 -21.19 24.06
C ASN E 306 39.12 -20.78 22.71
N MET E 307 40.31 -20.20 22.68
CA MET E 307 40.79 -19.55 21.46
C MET E 307 42.15 -20.11 21.07
N SER E 308 42.33 -20.30 19.77
CA SER E 308 43.52 -20.94 19.24
C SER E 308 43.71 -20.53 17.78
N THR E 309 44.96 -20.52 17.35
CA THR E 309 45.34 -20.35 15.96
C THR E 309 46.29 -21.46 15.59
N TYR E 310 46.39 -21.77 14.30
CA TYR E 310 47.30 -22.84 13.98
C TYR E 310 47.76 -22.79 12.53
N VAL E 311 48.89 -23.47 12.28
CA VAL E 311 49.44 -23.70 10.95
C VAL E 311 49.85 -25.15 10.84
N ASP E 312 49.61 -25.75 9.68
CA ASP E 312 49.87 -27.17 9.47
C ASP E 312 50.45 -27.36 8.07
N TYR E 313 51.73 -27.71 7.99
CA TYR E 313 52.39 -27.98 6.71
C TYR E 313 52.63 -29.46 6.56
N ILE E 314 52.19 -29.99 5.42
CA ILE E 314 52.33 -31.41 5.09
C ILE E 314 53.37 -31.48 3.98
N ILE E 315 54.60 -31.82 4.33
CA ILE E 315 55.65 -32.05 3.34
C ILE E 315 55.38 -33.44 2.77
N ASN E 316 54.77 -33.47 1.60
CA ASN E 316 54.19 -34.70 1.08
C ASN E 316 55.21 -35.45 0.23
N GLN E 317 55.45 -36.71 0.60
CA GLN E 317 56.44 -37.53 -0.06
C GLN E 317 55.81 -38.43 -1.12
N ILE E 318 54.49 -38.38 -1.30
CA ILE E 318 53.90 -39.07 -2.41
C ILE E 318 54.59 -38.57 -3.67
N ASP E 319 54.78 -39.46 -4.63
CA ASP E 319 55.42 -39.10 -5.88
C ASP E 319 54.35 -38.82 -6.92
N SER E 320 54.73 -38.04 -7.95
CA SER E 320 53.73 -37.67 -8.96
C SER E 320 53.25 -38.88 -9.73
N ASP E 321 54.11 -39.86 -9.97
CA ASP E 321 53.75 -41.08 -10.67
C ASP E 321 52.95 -42.07 -9.81
N ASN E 322 52.56 -41.71 -8.58
CA ASN E 322 51.88 -42.62 -7.66
C ASN E 322 50.80 -43.43 -8.38
N LYS E 323 50.88 -44.75 -8.25
CA LYS E 323 50.10 -45.64 -9.10
C LYS E 323 48.61 -45.60 -8.81
N LEU E 324 48.19 -45.17 -7.63
CA LEU E 324 46.77 -45.00 -7.35
C LEU E 324 46.29 -43.58 -7.62
N GLY E 325 47.19 -42.69 -7.99
CA GLY E 325 46.85 -41.31 -8.23
C GLY E 325 46.63 -40.50 -6.98
N VAL E 326 47.03 -41.02 -5.82
CA VAL E 326 46.94 -40.24 -4.59
C VAL E 326 47.74 -38.97 -4.78
N GLY E 327 47.23 -37.86 -4.25
CA GLY E 327 47.86 -36.59 -4.53
C GLY E 327 49.29 -36.55 -4.04
N SER E 328 50.15 -35.92 -4.85
CA SER E 328 51.60 -35.94 -4.63
C SER E 328 52.18 -34.61 -4.20
N ASP E 329 51.45 -33.53 -4.36
CA ASP E 329 51.91 -32.21 -4.00
C ASP E 329 51.57 -31.87 -2.55
N ASP E 330 52.36 -30.95 -1.99
CA ASP E 330 52.21 -30.56 -0.59
C ASP E 330 50.90 -29.78 -0.40
N THR E 331 50.62 -29.44 0.86
CA THR E 331 49.43 -28.70 1.24
C THR E 331 49.70 -28.06 2.60
N VAL E 332 49.20 -26.84 2.81
CA VAL E 332 49.36 -26.17 4.11
C VAL E 332 48.05 -25.51 4.50
N ALA E 333 47.75 -25.52 5.81
CA ALA E 333 46.48 -25.03 6.33
C ALA E 333 46.69 -23.93 7.38
N VAL E 334 45.78 -22.96 7.36
CA VAL E 334 45.70 -21.89 8.35
C VAL E 334 44.33 -21.93 9.02
N GLY E 335 44.29 -21.73 10.34
CA GLY E 335 43.06 -21.84 11.09
C GLY E 335 42.95 -20.95 12.32
N ILE E 336 41.74 -20.42 12.56
CA ILE E 336 41.42 -19.61 13.74
C ILE E 336 40.14 -20.17 14.34
N VAL E 337 40.17 -20.43 15.65
CA VAL E 337 39.23 -21.33 16.31
C VAL E 337 38.73 -20.69 17.60
N TYR E 338 37.43 -20.38 17.65
CA TYR E 338 36.76 -20.15 18.92
C TYR E 338 35.95 -21.39 19.27
N GLN E 339 36.02 -21.81 20.52
CA GLN E 339 35.27 -22.97 20.96
C GLN E 339 34.74 -22.72 22.37
N PHE E 340 33.61 -23.34 22.67
CA PHE E 340 32.97 -23.19 23.97
C PHE E 340 32.44 -24.50 24.50
N ALA F 1 -27.81 38.86 -3.86
CA ALA F 1 -27.49 39.50 -2.59
C ALA F 1 -26.29 40.40 -2.79
N GLU F 2 -26.31 41.58 -2.18
CA GLU F 2 -25.18 42.50 -2.33
C GLU F 2 -24.01 42.02 -1.48
N ILE F 3 -22.98 41.49 -2.15
CA ILE F 3 -21.82 40.94 -1.47
C ILE F 3 -20.61 41.87 -1.50
N TYR F 4 -20.65 42.96 -2.26
CA TYR F 4 -19.48 43.83 -2.37
C TYR F 4 -19.93 45.24 -2.73
N ASN F 5 -19.37 46.23 -2.04
CA ASN F 5 -19.64 47.64 -2.31
C ASN F 5 -18.65 48.53 -1.58
N LYS F 6 -17.44 48.69 -2.11
CA LYS F 6 -16.51 49.72 -1.66
C LYS F 6 -15.77 50.28 -2.87
N ASP F 7 -15.27 51.50 -2.70
CA ASP F 7 -14.45 52.15 -3.71
C ASP F 7 -15.20 52.28 -5.05
N GLY F 8 -16.46 52.72 -4.97
CA GLY F 8 -17.25 53.00 -6.15
C GLY F 8 -17.88 51.82 -6.86
N ASN F 9 -17.36 50.60 -6.68
CA ASN F 9 -17.94 49.41 -7.30
C ASN F 9 -18.85 48.67 -6.33
N LYS F 10 -19.92 48.08 -6.86
CA LYS F 10 -20.82 47.28 -6.05
C LYS F 10 -21.21 46.02 -6.84
N VAL F 11 -21.05 44.86 -6.19
CA VAL F 11 -21.29 43.59 -6.85
C VAL F 11 -22.45 42.90 -6.15
N ASP F 12 -23.40 42.44 -6.94
CA ASP F 12 -24.56 41.72 -6.45
C ASP F 12 -24.49 40.35 -7.08
N LEU F 13 -24.10 39.37 -6.29
CA LEU F 13 -24.18 37.97 -6.68
C LEU F 13 -25.54 37.48 -6.21
N TYR F 14 -26.26 36.81 -7.09
CA TYR F 14 -27.63 36.39 -6.79
C TYR F 14 -27.85 35.00 -7.36
N GLY F 15 -28.96 34.39 -6.98
CA GLY F 15 -29.30 33.10 -7.55
C GLY F 15 -30.46 32.45 -6.84
N LYS F 16 -30.90 31.32 -7.40
CA LYS F 16 -31.99 30.59 -6.78
C LYS F 16 -31.79 29.10 -6.99
N ALA F 17 -32.44 28.34 -6.09
CA ALA F 17 -32.57 26.90 -6.15
C ALA F 17 -34.05 26.56 -6.15
N VAL F 18 -34.50 25.78 -7.13
CA VAL F 18 -35.93 25.56 -7.38
C VAL F 18 -36.26 24.07 -7.35
N GLY F 19 -36.89 23.61 -6.27
CA GLY F 19 -37.41 22.26 -6.29
C GLY F 19 -38.77 22.27 -6.97
N LEU F 20 -38.88 21.64 -8.14
CA LEU F 20 -40.03 21.82 -9.00
C LEU F 20 -40.40 20.52 -9.70
N HIS F 21 -41.70 20.18 -9.66
CA HIS F 21 -42.25 18.97 -10.26
C HIS F 21 -43.48 19.33 -11.08
N TYR F 22 -43.62 18.69 -12.24
CA TYR F 22 -44.77 18.85 -13.13
C TYR F 22 -45.54 17.53 -13.21
N PHE F 23 -46.86 17.60 -13.11
CA PHE F 23 -47.74 16.44 -13.18
C PHE F 23 -48.65 16.51 -14.39
N SER F 24 -48.67 15.45 -15.19
CA SER F 24 -49.49 15.43 -16.41
C SER F 24 -49.89 14.00 -16.77
N LYS F 25 -50.95 13.89 -17.56
CA LYS F 25 -51.43 12.58 -17.97
C LYS F 25 -50.37 11.85 -18.78
N GLY F 26 -50.30 10.53 -18.59
CA GLY F 26 -49.42 9.71 -19.38
C GLY F 26 -47.97 10.05 -19.08
N ASN F 27 -47.12 9.97 -20.11
CA ASN F 27 -45.72 10.36 -19.92
C ASN F 27 -45.58 11.86 -19.76
N GLY F 28 -46.58 12.62 -20.21
CA GLY F 28 -46.48 14.06 -20.32
C GLY F 28 -46.25 14.59 -21.72
N GLU F 29 -46.30 13.73 -22.74
CA GLU F 29 -45.99 14.14 -24.10
C GLU F 29 -47.05 15.05 -24.69
N ASN F 30 -48.29 14.57 -24.76
CA ASN F 30 -49.38 15.32 -25.35
C ASN F 30 -50.01 16.23 -24.32
N SER F 31 -49.19 16.82 -23.46
CA SER F 31 -49.65 17.74 -22.43
C SER F 31 -49.04 19.10 -22.66
N TYR F 32 -49.50 20.06 -21.86
CA TYR F 32 -49.03 21.43 -22.00
C TYR F 32 -47.59 21.58 -21.55
N GLY F 33 -47.28 21.07 -20.37
CA GLY F 33 -45.97 21.35 -19.81
C GLY F 33 -45.10 20.16 -19.49
N GLY F 34 -45.54 18.94 -19.86
CA GLY F 34 -44.77 17.74 -19.57
C GLY F 34 -44.96 17.21 -18.16
N ASN F 35 -44.28 16.10 -17.89
CA ASN F 35 -44.41 15.42 -16.60
C ASN F 35 -43.00 15.04 -16.15
N GLY F 36 -42.63 15.46 -14.94
CA GLY F 36 -41.43 14.94 -14.33
C GLY F 36 -40.85 15.90 -13.30
N ASP F 37 -39.56 15.71 -13.05
CA ASP F 37 -38.77 16.63 -12.26
C ASP F 37 -38.30 17.70 -13.21
N MET F 38 -38.49 18.95 -12.83
CA MET F 38 -38.03 20.06 -13.64
C MET F 38 -37.15 20.96 -12.79
N THR F 39 -36.54 20.38 -11.75
CA THR F 39 -35.80 21.15 -10.76
C THR F 39 -34.65 21.89 -11.44
N TYR F 40 -34.45 23.14 -11.05
CA TYR F 40 -33.41 23.95 -11.66
C TYR F 40 -32.83 24.89 -10.61
N ALA F 41 -31.70 25.51 -10.96
CA ALA F 41 -31.07 26.51 -10.11
C ALA F 41 -30.54 27.64 -10.98
N ARG F 42 -30.48 28.83 -10.40
CA ARG F 42 -30.01 29.99 -11.12
C ARG F 42 -28.83 30.61 -10.38
N LEU F 43 -27.86 31.10 -11.14
CA LEU F 43 -26.77 31.90 -10.62
C LEU F 43 -26.45 33.01 -11.63
N GLY F 44 -26.06 34.17 -11.10
CA GLY F 44 -25.75 35.32 -11.93
C GLY F 44 -25.18 36.43 -11.08
N PHE F 45 -24.67 37.46 -11.77
CA PHE F 45 -24.20 38.68 -11.10
C PHE F 45 -24.56 39.90 -11.92
N LYS F 46 -24.91 40.99 -11.22
CA LYS F 46 -25.09 42.30 -11.83
C LYS F 46 -24.33 43.30 -10.99
N GLY F 47 -23.35 43.96 -11.61
CA GLY F 47 -22.52 44.94 -10.93
C GLY F 47 -22.77 46.31 -11.52
N GLU F 48 -22.54 47.35 -10.72
CA GLU F 48 -22.87 48.70 -11.13
C GLU F 48 -21.88 49.64 -10.47
N THR F 49 -21.10 50.36 -11.29
CA THR F 49 -20.01 51.19 -10.80
C THR F 49 -20.25 52.67 -11.07
N GLN F 50 -19.91 53.49 -10.07
CA GLN F 50 -20.08 54.95 -10.13
C GLN F 50 -18.80 55.53 -10.71
N ILE F 51 -18.81 55.76 -12.03
CA ILE F 51 -17.64 56.36 -12.65
C ILE F 51 -17.42 57.76 -12.09
N ASN F 52 -18.47 58.58 -12.11
CA ASN F 52 -18.45 59.89 -11.50
C ASN F 52 -19.90 60.22 -11.12
N SER F 53 -20.15 61.49 -10.82
CA SER F 53 -21.48 61.90 -10.33
C SER F 53 -22.58 61.76 -11.39
N ASP F 54 -22.23 61.71 -12.68
CA ASP F 54 -23.22 61.68 -13.73
C ASP F 54 -23.26 60.38 -14.51
N LEU F 55 -22.20 59.60 -14.47
CA LEU F 55 -22.00 58.41 -15.29
C LEU F 55 -22.04 57.16 -14.43
N THR F 56 -22.49 56.07 -15.04
CA THR F 56 -22.57 54.80 -14.33
C THR F 56 -22.42 53.65 -15.31
N GLY F 57 -21.47 52.77 -15.02
CA GLY F 57 -21.22 51.60 -15.82
C GLY F 57 -21.77 50.37 -15.11
N TYR F 58 -22.18 49.39 -15.89
CA TYR F 58 -22.85 48.24 -15.33
C TYR F 58 -22.65 47.06 -16.25
N GLY F 59 -22.64 45.87 -15.65
CA GLY F 59 -22.57 44.63 -16.41
C GLY F 59 -23.35 43.57 -15.66
N GLN F 60 -23.72 42.52 -16.39
CA GLN F 60 -24.57 41.48 -15.83
C GLN F 60 -24.49 40.21 -16.66
N TRP F 61 -24.51 39.06 -15.97
CA TRP F 61 -24.47 37.73 -16.54
C TRP F 61 -25.34 36.82 -15.68
N GLU F 62 -26.03 35.87 -16.30
CA GLU F 62 -27.01 35.06 -15.55
C GLU F 62 -27.12 33.67 -16.15
N TYR F 63 -27.04 32.64 -15.29
CA TYR F 63 -26.96 31.27 -15.77
C TYR F 63 -28.05 30.40 -15.16
N ASN F 64 -28.58 29.50 -15.98
CA ASN F 64 -29.59 28.51 -15.60
C ASN F 64 -28.90 27.16 -15.54
N PHE F 65 -28.72 26.63 -14.34
CA PHE F 65 -28.24 25.27 -14.13
C PHE F 65 -29.43 24.37 -13.80
N GLN F 66 -29.76 23.47 -14.72
CA GLN F 66 -30.85 22.53 -14.48
C GLN F 66 -30.40 21.46 -13.49
N GLY F 67 -31.30 21.11 -12.57
CA GLY F 67 -31.03 20.04 -11.61
C GLY F 67 -31.75 18.74 -11.87
N ASN F 68 -32.40 18.59 -13.02
CA ASN F 68 -33.14 17.40 -13.37
C ASN F 68 -32.35 16.48 -14.28
N ASN F 69 -31.07 16.75 -14.43
CA ASN F 69 -30.24 15.90 -15.27
C ASN F 69 -29.40 14.99 -14.39
N SER F 70 -29.00 13.87 -14.96
CA SER F 70 -28.17 12.96 -14.22
C SER F 70 -26.78 13.55 -14.15
N GLU F 71 -25.83 12.75 -13.71
CA GLU F 71 -24.43 13.13 -13.76
C GLU F 71 -23.73 12.34 -14.87
N GLY F 72 -24.51 11.67 -15.72
CA GLY F 72 -23.95 10.92 -16.82
C GLY F 72 -23.86 11.71 -18.10
N ALA F 73 -24.10 11.05 -19.23
CA ALA F 73 -23.89 11.64 -20.54
C ALA F 73 -24.79 12.83 -20.85
N ASP F 74 -25.78 13.11 -20.02
CA ASP F 74 -26.77 14.15 -20.27
C ASP F 74 -26.67 15.37 -19.35
N ALA F 75 -25.63 15.46 -18.52
CA ALA F 75 -25.69 16.36 -17.37
C ALA F 75 -25.90 17.81 -17.74
N GLN F 76 -25.75 18.15 -19.02
CA GLN F 76 -25.73 19.54 -19.45
C GLN F 76 -27.00 19.99 -20.15
N THR F 77 -27.94 19.07 -20.41
CA THR F 77 -29.15 19.42 -21.14
C THR F 77 -29.86 20.60 -20.49
N GLY F 78 -30.18 21.61 -21.30
CA GLY F 78 -30.90 22.77 -20.85
C GLY F 78 -30.12 23.74 -20.01
N ASN F 79 -28.82 23.52 -19.81
CA ASN F 79 -27.98 24.53 -19.21
C ASN F 79 -27.61 25.55 -20.26
N LYS F 80 -27.59 26.83 -19.86
CA LYS F 80 -27.50 27.92 -20.82
C LYS F 80 -27.14 29.21 -20.10
N THR F 81 -26.41 30.08 -20.80
CA THR F 81 -26.27 31.45 -20.33
C THR F 81 -27.52 32.21 -20.77
N ARG F 82 -28.19 32.87 -19.82
CA ARG F 82 -29.38 33.65 -20.15
C ARG F 82 -29.04 35.10 -20.42
N LEU F 83 -28.29 35.74 -19.52
CA LEU F 83 -27.91 37.12 -19.69
C LEU F 83 -26.40 37.23 -19.69
N ALA F 84 -25.93 38.24 -20.42
CA ALA F 84 -24.53 38.58 -20.54
C ALA F 84 -24.42 39.88 -21.29
N PHE F 85 -24.30 41.00 -20.58
CA PHE F 85 -24.25 42.30 -21.26
C PHE F 85 -23.65 43.32 -20.30
N ALA F 86 -23.19 44.42 -20.88
CA ALA F 86 -22.78 45.55 -20.07
C ALA F 86 -23.09 46.83 -20.85
N GLY F 87 -23.16 47.94 -20.11
CA GLY F 87 -23.49 49.23 -20.70
C GLY F 87 -23.25 50.34 -19.70
N LEU F 88 -23.55 51.57 -20.13
CA LEU F 88 -23.38 52.74 -19.28
C LEU F 88 -24.64 53.60 -19.34
N LYS F 89 -24.85 54.37 -18.28
CA LYS F 89 -26.06 55.20 -18.13
C LYS F 89 -25.63 56.58 -17.65
N TYR F 90 -25.81 57.59 -18.48
CA TYR F 90 -25.35 58.95 -18.21
C TYR F 90 -26.56 59.80 -17.83
N ALA F 91 -26.59 60.21 -16.57
CA ALA F 91 -27.52 61.20 -16.01
C ALA F 91 -28.91 61.13 -16.62
N ASP F 92 -29.32 62.22 -17.27
CA ASP F 92 -30.61 62.31 -17.93
C ASP F 92 -30.53 62.02 -19.43
N VAL F 93 -29.43 61.44 -19.91
CA VAL F 93 -29.31 61.17 -21.33
C VAL F 93 -29.83 59.77 -21.68
N GLY F 94 -29.72 58.84 -20.76
CA GLY F 94 -30.23 57.50 -20.92
C GLY F 94 -29.12 56.49 -20.77
N SER F 95 -29.43 55.27 -21.19
CA SER F 95 -28.55 54.13 -21.01
C SER F 95 -28.40 53.40 -22.33
N PHE F 96 -27.21 52.83 -22.53
CA PHE F 96 -26.94 51.94 -23.65
C PHE F 96 -26.27 50.68 -23.11
N ASP F 97 -26.74 49.51 -23.55
CA ASP F 97 -26.13 48.25 -23.13
C ASP F 97 -26.09 47.30 -24.33
N TYR F 98 -25.03 46.51 -24.40
CA TYR F 98 -24.89 45.51 -25.45
C TYR F 98 -24.46 44.20 -24.82
N GLY F 99 -24.90 43.13 -25.44
CA GLY F 99 -24.59 41.77 -25.06
C GLY F 99 -25.76 40.88 -25.46
N ARG F 100 -25.98 39.85 -24.66
CA ARG F 100 -27.18 39.04 -24.77
C ARG F 100 -28.18 39.55 -23.74
N ASN F 101 -29.35 39.97 -24.18
CA ASN F 101 -30.33 40.64 -23.31
C ASN F 101 -31.73 40.37 -23.84
N TYR F 102 -32.72 41.09 -23.28
CA TYR F 102 -34.14 40.93 -23.62
C TYR F 102 -34.55 41.90 -24.72
N GLY F 103 -35.28 41.40 -25.72
CA GLY F 103 -35.88 42.26 -26.72
C GLY F 103 -36.90 43.23 -26.14
N VAL F 104 -37.19 44.29 -26.90
CA VAL F 104 -38.03 45.37 -26.39
C VAL F 104 -39.51 45.02 -26.41
N VAL F 105 -39.95 44.13 -27.30
CA VAL F 105 -41.34 43.68 -27.24
C VAL F 105 -41.63 43.06 -25.87
N TYR F 106 -40.59 42.52 -25.22
CA TYR F 106 -40.77 42.04 -23.86
C TYR F 106 -41.06 43.16 -22.88
N ASP F 107 -40.81 44.41 -23.24
CA ASP F 107 -41.18 45.49 -22.35
C ASP F 107 -42.70 45.56 -22.18
N ALA F 108 -43.45 44.94 -23.10
CA ALA F 108 -44.89 44.80 -22.97
C ALA F 108 -45.29 43.42 -22.48
N LEU F 109 -44.87 42.37 -23.20
CA LEU F 109 -45.28 41.01 -22.89
C LEU F 109 -45.04 40.67 -21.43
N GLY F 110 -44.17 41.43 -20.76
CA GLY F 110 -43.90 41.24 -19.35
C GLY F 110 -45.00 41.72 -18.43
N TYR F 111 -46.02 42.41 -18.93
CA TYR F 111 -47.11 42.78 -18.04
C TYR F 111 -47.88 41.53 -17.61
N THR F 112 -48.04 40.58 -18.52
CA THR F 112 -48.82 39.38 -18.25
C THR F 112 -47.93 38.18 -17.97
N ASP F 113 -46.64 38.40 -17.81
CA ASP F 113 -45.69 37.37 -17.37
C ASP F 113 -45.43 37.53 -15.88
N MET F 114 -46.40 37.08 -15.09
CA MET F 114 -46.34 37.17 -13.64
C MET F 114 -46.83 35.91 -12.94
N LEU F 115 -47.17 34.85 -13.68
CA LEU F 115 -47.70 33.64 -13.06
C LEU F 115 -46.61 32.92 -12.27
N PRO F 116 -46.99 32.18 -11.22
CA PRO F 116 -45.97 31.51 -10.39
C PRO F 116 -45.07 30.53 -11.13
N GLU F 117 -45.53 29.88 -12.20
CA GLU F 117 -44.60 29.03 -12.94
C GLU F 117 -44.78 29.17 -14.45
N PHE F 118 -46.01 29.15 -14.94
CA PHE F 118 -46.18 29.21 -16.39
C PHE F 118 -46.37 30.66 -16.85
N GLY F 119 -47.28 30.86 -17.78
CA GLY F 119 -47.51 32.18 -18.33
C GLY F 119 -46.45 32.56 -19.34
N GLY F 120 -46.35 33.87 -19.60
CA GLY F 120 -45.49 34.44 -20.61
C GLY F 120 -45.19 33.55 -21.80
N ASP F 121 -46.22 32.88 -22.32
CA ASP F 121 -46.07 31.91 -23.40
C ASP F 121 -45.60 32.51 -24.72
N THR F 122 -45.63 33.82 -24.88
CA THR F 122 -45.22 34.44 -26.13
C THR F 122 -43.83 35.04 -26.08
N ALA F 123 -43.26 35.14 -24.89
CA ALA F 123 -41.90 35.62 -24.71
C ALA F 123 -40.92 34.48 -25.00
N TYR F 124 -41.09 33.85 -26.16
CA TYR F 124 -40.18 32.83 -26.66
C TYR F 124 -38.74 33.36 -26.61
N SER F 125 -37.78 32.48 -26.34
CA SER F 125 -36.39 32.92 -26.36
C SER F 125 -35.77 32.70 -27.72
N ASP F 126 -34.81 33.56 -28.07
CA ASP F 126 -34.12 33.48 -29.34
C ASP F 126 -35.12 33.62 -30.46
N ASP F 127 -35.95 34.66 -30.34
CA ASP F 127 -37.07 34.90 -31.22
C ASP F 127 -37.21 36.40 -31.44
N PHE F 128 -36.18 37.02 -32.01
CA PHE F 128 -36.22 38.43 -32.35
C PHE F 128 -36.44 39.29 -31.12
N PHE F 129 -37.60 39.94 -30.98
CA PHE F 129 -37.76 40.98 -29.99
C PHE F 129 -38.66 40.61 -28.81
N VAL F 130 -39.26 39.42 -28.78
CA VAL F 130 -40.21 39.11 -27.71
C VAL F 130 -39.53 38.57 -26.46
N GLY F 131 -38.43 37.82 -26.58
CA GLY F 131 -37.74 37.30 -25.44
C GLY F 131 -36.23 37.41 -25.55
N ARG F 132 -35.50 36.77 -24.62
CA ARG F 132 -34.05 36.84 -24.64
C ARG F 132 -33.48 36.44 -25.99
N VAL F 133 -32.51 37.21 -26.45
CA VAL F 133 -31.90 37.02 -27.76
C VAL F 133 -30.48 37.54 -27.67
N GLY F 134 -29.64 37.03 -28.59
CA GLY F 134 -28.23 37.35 -28.57
C GLY F 134 -27.89 38.55 -29.41
N GLY F 135 -27.16 39.49 -28.80
CA GLY F 135 -26.51 40.55 -29.55
C GLY F 135 -27.31 41.80 -29.84
N VAL F 136 -27.94 42.37 -28.82
CA VAL F 136 -28.80 43.53 -28.98
C VAL F 136 -28.16 44.73 -28.29
N ALA F 137 -27.99 45.80 -29.05
CA ALA F 137 -27.61 47.08 -28.48
C ALA F 137 -28.91 47.79 -28.12
N THR F 138 -29.01 48.26 -26.88
CA THR F 138 -30.30 48.66 -26.32
C THR F 138 -30.17 50.02 -25.67
N TYR F 139 -30.80 51.02 -26.28
CA TYR F 139 -30.92 52.33 -25.69
C TYR F 139 -32.23 52.45 -24.92
N ARG F 140 -32.13 52.87 -23.66
CA ARG F 140 -33.28 53.11 -22.79
C ARG F 140 -33.18 54.51 -22.21
N ASN F 141 -34.33 55.14 -22.04
CA ASN F 141 -34.39 56.46 -21.42
C ASN F 141 -35.54 56.48 -20.42
N SER F 142 -35.24 56.90 -19.20
CA SER F 142 -36.22 56.90 -18.13
C SER F 142 -36.66 58.32 -17.80
N ASN F 143 -37.99 58.51 -17.73
CA ASN F 143 -38.63 59.78 -17.38
C ASN F 143 -38.40 60.86 -18.43
N PHE F 144 -38.33 60.46 -19.70
CA PHE F 144 -38.11 61.37 -20.83
C PHE F 144 -37.07 62.45 -20.53
N PHE F 145 -35.81 62.07 -20.52
CA PHE F 145 -34.70 63.01 -20.39
C PHE F 145 -34.78 63.82 -19.09
N GLY F 146 -35.39 63.23 -18.06
CA GLY F 146 -35.51 63.83 -16.76
C GLY F 146 -36.70 64.71 -16.53
N LEU F 147 -37.63 64.79 -17.48
CA LEU F 147 -38.73 65.76 -17.47
C LEU F 147 -40.07 65.15 -17.09
N VAL F 148 -40.53 64.16 -17.85
CA VAL F 148 -41.88 63.60 -17.71
C VAL F 148 -41.77 62.38 -16.80
N ASP F 149 -42.01 62.58 -15.50
CA ASP F 149 -42.00 61.46 -14.58
C ASP F 149 -42.96 60.38 -15.04
N GLY F 150 -42.45 59.14 -15.15
CA GLY F 150 -43.28 58.03 -15.54
C GLY F 150 -43.26 57.69 -17.02
N LEU F 151 -42.64 58.50 -17.87
CA LEU F 151 -42.65 58.28 -19.31
C LEU F 151 -41.38 57.57 -19.72
N ASN F 152 -41.53 56.37 -20.30
CA ASN F 152 -40.40 55.56 -20.70
C ASN F 152 -40.51 55.19 -22.17
N PHE F 153 -39.35 55.11 -22.84
CA PHE F 153 -39.30 54.63 -24.22
C PHE F 153 -37.95 53.98 -24.45
N ALA F 154 -37.86 53.18 -25.52
CA ALA F 154 -36.61 52.47 -25.74
C ALA F 154 -36.39 52.21 -27.22
N VAL F 155 -35.12 52.30 -27.62
CA VAL F 155 -34.66 52.02 -28.98
C VAL F 155 -33.66 50.89 -28.92
N GLN F 156 -33.81 49.95 -29.85
CA GLN F 156 -33.01 48.73 -29.83
C GLN F 156 -32.72 48.28 -31.25
N TYR F 157 -31.44 48.07 -31.55
CA TYR F 157 -31.02 47.49 -32.82
C TYR F 157 -30.50 46.08 -32.53
N LEU F 158 -30.98 45.10 -33.30
CA LEU F 158 -30.70 43.68 -33.09
C LEU F 158 -29.77 43.21 -34.18
N GLY F 159 -28.55 42.83 -33.79
CA GLY F 159 -27.60 42.35 -34.75
C GLY F 159 -27.93 40.96 -35.27
N LYS F 160 -27.40 40.67 -36.44
CA LYS F 160 -27.68 39.40 -37.07
C LYS F 160 -27.05 38.27 -36.27
N ASN F 161 -27.71 37.11 -36.27
CA ASN F 161 -27.20 35.89 -35.65
C ASN F 161 -27.54 34.72 -36.58
N GLU F 162 -26.62 34.39 -37.47
CA GLU F 162 -26.79 33.32 -38.45
C GLU F 162 -26.33 32.00 -37.84
N ARG F 163 -27.24 31.32 -37.14
CA ARG F 163 -26.93 30.15 -36.33
C ARG F 163 -27.14 28.86 -37.12
N ASP F 164 -26.88 27.72 -36.45
CA ASP F 164 -26.97 26.42 -37.11
C ASP F 164 -28.41 26.08 -37.46
N THR F 165 -29.35 26.57 -36.68
CA THR F 165 -30.75 26.18 -36.74
C THR F 165 -31.61 27.36 -37.14
N ALA F 166 -32.59 27.10 -37.99
CA ALA F 166 -33.51 28.18 -38.34
C ALA F 166 -34.18 28.78 -37.11
N ARG F 167 -34.48 27.94 -36.11
CA ARG F 167 -35.31 28.38 -34.99
C ARG F 167 -34.65 29.47 -34.15
N ARG F 168 -33.31 29.48 -34.05
CA ARG F 168 -32.64 30.45 -33.20
C ARG F 168 -31.96 31.59 -33.98
N SER F 169 -31.90 31.49 -35.31
CA SER F 169 -31.31 32.54 -36.13
C SER F 169 -32.19 33.79 -36.15
N ASN F 170 -31.59 34.88 -36.63
CA ASN F 170 -32.28 36.12 -36.96
C ASN F 170 -31.37 36.98 -37.81
N GLY F 171 -31.99 37.84 -38.62
CA GLY F 171 -31.27 38.86 -39.37
C GLY F 171 -31.17 40.17 -38.61
N ASP F 172 -30.56 41.16 -39.24
CA ASP F 172 -30.47 42.48 -38.63
C ASP F 172 -31.87 43.08 -38.49
N GLY F 173 -32.07 43.92 -37.48
CA GLY F 173 -33.39 44.50 -37.28
C GLY F 173 -33.41 45.61 -36.27
N VAL F 174 -34.58 46.23 -36.12
CA VAL F 174 -34.81 47.35 -35.19
C VAL F 174 -36.17 47.20 -34.51
N GLY F 175 -36.27 47.80 -33.33
CA GLY F 175 -37.53 47.80 -32.60
C GLY F 175 -37.47 48.79 -31.46
N GLY F 176 -38.63 49.04 -30.87
CA GLY F 176 -38.70 50.01 -29.80
C GLY F 176 -39.99 49.88 -29.03
N SER F 177 -40.05 50.61 -27.93
CA SER F 177 -41.18 50.52 -27.03
C SER F 177 -41.38 51.87 -26.39
N ILE F 178 -42.64 52.16 -26.04
CA ILE F 178 -42.99 53.30 -25.20
C ILE F 178 -43.96 52.78 -24.15
N SER F 179 -43.81 53.26 -22.93
CA SER F 179 -44.70 52.86 -21.85
C SER F 179 -44.92 54.06 -20.97
N TYR F 180 -46.17 54.31 -20.60
CA TYR F 180 -46.48 55.32 -19.61
C TYR F 180 -47.06 54.61 -18.41
N GLU F 181 -46.60 55.00 -17.24
CA GLU F 181 -47.09 54.44 -15.99
C GLU F 181 -47.40 55.63 -15.11
N TYR F 182 -48.61 55.65 -14.58
CA TYR F 182 -49.07 56.75 -13.74
C TYR F 182 -49.83 56.15 -12.57
N GLU F 183 -49.24 56.27 -11.39
CA GLU F 183 -49.89 56.03 -10.11
C GLU F 183 -50.72 54.74 -10.10
N GLY F 184 -50.04 53.62 -10.41
CA GLY F 184 -50.63 52.31 -10.37
C GLY F 184 -51.08 51.79 -11.72
N PHE F 185 -51.46 52.66 -12.66
CA PHE F 185 -51.89 52.20 -13.97
C PHE F 185 -50.70 52.14 -14.92
N GLY F 186 -50.81 51.25 -15.88
CA GLY F 186 -49.75 51.07 -16.85
C GLY F 186 -50.22 50.82 -18.25
N ILE F 187 -49.60 51.51 -19.20
CA ILE F 187 -49.85 51.33 -20.61
C ILE F 187 -48.51 51.16 -21.29
N VAL F 188 -48.45 50.27 -22.28
CA VAL F 188 -47.22 50.01 -23.00
C VAL F 188 -47.57 49.53 -24.40
N GLY F 189 -46.69 49.82 -25.34
CA GLY F 189 -46.76 49.23 -26.65
C GLY F 189 -45.36 49.00 -27.16
N ALA F 190 -45.24 48.10 -28.11
CA ALA F 190 -43.91 47.82 -28.63
C ALA F 190 -44.02 47.21 -30.02
N TYR F 191 -43.01 47.48 -30.82
CA TYR F 191 -42.95 46.97 -32.18
C TYR F 191 -41.48 46.74 -32.52
N GLY F 192 -41.25 45.71 -33.32
CA GLY F 192 -39.93 45.47 -33.87
C GLY F 192 -40.06 44.66 -35.13
N ALA F 193 -39.12 44.86 -36.05
CA ALA F 193 -39.08 44.05 -37.27
C ALA F 193 -37.64 43.86 -37.66
N ALA F 194 -37.42 42.86 -38.50
CA ALA F 194 -36.06 42.40 -38.75
C ALA F 194 -36.06 41.48 -39.95
N ASP F 195 -34.90 41.35 -40.59
CA ASP F 195 -34.76 40.45 -41.73
C ASP F 195 -34.85 38.99 -41.28
N ARG F 196 -35.06 38.09 -42.24
CA ARG F 196 -35.08 36.65 -42.00
C ARG F 196 -33.92 36.01 -42.74
N THR F 197 -33.14 35.18 -42.05
CA THR F 197 -31.98 34.59 -42.69
C THR F 197 -32.41 33.58 -43.75
N ASN F 198 -31.53 33.35 -44.72
CA ASN F 198 -31.84 32.46 -45.83
C ASN F 198 -32.17 31.06 -45.38
N LEU F 199 -31.65 30.62 -44.23
CA LEU F 199 -32.06 29.33 -43.71
C LEU F 199 -33.54 29.34 -43.31
N GLN F 200 -33.98 30.41 -42.65
CA GLN F 200 -35.35 30.50 -42.16
C GLN F 200 -36.36 30.53 -43.31
N GLU F 201 -36.03 31.21 -44.41
CA GLU F 201 -36.93 31.30 -45.55
C GLU F 201 -37.09 29.95 -46.25
N ALA F 202 -36.12 29.07 -46.10
CA ALA F 202 -36.12 27.75 -46.71
C ALA F 202 -36.92 26.72 -45.93
N GLN F 203 -37.31 27.03 -44.70
CA GLN F 203 -38.06 26.08 -43.89
C GLN F 203 -39.43 25.82 -44.51
N PRO F 204 -40.03 24.65 -44.22
CA PRO F 204 -41.31 24.33 -44.85
C PRO F 204 -42.47 25.21 -44.40
N LEU F 205 -42.46 25.67 -43.14
CA LEU F 205 -43.49 26.56 -42.60
C LEU F 205 -42.95 27.98 -42.46
N GLY F 206 -43.67 28.93 -43.03
CA GLY F 206 -43.23 30.31 -43.01
C GLY F 206 -42.67 30.80 -44.32
N ASN F 207 -43.33 31.76 -44.95
CA ASN F 207 -42.77 32.43 -46.11
C ASN F 207 -42.87 33.93 -45.92
N GLY F 208 -41.73 34.59 -46.10
CA GLY F 208 -41.61 36.01 -45.92
C GLY F 208 -40.14 36.35 -45.88
N LYS F 209 -39.81 37.61 -46.11
CA LYS F 209 -38.42 38.03 -46.07
C LYS F 209 -38.11 38.91 -44.87
N LYS F 210 -39.12 39.35 -44.14
CA LYS F 210 -38.96 40.20 -42.97
C LYS F 210 -39.96 39.77 -41.92
N ALA F 211 -39.49 39.69 -40.68
CA ALA F 211 -40.32 39.29 -39.54
C ALA F 211 -40.79 40.53 -38.79
N GLU F 212 -41.97 40.44 -38.19
CA GLU F 212 -42.59 41.55 -37.48
C GLU F 212 -43.18 41.03 -36.18
N GLN F 213 -43.10 41.85 -35.13
CA GLN F 213 -43.65 41.50 -33.82
C GLN F 213 -44.11 42.77 -33.11
N TRP F 214 -45.36 42.79 -32.67
CA TRP F 214 -45.85 43.91 -31.88
C TRP F 214 -46.80 43.43 -30.79
N ALA F 215 -46.94 44.27 -29.76
CA ALA F 215 -47.74 43.95 -28.58
C ALA F 215 -48.00 45.21 -27.80
N THR F 216 -49.14 45.22 -27.11
CA THR F 216 -49.57 46.33 -26.27
C THR F 216 -49.99 45.77 -24.92
N GLY F 217 -49.93 46.61 -23.89
CA GLY F 217 -50.13 46.11 -22.54
C GLY F 217 -50.93 47.06 -21.67
N LEU F 218 -51.70 46.46 -20.77
CA LEU F 218 -52.43 47.18 -19.75
C LEU F 218 -52.19 46.50 -18.42
N LYS F 219 -52.11 47.31 -17.37
CA LYS F 219 -51.81 46.75 -16.06
C LYS F 219 -52.34 47.67 -14.99
N TYR F 220 -52.75 47.08 -13.87
CA TYR F 220 -53.01 47.80 -12.63
C TYR F 220 -52.14 47.16 -11.57
N ASP F 221 -51.38 47.97 -10.86
CA ASP F 221 -50.40 47.43 -9.92
C ASP F 221 -50.35 48.39 -8.73
N ALA F 222 -51.32 48.24 -7.83
CA ALA F 222 -51.35 49.08 -6.65
C ALA F 222 -51.98 48.29 -5.51
N ASN F 223 -51.94 48.89 -4.32
CA ASN F 223 -52.36 48.22 -3.11
C ASN F 223 -51.88 46.78 -3.09
N ASN F 224 -52.83 45.85 -3.14
CA ASN F 224 -52.50 44.44 -3.16
C ASN F 224 -53.07 43.73 -4.40
N ILE F 225 -53.52 44.49 -5.39
CA ILE F 225 -54.15 43.93 -6.58
C ILE F 225 -53.23 44.06 -7.77
N TYR F 226 -53.31 43.08 -8.67
CA TYR F 226 -52.60 43.13 -9.94
C TYR F 226 -53.48 42.58 -11.06
N LEU F 227 -53.77 43.41 -12.06
CA LEU F 227 -54.48 43.03 -13.27
C LEU F 227 -53.65 43.39 -14.48
N ALA F 228 -53.70 42.54 -15.51
CA ALA F 228 -52.87 42.76 -16.68
C ALA F 228 -53.49 42.09 -17.89
N ALA F 229 -53.39 42.76 -19.03
CA ALA F 229 -53.87 42.23 -20.29
C ALA F 229 -52.85 42.59 -21.36
N ASN F 230 -52.64 41.67 -22.30
CA ASN F 230 -51.69 41.90 -23.38
C ASN F 230 -52.26 41.42 -24.70
N TYR F 231 -52.13 42.25 -25.73
CA TYR F 231 -52.49 41.84 -27.09
C TYR F 231 -51.32 42.12 -28.00
N GLY F 232 -51.06 41.18 -28.90
CA GLY F 232 -50.02 41.37 -29.89
C GLY F 232 -50.32 40.51 -31.09
N GLU F 233 -49.66 40.85 -32.18
CA GLU F 233 -49.76 40.08 -33.42
C GLU F 233 -48.34 39.92 -33.96
N THR F 234 -48.11 38.84 -34.70
CA THR F 234 -46.80 38.60 -35.29
C THR F 234 -46.98 38.15 -36.73
N ARG F 235 -45.94 38.37 -37.52
CA ARG F 235 -45.88 37.90 -38.91
C ARG F 235 -44.52 37.25 -39.11
N ASN F 236 -44.53 35.99 -39.52
CA ASN F 236 -43.32 35.24 -39.87
C ASN F 236 -42.33 35.10 -38.71
N ALA F 237 -42.76 35.33 -37.47
CA ALA F 237 -41.83 35.43 -36.35
C ALA F 237 -42.06 34.46 -35.21
N THR F 238 -43.26 33.93 -35.06
CA THR F 238 -43.42 33.00 -33.95
C THR F 238 -43.08 31.59 -34.44
N PRO F 239 -42.34 30.77 -33.67
CA PRO F 239 -41.91 29.46 -34.16
C PRO F 239 -42.94 28.38 -33.92
N ILE F 240 -43.02 27.44 -34.85
CA ILE F 240 -44.03 26.37 -34.77
C ILE F 240 -43.43 25.02 -35.14
N THR F 241 -44.08 23.97 -34.68
CA THR F 241 -43.64 22.59 -34.93
C THR F 241 -44.85 21.78 -35.32
N ASN F 242 -44.84 21.23 -36.51
CA ASN F 242 -45.95 20.39 -36.95
C ASN F 242 -45.62 18.96 -36.55
N LYS F 243 -46.00 18.57 -35.32
CA LYS F 243 -45.53 17.28 -34.82
C LYS F 243 -46.01 16.11 -35.65
N PHE F 244 -46.92 16.31 -36.60
CA PHE F 244 -47.35 15.19 -37.43
C PHE F 244 -46.47 14.96 -38.65
N THR F 245 -45.98 16.03 -39.29
CA THR F 245 -45.12 15.90 -40.47
C THR F 245 -43.64 15.99 -40.15
N ASN F 246 -43.26 16.05 -38.88
CA ASN F 246 -41.87 16.31 -38.49
C ASN F 246 -41.33 17.54 -39.23
N THR F 247 -42.15 18.60 -39.24
CA THR F 247 -41.80 19.82 -39.95
C THR F 247 -41.70 20.97 -38.96
N SER F 248 -40.69 21.81 -39.17
CA SER F 248 -40.46 22.99 -38.36
C SER F 248 -40.60 24.21 -39.25
N GLY F 249 -40.75 25.37 -38.63
CA GLY F 249 -40.84 26.59 -39.40
C GLY F 249 -41.35 27.74 -38.57
N PHE F 250 -42.03 28.68 -39.25
CA PHE F 250 -42.50 29.88 -38.57
C PHE F 250 -43.93 30.20 -38.98
N ALA F 251 -44.64 30.83 -38.06
CA ALA F 251 -46.05 31.13 -38.26
C ALA F 251 -46.21 32.36 -39.12
N ASN F 252 -46.88 32.20 -40.27
CA ASN F 252 -47.12 33.33 -41.16
C ASN F 252 -47.83 34.48 -40.44
N LYS F 253 -48.78 34.16 -39.55
CA LYS F 253 -49.54 35.16 -38.81
C LYS F 253 -49.92 34.60 -37.45
N THR F 254 -49.90 35.43 -36.40
CA THR F 254 -50.45 35.05 -35.09
C THR F 254 -51.18 36.21 -34.43
N GLN F 255 -52.16 35.87 -33.57
CA GLN F 255 -52.86 36.82 -32.70
C GLN F 255 -52.86 36.26 -31.29
N ASP F 256 -52.27 37.00 -30.36
CA ASP F 256 -52.00 36.49 -29.02
C ASP F 256 -52.71 37.36 -28.00
N VAL F 257 -53.42 36.71 -27.08
CA VAL F 257 -54.08 37.37 -25.97
C VAL F 257 -53.53 36.79 -24.68
N LEU F 258 -53.22 37.66 -23.72
CA LEU F 258 -52.84 37.23 -22.38
C LEU F 258 -53.56 38.10 -21.38
N LEU F 259 -54.24 37.47 -20.43
CA LEU F 259 -54.93 38.18 -19.36
C LEU F 259 -54.49 37.55 -18.05
N VAL F 260 -54.24 38.38 -17.04
CA VAL F 260 -53.70 37.88 -15.79
C VAL F 260 -54.25 38.71 -14.65
N ALA F 261 -54.78 38.03 -13.64
CA ALA F 261 -55.30 38.69 -12.45
C ALA F 261 -54.79 37.97 -11.20
N GLN F 262 -54.28 38.75 -10.25
CA GLN F 262 -53.76 38.21 -9.00
C GLN F 262 -54.04 39.22 -7.89
N TYR F 263 -54.00 38.71 -6.67
CA TYR F 263 -54.15 39.50 -5.46
C TYR F 263 -53.16 38.95 -4.44
N GLN F 264 -52.68 39.80 -3.52
CA GLN F 264 -51.68 39.38 -2.53
C GLN F 264 -52.22 39.64 -1.13
N PHE F 265 -52.55 38.56 -0.41
CA PHE F 265 -53.20 38.62 0.89
C PHE F 265 -52.25 39.06 2.01
N ASP F 266 -52.87 39.47 3.13
CA ASP F 266 -52.11 39.90 4.30
C ASP F 266 -51.20 38.79 4.78
N PHE F 267 -51.68 37.55 4.73
CA PHE F 267 -50.99 36.37 5.24
C PHE F 267 -50.11 35.70 4.19
N GLY F 268 -49.92 36.30 3.03
CA GLY F 268 -48.87 35.85 2.15
C GLY F 268 -49.27 34.99 0.99
N LEU F 269 -50.50 34.52 0.93
CA LEU F 269 -50.88 33.75 -0.25
C LEU F 269 -51.14 34.74 -1.38
N ARG F 270 -50.67 34.39 -2.58
CA ARG F 270 -50.87 35.22 -3.77
C ARG F 270 -51.45 34.34 -4.86
N PRO F 271 -52.77 34.23 -4.91
CA PRO F 271 -53.43 33.46 -5.98
C PRO F 271 -53.38 34.18 -7.30
N SER F 272 -53.50 33.41 -8.38
CA SER F 272 -53.52 34.02 -9.70
C SER F 272 -54.46 33.23 -10.59
N ILE F 273 -55.23 33.96 -11.38
CA ILE F 273 -56.08 33.38 -12.42
C ILE F 273 -55.69 34.05 -13.73
N ALA F 274 -55.66 33.28 -14.81
CA ALA F 274 -55.17 33.86 -16.05
C ALA F 274 -55.65 33.08 -17.26
N TYR F 275 -55.72 33.78 -18.38
CA TYR F 275 -56.12 33.23 -19.66
C TYR F 275 -55.08 33.64 -20.68
N THR F 276 -54.83 32.77 -21.64
CA THR F 276 -53.75 33.01 -22.59
C THR F 276 -54.07 32.26 -23.87
N LYS F 277 -54.24 33.00 -24.95
CA LYS F 277 -54.63 32.41 -26.22
C LYS F 277 -53.77 32.98 -27.33
N SER F 278 -53.18 32.06 -28.11
CA SER F 278 -52.34 32.39 -29.26
C SER F 278 -52.80 31.57 -30.43
N LYS F 279 -53.40 32.21 -31.42
CA LYS F 279 -53.95 31.53 -32.58
C LYS F 279 -53.08 31.86 -33.79
N ALA F 280 -52.80 30.86 -34.61
CA ALA F 280 -51.97 31.03 -35.79
C ALA F 280 -52.79 30.93 -37.05
N LYS F 281 -52.44 31.70 -38.07
CA LYS F 281 -53.17 31.70 -39.32
C LYS F 281 -52.23 31.45 -40.49
N ASP F 282 -52.81 30.92 -41.56
CA ASP F 282 -52.13 30.69 -42.83
C ASP F 282 -50.97 29.71 -42.72
N VAL F 283 -50.98 28.79 -41.74
CA VAL F 283 -49.94 27.77 -41.65
C VAL F 283 -50.11 26.82 -42.82
N GLU F 284 -49.07 26.71 -43.64
CA GLU F 284 -49.20 25.93 -44.87
C GLU F 284 -49.58 24.49 -44.55
N GLY F 285 -50.62 24.02 -45.23
CA GLY F 285 -51.19 22.68 -45.03
C GLY F 285 -52.28 22.57 -43.98
N ILE F 286 -52.45 23.57 -43.12
CA ILE F 286 -53.39 23.51 -42.01
C ILE F 286 -54.45 24.60 -42.14
N GLY F 287 -54.03 25.80 -42.44
CA GLY F 287 -54.93 26.96 -42.35
C GLY F 287 -54.81 27.60 -40.98
N ASP F 288 -55.91 27.63 -40.25
CA ASP F 288 -55.92 28.19 -38.91
C ASP F 288 -55.71 27.08 -37.87
N VAL F 289 -55.04 27.42 -36.77
CA VAL F 289 -54.76 26.45 -35.71
C VAL F 289 -54.29 27.14 -34.44
N ASP F 290 -54.83 26.71 -33.30
CA ASP F 290 -54.47 27.28 -32.01
C ASP F 290 -53.12 26.74 -31.54
N LEU F 291 -52.33 27.62 -30.94
CA LEU F 291 -51.02 27.28 -30.40
C LEU F 291 -50.98 27.27 -28.89
N VAL F 292 -51.67 28.21 -28.25
CA VAL F 292 -51.76 28.29 -26.79
C VAL F 292 -53.20 28.70 -26.49
N ASN F 293 -53.89 27.90 -25.67
CA ASN F 293 -55.33 28.05 -25.42
C ASN F 293 -55.59 27.42 -24.05
N TYR F 294 -55.57 28.24 -23.01
CA TYR F 294 -55.63 27.62 -21.70
C TYR F 294 -56.15 28.61 -20.66
N PHE F 295 -56.64 28.05 -19.57
CA PHE F 295 -56.97 28.79 -18.36
C PHE F 295 -56.00 28.35 -17.26
N GLU F 296 -55.56 29.29 -16.44
CA GLU F 296 -54.63 28.99 -15.36
C GLU F 296 -55.20 29.46 -14.04
N VAL F 297 -55.07 28.62 -13.02
CA VAL F 297 -55.33 29.01 -11.65
C VAL F 297 -54.15 28.51 -10.82
N GLY F 298 -53.73 29.31 -9.85
CA GLY F 298 -52.61 28.90 -9.02
C GLY F 298 -52.34 29.95 -7.98
N ALA F 299 -51.38 29.65 -7.12
CA ALA F 299 -51.07 30.57 -6.03
C ALA F 299 -49.64 30.34 -5.55
N THR F 300 -49.11 31.38 -4.93
CA THR F 300 -47.82 31.32 -4.25
C THR F 300 -48.00 31.70 -2.79
N TYR F 301 -47.24 31.06 -1.91
CA TYR F 301 -47.07 31.51 -0.55
C TYR F 301 -45.66 32.06 -0.40
N TYR F 302 -45.57 33.30 0.08
CA TYR F 302 -44.31 33.98 0.27
C TYR F 302 -44.03 33.93 1.78
N PHE F 303 -43.11 33.04 2.18
CA PHE F 303 -42.70 32.98 3.59
C PHE F 303 -41.96 34.25 4.00
N ASN F 304 -41.05 34.70 3.16
CA ASN F 304 -40.45 36.03 3.21
C ASN F 304 -39.73 36.22 1.88
N LYS F 305 -38.88 37.25 1.81
CA LYS F 305 -38.26 37.63 0.55
C LYS F 305 -37.41 36.52 -0.07
N ASN F 306 -36.99 35.53 0.71
CA ASN F 306 -36.04 34.52 0.24
C ASN F 306 -36.68 33.17 -0.07
N MET F 307 -37.83 32.86 0.50
CA MET F 307 -38.42 31.52 0.39
C MET F 307 -39.87 31.64 -0.06
N SER F 308 -40.29 30.71 -0.91
CA SER F 308 -41.63 30.73 -1.50
C SER F 308 -42.00 29.30 -1.92
N THR F 309 -43.29 29.01 -1.93
CA THR F 309 -43.83 27.78 -2.48
C THR F 309 -44.96 28.12 -3.41
N TYR F 310 -45.27 27.22 -4.36
CA TYR F 310 -46.32 27.62 -5.28
C TYR F 310 -46.96 26.43 -5.96
N VAL F 311 -48.15 26.70 -6.52
CA VAL F 311 -48.90 25.78 -7.36
C VAL F 311 -49.39 26.53 -8.59
N ASP F 312 -49.34 25.87 -9.75
CA ASP F 312 -49.80 26.47 -11.01
C ASP F 312 -50.50 25.38 -11.80
N TYR F 313 -51.83 25.49 -11.94
CA TYR F 313 -52.61 24.52 -12.70
C TYR F 313 -53.03 25.13 -14.03
N ILE F 314 -52.82 24.37 -15.10
CA ILE F 314 -53.21 24.78 -16.43
C ILE F 314 -54.40 23.94 -16.87
N ILE F 315 -55.59 24.54 -16.87
CA ILE F 315 -56.74 23.89 -17.49
C ILE F 315 -56.55 24.09 -18.99
N ASN F 316 -56.13 23.04 -19.68
CA ASN F 316 -55.68 23.18 -21.06
C ASN F 316 -56.85 22.97 -22.01
N GLN F 317 -57.10 23.97 -22.84
CA GLN F 317 -58.21 23.98 -23.77
C GLN F 317 -57.80 23.61 -25.18
N ILE F 318 -56.53 23.34 -25.43
CA ILE F 318 -56.13 22.82 -26.72
C ILE F 318 -56.99 21.60 -26.99
N ASP F 319 -57.27 21.35 -28.24
CA ASP F 319 -58.10 20.19 -28.56
C ASP F 319 -57.20 19.00 -28.89
N SER F 320 -57.78 17.80 -28.72
CA SER F 320 -57.06 16.60 -29.09
C SER F 320 -56.79 16.59 -30.58
N ASP F 321 -57.72 17.16 -31.34
CA ASP F 321 -57.60 17.29 -32.78
C ASP F 321 -56.55 18.28 -33.22
N ASN F 322 -55.83 18.93 -32.31
CA ASN F 322 -54.95 20.03 -32.73
C ASN F 322 -54.14 19.61 -33.95
N LYS F 323 -54.26 20.41 -35.00
CA LYS F 323 -53.75 20.01 -36.30
C LYS F 323 -52.23 20.03 -36.32
N LEU F 324 -51.63 20.78 -35.40
CA LEU F 324 -50.20 20.87 -35.22
C LEU F 324 -49.68 19.89 -34.17
N GLY F 325 -50.58 19.19 -33.47
CA GLY F 325 -50.14 18.31 -32.42
C GLY F 325 -49.78 19.00 -31.12
N VAL F 326 -50.19 20.24 -30.91
CA VAL F 326 -49.99 20.84 -29.60
C VAL F 326 -50.74 19.99 -28.59
N GLY F 327 -50.08 19.69 -27.47
CA GLY F 327 -50.67 18.76 -26.52
C GLY F 327 -51.97 19.29 -25.96
N SER F 328 -52.92 18.38 -25.72
CA SER F 328 -54.25 18.75 -25.28
C SER F 328 -54.52 18.42 -23.82
N ASP F 329 -53.66 17.62 -23.18
CA ASP F 329 -53.87 17.25 -21.79
C ASP F 329 -53.38 18.36 -20.86
N ASP F 330 -54.01 18.44 -19.69
CA ASP F 330 -53.68 19.47 -18.72
C ASP F 330 -52.31 19.18 -18.12
N THR F 331 -51.85 20.08 -17.25
CA THR F 331 -50.56 19.93 -16.59
C THR F 331 -50.60 20.78 -15.33
N VAL F 332 -50.01 20.29 -14.25
CA VAL F 332 -49.99 21.04 -13.01
C VAL F 332 -48.60 20.95 -12.39
N ALA F 333 -48.15 22.05 -11.80
CA ALA F 333 -46.80 22.16 -11.26
C ALA F 333 -46.80 22.54 -9.79
N VAL F 334 -45.86 21.95 -9.06
CA VAL F 334 -45.56 22.31 -7.67
C VAL F 334 -44.12 22.78 -7.61
N GLY F 335 -43.86 23.80 -6.80
CA GLY F 335 -42.52 24.35 -6.71
C GLY F 335 -42.20 24.95 -5.36
N ILE F 336 -40.97 24.76 -4.88
CA ILE F 336 -40.50 25.41 -3.66
C ILE F 336 -39.14 26.02 -3.94
N VAL F 337 -38.99 27.30 -3.63
CA VAL F 337 -37.93 28.12 -4.20
C VAL F 337 -37.23 28.88 -3.10
N TYR F 338 -35.95 28.60 -2.91
CA TYR F 338 -35.06 29.48 -2.18
C TYR F 338 -34.29 30.35 -3.16
N GLN F 339 -34.18 31.63 -2.83
CA GLN F 339 -33.39 32.55 -3.64
C GLN F 339 -32.67 33.53 -2.72
N PHE F 340 -31.54 34.03 -3.21
CA PHE F 340 -30.75 34.99 -2.46
C PHE F 340 -30.32 36.09 -3.40
N GLY G 11 -86.16 29.52 25.92
CA GLY G 11 -85.50 28.61 24.99
C GLY G 11 -85.72 27.15 25.30
N ARG G 12 -86.43 26.45 24.42
CA ARG G 12 -86.82 25.07 24.66
C ARG G 12 -87.59 24.48 23.48
N SER G 13 -86.97 23.62 22.68
CA SER G 13 -87.76 22.97 21.61
C SER G 13 -87.19 21.58 21.29
N ASP G 14 -87.75 20.54 21.92
CA ASP G 14 -87.34 19.17 21.64
C ASP G 14 -88.57 18.28 21.44
N PRO G 15 -88.81 17.78 20.21
CA PRO G 15 -90.00 16.96 19.93
C PRO G 15 -89.91 15.57 20.52
N LEU G 16 -88.84 14.84 20.15
CA LEU G 16 -88.62 13.46 20.58
C LEU G 16 -87.87 13.37 21.89
N GLU G 17 -87.91 14.41 22.72
CA GLU G 17 -87.11 14.49 23.94
C GLU G 17 -87.04 13.17 24.71
N GLY G 18 -88.17 12.50 24.88
CA GLY G 18 -88.13 11.24 25.61
C GLY G 18 -87.29 10.19 24.90
N PHE G 19 -87.31 10.20 23.57
CA PHE G 19 -86.48 9.25 22.83
C PHE G 19 -85.05 9.76 22.64
N ASN G 20 -84.84 11.08 22.69
CA ASN G 20 -83.47 11.58 22.73
C ASN G 20 -82.84 11.34 24.08
N ARG G 21 -83.60 11.58 25.15
CA ARG G 21 -83.04 11.45 26.49
C ARG G 21 -82.74 10.00 26.85
N THR G 22 -83.54 9.07 26.34
CA THR G 22 -83.23 7.65 26.51
C THR G 22 -81.91 7.33 25.82
N MET G 23 -81.82 7.67 24.54
CA MET G 23 -80.61 7.40 23.79
C MET G 23 -79.42 8.18 24.36
N PHE G 24 -79.64 9.37 24.95
CA PHE G 24 -78.58 10.02 25.70
C PHE G 24 -78.17 9.21 26.92
N ASP G 25 -79.15 8.86 27.75
CA ASP G 25 -78.86 7.97 28.88
C ASP G 25 -78.02 6.81 28.41
N PHE G 26 -78.34 6.28 27.23
CA PHE G 26 -77.57 5.17 26.68
C PHE G 26 -76.12 5.58 26.46
N ASN G 27 -75.91 6.70 25.78
CA ASN G 27 -74.55 7.15 25.46
C ASN G 27 -73.72 7.38 26.72
N TYR G 28 -74.22 8.25 27.60
CA TYR G 28 -73.42 8.69 28.74
C TYR G 28 -73.24 7.60 29.78
N ASN G 29 -74.18 6.65 29.86
CA ASN G 29 -74.22 5.75 31.01
C ASN G 29 -73.97 4.28 30.72
N VAL G 30 -73.90 3.86 29.46
CA VAL G 30 -73.41 2.51 29.20
C VAL G 30 -72.37 2.54 28.10
N LEU G 31 -72.54 3.40 27.11
CA LEU G 31 -71.56 3.42 26.03
C LEU G 31 -70.30 4.20 26.40
N ASP G 32 -70.37 5.11 27.38
CA ASP G 32 -69.25 5.93 27.85
C ASP G 32 -68.42 5.24 28.93
N PRO G 33 -69.03 4.66 29.97
CA PRO G 33 -68.19 4.00 30.98
C PRO G 33 -67.57 2.70 30.49
N TYR G 34 -68.28 1.89 29.70
CA TYR G 34 -67.78 0.56 29.37
C TYR G 34 -66.86 0.57 28.16
N ILE G 35 -66.97 1.59 27.31
CA ILE G 35 -66.07 1.85 26.20
C ILE G 35 -66.04 3.37 26.13
N LEU G 36 -64.98 3.93 25.53
CA LEU G 36 -64.73 5.37 25.37
C LEU G 36 -63.81 5.89 26.46
N ARG G 37 -64.26 5.88 27.72
CA ARG G 37 -63.28 6.12 28.78
C ARG G 37 -62.21 5.06 28.76
N PRO G 38 -62.52 3.76 28.62
CA PRO G 38 -61.46 2.80 28.36
C PRO G 38 -60.51 3.26 27.26
N VAL G 39 -61.05 3.61 26.09
CA VAL G 39 -60.17 3.88 24.97
C VAL G 39 -59.52 5.28 25.02
N ALA G 40 -60.21 6.28 25.60
CA ALA G 40 -59.66 7.63 25.65
C ALA G 40 -58.52 7.74 26.65
N VAL G 41 -58.66 7.10 27.81
CA VAL G 41 -57.53 6.97 28.72
C VAL G 41 -56.44 6.13 28.06
N ALA G 42 -56.84 4.98 27.49
CA ALA G 42 -55.93 4.12 26.75
C ALA G 42 -55.62 4.64 25.36
N TRP G 43 -56.02 5.87 25.04
CA TRP G 43 -55.48 6.59 23.90
C TRP G 43 -54.45 7.62 24.38
N ARG G 44 -54.88 8.52 25.27
CA ARG G 44 -53.94 9.48 25.82
C ARG G 44 -52.67 8.82 26.32
N ASP G 45 -52.83 7.74 27.09
CA ASP G 45 -51.73 7.33 27.94
C ASP G 45 -50.61 6.56 27.25
N TYR G 46 -50.84 5.89 26.12
CA TYR G 46 -49.67 5.22 25.57
C TYR G 46 -49.43 5.52 24.09
N VAL G 47 -49.96 6.63 23.58
CA VAL G 47 -49.63 7.12 22.24
C VAL G 47 -48.95 8.49 22.40
N PRO G 48 -47.81 8.72 21.76
CA PRO G 48 -47.02 9.92 22.10
C PRO G 48 -47.67 11.19 21.60
N MET G 49 -47.49 12.27 22.34
CA MET G 49 -48.15 13.52 21.98
C MET G 49 -47.91 13.91 20.53
N PRO G 50 -46.68 13.79 19.97
CA PRO G 50 -46.50 14.03 18.52
C PRO G 50 -47.41 13.19 17.63
N ALA G 51 -47.92 12.07 18.15
CA ALA G 51 -48.92 11.32 17.39
C ALA G 51 -50.31 11.96 17.55
N ARG G 52 -50.67 12.32 18.77
CA ARG G 52 -51.99 12.92 18.99
C ARG G 52 -52.12 14.22 18.22
N ASN G 53 -51.10 15.08 18.27
CA ASN G 53 -51.06 16.26 17.41
C ASN G 53 -50.72 15.92 15.96
N GLY G 54 -50.10 14.77 15.71
CA GLY G 54 -49.86 14.37 14.34
C GLY G 54 -51.12 13.93 13.62
N ILE G 55 -51.99 13.19 14.32
CA ILE G 55 -53.17 12.62 13.69
C ILE G 55 -54.30 13.63 13.60
N SER G 56 -54.43 14.53 14.57
CA SER G 56 -55.41 15.60 14.44
C SER G 56 -55.25 16.29 13.09
N ASN G 57 -54.01 16.60 12.71
CA ASN G 57 -53.81 17.43 11.53
C ASN G 57 -54.13 16.69 10.25
N PHE G 58 -53.72 15.42 10.14
CA PHE G 58 -53.95 14.70 8.90
C PHE G 58 -55.43 14.62 8.56
N THR G 59 -56.25 14.18 9.52
CA THR G 59 -57.67 14.05 9.26
C THR G 59 -58.29 15.42 8.94
N SER G 60 -58.09 16.39 9.84
CA SER G 60 -58.71 17.68 9.68
C SER G 60 -58.26 18.36 8.40
N ASN G 61 -57.07 18.03 7.91
CA ASN G 61 -56.65 18.63 6.65
C ASN G 61 -57.62 18.27 5.52
N LEU G 62 -58.30 17.13 5.64
CA LEU G 62 -59.21 16.67 4.61
C LEU G 62 -60.54 17.44 4.60
N GLU G 63 -60.91 18.07 5.71
CA GLU G 63 -62.09 18.92 5.80
C GLU G 63 -61.74 20.39 5.57
N GLU G 64 -60.62 20.65 4.93
CA GLU G 64 -60.15 22.00 4.59
C GLU G 64 -60.57 22.35 3.17
N PRO G 65 -60.46 21.44 2.20
CA PRO G 65 -61.06 21.73 0.89
C PRO G 65 -62.54 21.98 1.01
N ALA G 66 -63.18 21.20 1.87
CA ALA G 66 -64.61 21.38 2.11
C ALA G 66 -64.89 22.69 2.83
N SER G 67 -64.15 22.99 3.89
CA SER G 67 -64.40 24.26 4.56
C SER G 67 -64.15 25.42 3.62
N MET G 68 -63.24 25.26 2.65
CA MET G 68 -63.01 26.30 1.63
C MET G 68 -64.28 26.52 0.83
N VAL G 69 -64.69 25.54 0.03
CA VAL G 69 -65.80 25.71 -0.90
C VAL G 69 -67.02 26.23 -0.18
N ASN G 70 -67.11 26.01 1.13
CA ASN G 70 -68.22 26.50 1.92
C ASN G 70 -68.00 27.90 2.47
N ALA G 71 -66.79 28.44 2.45
CA ALA G 71 -66.61 29.81 2.88
C ALA G 71 -66.87 30.80 1.75
N PHE G 72 -66.68 30.37 0.50
CA PHE G 72 -67.21 31.12 -0.62
C PHE G 72 -68.72 31.18 -0.56
N LEU G 73 -69.36 30.04 -0.32
CA LEU G 73 -70.82 29.97 -0.26
C LEU G 73 -71.39 30.90 0.79
N LYS G 74 -70.76 30.96 1.96
CA LYS G 74 -71.07 31.88 3.06
C LYS G 74 -70.60 33.29 2.79
N GLY G 75 -70.17 33.57 1.56
CA GLY G 75 -69.85 34.91 1.14
C GLY G 75 -68.49 35.42 1.56
N ASP G 76 -67.73 34.64 2.32
CA ASP G 76 -66.42 35.06 2.77
C ASP G 76 -65.36 34.38 1.95
N PRO G 77 -64.78 35.03 0.93
CA PRO G 77 -63.73 34.39 0.15
C PRO G 77 -62.37 34.50 0.80
N TYR G 78 -62.25 35.36 1.81
CA TYR G 78 -61.01 35.53 2.56
C TYR G 78 -60.62 34.25 3.27
N ARG G 79 -61.55 33.68 4.03
CA ARG G 79 -61.30 32.42 4.74
C ARG G 79 -61.53 31.20 3.87
N GLY G 80 -62.15 31.37 2.72
CA GLY G 80 -62.10 30.34 1.69
C GLY G 80 -60.68 30.12 1.22
N MET G 81 -59.86 31.18 1.23
CA MET G 81 -58.46 31.02 0.89
C MET G 81 -57.63 30.54 2.07
N ILE G 82 -57.98 30.95 3.30
CA ILE G 82 -57.27 30.46 4.48
C ILE G 82 -57.39 28.95 4.59
N HIS G 83 -58.60 28.42 4.45
CA HIS G 83 -58.74 26.96 4.39
C HIS G 83 -58.04 26.41 3.16
N PHE G 84 -58.02 27.17 2.06
CA PHE G 84 -57.25 26.76 0.90
C PHE G 84 -55.77 26.77 1.20
N ASN G 85 -55.31 27.82 1.87
CA ASN G 85 -53.88 27.97 2.11
C ASN G 85 -53.39 26.92 3.08
N ARG G 86 -54.15 26.66 4.15
CA ARG G 86 -53.82 25.57 5.07
C ARG G 86 -53.67 24.26 4.32
N PHE G 87 -54.64 23.95 3.45
CA PHE G 87 -54.64 22.69 2.72
C PHE G 87 -53.39 22.59 1.87
N PHE G 88 -53.27 23.48 0.88
CA PHE G 88 -52.12 23.54 -0.01
C PHE G 88 -50.78 23.41 0.73
N LEU G 89 -50.58 24.25 1.74
CA LEU G 89 -49.33 24.27 2.49
C LEU G 89 -49.13 22.96 3.25
N ASN G 90 -50.03 22.66 4.20
CA ASN G 90 -49.83 21.49 5.05
C ASN G 90 -49.78 20.21 4.25
N THR G 91 -50.45 20.16 3.10
CA THR G 91 -50.54 18.92 2.34
C THR G 91 -49.33 18.68 1.46
N LEU G 92 -48.53 19.71 1.21
CA LEU G 92 -47.45 19.62 0.24
C LEU G 92 -46.10 19.55 0.93
N LEU G 93 -45.78 20.57 1.71
CA LEU G 93 -44.57 20.61 2.51
C LEU G 93 -44.76 19.90 3.86
N GLY G 94 -45.96 19.39 4.14
CA GLY G 94 -46.24 18.78 5.42
C GLY G 94 -46.62 17.31 5.41
N MET G 95 -46.11 16.56 4.43
CA MET G 95 -46.12 15.11 4.42
C MET G 95 -47.52 14.49 4.22
N GLY G 96 -48.44 15.20 3.60
CA GLY G 96 -49.80 14.72 3.46
C GLY G 96 -50.76 15.26 4.50
N GLY G 97 -50.25 15.90 5.54
CA GLY G 97 -51.13 16.54 6.51
C GLY G 97 -50.60 16.42 7.91
N LEU G 98 -49.53 15.66 8.09
CA LEU G 98 -48.99 15.40 9.41
C LEU G 98 -48.45 16.64 10.08
N ILE G 99 -48.10 17.67 9.30
CA ILE G 99 -47.42 18.86 9.80
C ILE G 99 -48.31 20.07 9.63
N ASP G 100 -48.31 20.93 10.64
CA ASP G 100 -49.01 22.22 10.55
C ASP G 100 -48.05 23.26 9.95
N VAL G 101 -47.81 23.12 8.65
CA VAL G 101 -46.91 24.05 7.96
C VAL G 101 -47.47 25.46 8.03
N ALA G 102 -48.74 25.62 7.69
CA ALA G 102 -49.35 26.94 7.68
C ALA G 102 -49.44 27.53 9.08
N GLY G 103 -49.53 26.71 10.12
CA GLY G 103 -49.66 27.25 11.45
C GLY G 103 -48.42 27.97 11.94
N MET G 104 -47.23 27.43 11.62
CA MET G 104 -46.01 28.13 11.97
C MET G 104 -45.65 29.21 10.96
N ALA G 105 -46.34 29.26 9.81
CA ALA G 105 -46.01 30.26 8.80
C ALA G 105 -46.34 31.66 9.29
N ASN G 106 -47.60 31.91 9.68
CA ASN G 106 -47.99 33.19 10.28
C ASN G 106 -49.33 32.98 10.98
N PRO G 107 -49.56 33.61 12.14
CA PRO G 107 -50.73 33.26 12.96
C PRO G 107 -52.06 33.31 12.23
N LYS G 108 -52.18 34.16 11.20
CA LYS G 108 -53.42 34.31 10.45
C LYS G 108 -53.83 33.05 9.69
N LEU G 109 -52.97 32.02 9.62
CA LEU G 109 -53.39 30.75 9.02
C LEU G 109 -53.77 29.70 10.07
N ALA G 110 -54.08 30.13 11.30
CA ALA G 110 -54.37 29.21 12.39
C ALA G 110 -55.40 28.16 12.00
N ARG G 111 -55.32 27.00 12.65
CA ARG G 111 -56.26 25.93 12.34
C ARG G 111 -57.63 26.31 12.88
N GLU G 112 -58.66 25.75 12.27
CA GLU G 112 -59.98 26.24 12.61
C GLU G 112 -61.02 25.15 12.44
N GLU G 113 -61.96 25.12 13.38
CA GLU G 113 -63.13 24.27 13.35
C GLU G 113 -63.74 24.37 11.96
N PRO G 114 -63.94 23.26 11.26
CA PRO G 114 -64.39 23.35 9.86
C PRO G 114 -65.82 23.86 9.75
N ASN G 115 -66.25 24.12 8.51
CA ASN G 115 -67.59 24.70 8.26
C ASN G 115 -68.12 24.10 6.95
N ARG G 116 -68.92 23.05 7.08
CA ARG G 116 -69.38 22.30 5.92
C ARG G 116 -70.82 22.69 5.55
N PHE G 117 -71.46 21.90 4.66
CA PHE G 117 -72.68 22.37 3.98
C PHE G 117 -73.83 22.60 4.96
N GLY G 118 -73.94 21.77 6.00
CA GLY G 118 -74.95 22.04 7.01
C GLY G 118 -74.81 23.42 7.61
N SER G 119 -73.56 23.87 7.81
CA SER G 119 -73.31 25.23 8.27
C SER G 119 -73.62 26.27 7.20
N THR G 120 -73.61 25.88 5.93
CA THR G 120 -73.95 26.82 4.86
C THR G 120 -75.45 26.99 4.75
N LEU G 121 -76.22 25.89 4.85
CA LEU G 121 -77.67 26.01 4.98
C LEU G 121 -78.04 26.92 6.14
N GLY G 122 -77.24 26.90 7.22
CA GLY G 122 -77.51 27.75 8.37
C GLY G 122 -77.26 29.23 8.12
N HIS G 123 -76.31 29.55 7.22
CA HIS G 123 -76.08 30.95 6.87
C HIS G 123 -77.30 31.55 6.18
N TYR G 124 -78.05 30.75 5.43
CA TYR G 124 -79.23 31.23 4.73
C TYR G 124 -80.51 30.98 5.54
N ASP G 125 -80.37 30.59 6.81
CA ASP G 125 -81.49 30.41 7.73
C ASP G 125 -82.46 29.33 7.24
N VAL G 126 -81.91 28.17 6.88
CA VAL G 126 -82.77 27.01 6.60
C VAL G 126 -83.28 26.40 7.90
N GLY G 127 -82.38 26.11 8.83
CA GLY G 127 -82.85 25.60 10.11
C GLY G 127 -82.71 24.10 10.28
N TYR G 128 -82.27 23.72 11.49
CA TYR G 128 -81.80 22.39 11.81
C TYR G 128 -82.85 21.35 11.46
N GLY G 129 -83.96 21.38 12.17
CA GLY G 129 -84.89 20.30 12.17
C GLY G 129 -85.01 19.84 13.60
N PRO G 130 -85.81 18.80 13.83
CA PRO G 130 -86.01 18.33 15.20
C PRO G 130 -84.71 17.71 15.72
N TYR G 131 -84.31 18.14 16.91
CA TYR G 131 -83.12 17.61 17.55
C TYR G 131 -83.30 16.13 17.79
N VAL G 132 -82.29 15.35 17.45
CA VAL G 132 -82.32 13.90 17.66
C VAL G 132 -81.03 13.52 18.39
N MET G 133 -80.98 12.28 18.88
CA MET G 133 -79.77 11.75 19.48
C MET G 133 -79.71 10.25 19.20
N LEU G 134 -78.87 9.86 18.27
CA LEU G 134 -78.75 8.47 17.88
C LEU G 134 -78.00 7.68 18.94
N PRO G 135 -77.82 6.35 18.79
CA PRO G 135 -77.10 5.58 19.82
C PRO G 135 -75.58 5.66 19.77
N GLY G 136 -74.90 5.22 18.70
CA GLY G 136 -73.45 5.36 18.67
C GLY G 136 -73.00 6.77 18.39
N TYR G 137 -73.87 7.57 17.77
CA TYR G 137 -73.68 8.90 17.24
C TYR G 137 -74.28 9.88 18.24
N GLY G 138 -73.83 11.12 18.22
CA GLY G 138 -74.33 12.00 19.27
C GLY G 138 -75.48 12.96 19.03
N SER G 139 -75.79 13.26 17.78
CA SER G 139 -76.78 14.30 17.51
C SER G 139 -77.06 14.37 16.03
N PHE G 140 -78.31 14.21 15.61
CA PHE G 140 -78.61 14.11 14.19
C PHE G 140 -79.68 15.11 13.78
N THR G 141 -79.43 16.40 14.03
CA THR G 141 -80.19 17.40 13.28
C THR G 141 -79.91 17.19 11.80
N LEU G 142 -80.97 17.07 11.01
CA LEU G 142 -80.81 16.72 9.60
C LEU G 142 -80.10 17.82 8.82
N ARG G 143 -80.23 19.08 9.24
CA ARG G 143 -79.59 20.16 8.50
C ARG G 143 -78.08 20.02 8.53
N ASP G 144 -77.49 19.97 9.72
CA ASP G 144 -76.03 19.88 9.83
C ASP G 144 -75.55 18.45 9.68
N GLU G 145 -75.76 17.60 10.69
CA GLU G 145 -75.25 16.23 10.61
C GLU G 145 -75.97 15.39 9.56
N GLY G 146 -76.09 15.92 8.36
CA GLY G 146 -76.87 15.32 7.31
C GLY G 146 -76.65 16.11 6.05
N GLY G 147 -76.85 17.42 6.13
CA GLY G 147 -76.40 18.30 5.06
C GLY G 147 -74.89 18.35 4.95
N ASP G 148 -74.18 18.17 6.08
CA ASP G 148 -72.74 18.05 6.05
C ASP G 148 -72.27 17.00 5.05
N PHE G 149 -73.14 16.12 4.60
CA PHE G 149 -72.71 14.99 3.80
C PHE G 149 -72.78 15.25 2.31
N ALA G 150 -73.19 16.45 1.90
CA ALA G 150 -73.03 16.84 0.50
C ALA G 150 -71.58 17.11 0.15
N ASP G 151 -70.75 17.44 1.14
CA ASP G 151 -69.31 17.54 0.93
C ASP G 151 -68.67 16.20 0.59
N THR G 152 -69.44 15.11 0.59
CA THR G 152 -69.03 13.81 0.09
C THR G 152 -68.96 13.77 -1.42
N LEU G 153 -69.30 14.87 -2.11
CA LEU G 153 -69.46 14.82 -3.55
C LEU G 153 -68.32 15.45 -4.37
N TYR G 154 -67.47 16.31 -3.80
CA TYR G 154 -66.54 17.14 -4.57
C TYR G 154 -65.14 17.01 -4.00
N PRO G 155 -64.08 17.58 -4.70
CA PRO G 155 -62.69 17.53 -4.19
C PRO G 155 -62.30 16.50 -3.14
N MET G 156 -61.91 16.91 -1.93
CA MET G 156 -61.12 15.98 -1.11
C MET G 156 -61.98 15.00 -0.32
N LEU G 157 -62.95 15.49 0.43
CA LEU G 157 -63.71 14.56 1.27
C LEU G 157 -64.40 13.46 0.46
N SER G 158 -64.41 13.59 -0.88
CA SER G 158 -65.01 12.64 -1.81
C SER G 158 -64.08 11.51 -2.21
N TYR G 159 -63.06 11.21 -1.40
CA TYR G 159 -62.15 10.11 -1.69
C TYR G 159 -62.04 9.09 -0.57
N LEU G 160 -62.80 9.24 0.52
CA LEU G 160 -62.49 8.48 1.72
C LEU G 160 -63.04 7.06 1.76
N THR G 161 -63.76 6.57 0.74
CA THR G 161 -64.40 5.25 0.72
C THR G 161 -65.05 4.82 2.05
N PHE G 162 -65.67 3.64 2.06
CA PHE G 162 -66.50 3.27 3.21
C PHE G 162 -65.69 3.26 4.51
N TRP G 163 -64.58 2.53 4.52
CA TRP G 163 -63.92 2.27 5.79
C TRP G 163 -63.05 3.43 6.28
N MET G 164 -62.49 4.27 5.38
CA MET G 164 -61.63 5.36 5.85
C MET G 164 -62.43 6.46 6.54
N SER G 165 -63.55 6.88 5.95
CA SER G 165 -64.40 7.86 6.62
C SER G 165 -64.85 7.34 7.97
N ALA G 166 -65.05 6.03 8.06
CA ALA G 166 -65.25 5.40 9.37
C ALA G 166 -64.06 5.67 10.28
N GLY G 167 -62.84 5.62 9.72
CA GLY G 167 -61.66 5.88 10.53
C GLY G 167 -61.54 7.33 10.98
N LYS G 168 -61.93 8.28 10.11
CA LYS G 168 -61.85 9.68 10.54
C LYS G 168 -62.73 9.90 11.76
N TRP G 169 -64.00 9.46 11.68
CA TRP G 169 -64.95 9.68 12.78
C TRP G 169 -64.48 9.05 14.08
N VAL G 170 -63.96 7.82 14.02
CA VAL G 170 -63.49 7.11 15.21
C VAL G 170 -62.36 7.89 15.88
N VAL G 171 -61.29 8.16 15.13
CA VAL G 171 -60.06 8.71 15.70
C VAL G 171 -60.29 10.12 16.23
N GLU G 172 -61.02 10.94 15.47
CA GLU G 172 -61.34 12.28 15.93
C GLU G 172 -62.14 12.24 17.22
N GLY G 173 -63.02 11.24 17.35
CA GLY G 173 -63.78 11.06 18.58
C GLY G 173 -62.93 10.64 19.76
N ILE G 174 -62.09 9.61 19.56
CA ILE G 174 -61.18 9.17 20.64
C ILE G 174 -60.35 10.35 21.14
N GLU G 175 -59.82 11.14 20.19
CA GLU G 175 -59.02 12.30 20.57
C GLU G 175 -59.88 13.34 21.29
N THR G 176 -61.06 13.67 20.74
CA THR G 176 -61.93 14.67 21.37
C THR G 176 -62.33 14.26 22.77
N ARG G 177 -62.64 12.96 22.96
CA ARG G 177 -62.94 12.45 24.29
C ARG G 177 -61.71 12.45 25.16
N ALA G 178 -60.58 12.07 24.58
CA ALA G 178 -59.32 12.09 25.32
C ALA G 178 -59.09 13.43 25.98
N GLN G 179 -59.43 14.53 25.29
CA GLN G 179 -58.91 15.77 25.82
C GLN G 179 -59.87 16.33 26.82
N LEU G 180 -61.05 15.71 26.91
CA LEU G 180 -62.13 16.08 27.78
C LEU G 180 -62.09 15.35 29.12
N LEU G 181 -61.10 14.48 29.34
CA LEU G 181 -61.08 13.64 30.54
C LEU G 181 -60.87 14.45 31.82
N ASP G 182 -60.47 15.70 31.70
CA ASP G 182 -60.42 16.56 32.86
C ASP G 182 -61.73 17.30 33.05
N SER G 183 -62.33 17.76 31.95
CA SER G 183 -63.65 18.38 31.99
C SER G 183 -64.75 17.40 32.31
N ASP G 184 -64.38 16.13 32.55
CA ASP G 184 -65.34 15.06 32.80
C ASP G 184 -66.23 15.35 34.01
N GLY G 185 -65.68 16.00 35.02
CA GLY G 185 -66.48 16.35 36.18
C GLY G 185 -67.52 17.40 35.89
N LEU G 186 -67.31 18.22 34.86
CA LEU G 186 -68.27 19.26 34.51
C LEU G 186 -69.61 18.67 34.09
N LEU G 187 -69.57 17.64 33.23
CA LEU G 187 -70.81 17.07 32.70
C LEU G 187 -71.39 15.99 33.61
N ARG G 188 -70.53 15.18 34.25
CA ARG G 188 -71.04 14.18 35.19
C ARG G 188 -71.66 14.86 36.42
N ASN G 189 -71.34 16.12 36.66
CA ASN G 189 -72.06 16.94 37.63
C ASN G 189 -72.96 17.90 36.86
N SER G 190 -73.70 18.73 37.62
CA SER G 190 -74.70 19.67 37.11
C SER G 190 -76.02 18.95 36.87
N SER G 191 -77.11 19.67 37.04
CA SER G 191 -78.43 19.19 36.67
C SER G 191 -78.59 19.18 35.16
N ASP G 192 -79.34 18.20 34.68
CA ASP G 192 -79.63 17.93 33.28
C ASP G 192 -78.36 17.89 32.43
N PRO G 193 -77.60 16.80 32.55
CA PRO G 193 -76.51 16.55 31.61
C PRO G 193 -77.00 16.42 30.19
N TYR G 194 -78.29 16.17 30.00
CA TYR G 194 -78.86 16.16 28.66
C TYR G 194 -79.03 17.57 28.12
N ILE G 195 -79.42 18.51 28.98
CA ILE G 195 -79.64 19.88 28.53
C ILE G 195 -78.33 20.50 28.05
N MET G 196 -77.24 20.22 28.77
CA MET G 196 -75.96 20.78 28.37
C MET G 196 -75.55 20.31 26.99
N VAL G 197 -75.46 18.99 26.79
CA VAL G 197 -75.03 18.45 25.51
C VAL G 197 -75.92 18.98 24.38
N ARG G 198 -77.22 19.13 24.65
CA ARG G 198 -78.12 19.61 23.61
C ARG G 198 -77.91 21.10 23.34
N GLU G 199 -77.91 21.90 24.41
CA GLU G 199 -77.81 23.34 24.25
C GLU G 199 -76.36 23.83 24.29
N ALA G 200 -75.39 22.93 24.42
CA ALA G 200 -74.03 23.24 24.00
C ALA G 200 -73.88 23.04 22.51
N TYR G 201 -74.47 21.96 21.99
CA TYR G 201 -74.58 21.74 20.55
C TYR G 201 -75.12 22.99 19.87
N PHE G 202 -76.28 23.47 20.32
CA PHE G 202 -76.95 24.54 19.58
C PHE G 202 -76.09 25.79 19.52
N GLN G 203 -75.45 26.15 20.64
CA GLN G 203 -74.63 27.35 20.65
C GLN G 203 -73.43 27.20 19.72
N ARG G 204 -72.80 26.01 19.70
CA ARG G 204 -71.65 25.83 18.80
C ARG G 204 -72.07 25.71 17.34
N HIS G 205 -73.12 24.93 17.05
CA HIS G 205 -73.55 24.75 15.68
C HIS G 205 -74.12 26.04 15.08
N ASP G 206 -74.66 26.93 15.92
CA ASP G 206 -75.10 28.24 15.44
C ASP G 206 -73.91 29.13 15.11
N PHE G 207 -72.89 29.10 15.97
CA PHE G 207 -71.64 29.84 15.74
C PHE G 207 -70.99 29.51 14.40
N ILE G 208 -70.72 28.23 14.16
CA ILE G 208 -70.00 27.79 12.97
C ILE G 208 -70.72 28.26 11.70
N ALA G 209 -72.04 28.43 11.77
CA ALA G 209 -72.77 29.10 10.71
C ALA G 209 -72.72 30.59 10.97
N ASN G 210 -72.55 31.37 9.91
CA ASN G 210 -72.35 32.80 10.06
C ASN G 210 -71.15 33.09 10.99
N ARG H 12 92.03 1.77 23.23
CA ARG H 12 90.70 1.91 22.64
C ARG H 12 90.49 0.99 21.43
N SER H 13 91.52 0.88 20.57
CA SER H 13 91.64 -0.08 19.45
C SER H 13 90.98 0.35 18.15
N ASP H 14 91.23 1.57 17.67
CA ASP H 14 90.57 2.08 16.46
C ASP H 14 91.51 2.61 15.39
N PRO H 15 91.63 1.92 14.25
CA PRO H 15 92.58 2.35 13.21
C PRO H 15 92.20 3.64 12.48
N LEU H 16 91.00 3.71 11.89
CA LEU H 16 90.62 4.88 11.12
C LEU H 16 89.98 5.97 11.96
N GLU H 17 90.26 6.02 13.27
CA GLU H 17 89.66 7.01 14.15
C GLU H 17 89.61 8.41 13.52
N GLY H 18 90.69 8.84 12.88
CA GLY H 18 90.68 10.14 12.24
C GLY H 18 89.75 10.24 11.05
N PHE H 19 89.59 9.16 10.28
CA PHE H 19 88.67 9.13 9.16
C PHE H 19 87.25 8.84 9.63
N ASN H 20 87.13 8.26 10.81
CA ASN H 20 85.83 8.13 11.44
C ASN H 20 85.38 9.46 12.00
N ARG H 21 86.29 10.19 12.64
CA ARG H 21 85.92 11.45 13.29
C ARG H 21 85.51 12.52 12.29
N THR H 22 86.11 12.50 11.09
CA THR H 22 85.63 13.42 10.06
C THR H 22 84.17 13.10 9.73
N MET H 23 83.91 11.85 9.36
CA MET H 23 82.54 11.43 9.04
C MET H 23 81.59 11.55 10.25
N PHE H 24 82.11 11.43 11.48
CA PHE H 24 81.26 11.74 12.63
C PHE H 24 80.86 13.21 12.60
N ASP H 25 81.84 14.13 12.58
CA ASP H 25 81.52 15.54 12.42
C ASP H 25 80.59 15.78 11.24
N PHE H 26 80.80 15.06 10.15
CA PHE H 26 79.98 15.27 8.96
C PHE H 26 78.52 14.93 9.21
N ASN H 27 78.24 13.68 9.62
CA ASN H 27 76.86 13.28 9.87
C ASN H 27 76.25 14.13 10.97
N TYR H 28 76.94 14.20 12.11
CA TYR H 28 76.41 14.80 13.33
C TYR H 28 76.22 16.31 13.23
N ASN H 29 77.07 17.00 12.45
CA ASN H 29 77.09 18.45 12.50
C ASN H 29 76.72 19.13 11.19
N VAL H 30 76.51 18.39 10.10
CA VAL H 30 75.91 19.03 8.93
C VAL H 30 74.74 18.20 8.42
N LEU H 31 74.88 16.88 8.47
CA LEU H 31 73.86 16.03 7.87
C LEU H 31 72.67 15.86 8.81
N ASP H 32 72.87 16.07 10.12
CA ASP H 32 71.85 15.98 11.15
C ASP H 32 71.04 17.27 11.23
N PRO H 33 71.67 18.45 11.31
CA PRO H 33 70.86 19.67 11.37
C PRO H 33 70.13 19.98 10.08
N TYR H 34 70.74 19.68 8.94
CA TYR H 34 70.19 20.11 7.68
C TYR H 34 69.26 19.12 7.01
N ILE H 35 69.29 17.84 7.41
CA ILE H 35 68.38 16.85 6.82
C ILE H 35 67.84 15.83 7.82
N LEU H 36 68.59 15.46 8.86
CA LEU H 36 68.09 14.41 9.74
C LEU H 36 67.07 14.91 10.78
N ARG H 37 67.47 15.86 11.62
CA ARG H 37 66.48 16.50 12.50
C ARG H 37 65.32 17.11 11.71
N PRO H 38 65.52 17.81 10.58
CA PRO H 38 64.38 18.25 9.77
C PRO H 38 63.31 17.20 9.50
N VAL H 39 63.69 16.02 9.00
CA VAL H 39 62.65 15.06 8.63
C VAL H 39 62.08 14.37 9.86
N ALA H 40 62.90 14.18 10.90
CA ALA H 40 62.41 13.48 12.08
C ALA H 40 61.43 14.34 12.88
N VAL H 41 61.70 15.65 12.99
CA VAL H 41 60.70 16.53 13.60
C VAL H 41 59.43 16.57 12.74
N ALA H 42 59.58 16.68 11.41
CA ALA H 42 58.43 16.62 10.52
C ALA H 42 57.93 15.20 10.29
N TRP H 43 58.44 14.23 11.02
CA TRP H 43 57.84 12.90 11.10
C TRP H 43 57.02 12.76 12.38
N ARG H 44 57.63 13.06 13.53
CA ARG H 44 56.87 13.15 14.77
C ARG H 44 55.62 13.99 14.57
N ASP H 45 55.78 15.17 13.96
CA ASP H 45 54.74 16.20 14.03
C ASP H 45 53.57 15.95 13.09
N TYR H 46 53.75 15.22 12.00
CA TYR H 46 52.69 15.16 11.01
C TYR H 46 52.17 13.76 10.69
N VAL H 47 52.64 12.71 11.36
CA VAL H 47 52.11 11.37 11.16
C VAL H 47 51.55 10.88 12.48
N PRO H 48 50.30 10.44 12.53
CA PRO H 48 49.66 10.18 13.82
C PRO H 48 50.27 8.92 14.42
N MET H 49 50.29 8.87 15.74
CA MET H 49 51.01 7.82 16.45
C MET H 49 50.66 6.40 16.03
N PRO H 50 49.36 5.98 15.90
CA PRO H 50 49.07 4.60 15.51
C PRO H 50 49.71 4.13 14.21
N ALA H 51 50.15 5.08 13.39
CA ALA H 51 50.91 4.76 12.19
C ALA H 51 52.38 4.50 12.49
N ARG H 52 52.95 5.26 13.43
CA ARG H 52 54.37 5.13 13.72
C ARG H 52 54.70 3.75 14.30
N ASN H 53 53.99 3.34 15.35
CA ASN H 53 54.14 1.95 15.82
C ASN H 53 53.45 0.97 14.89
N GLY H 54 52.61 1.47 13.97
CA GLY H 54 52.05 0.60 12.95
C GLY H 54 53.08 0.16 11.93
N ILE H 55 53.98 1.07 11.54
CA ILE H 55 55.01 0.75 10.55
C ILE H 55 56.23 0.08 11.19
N SER H 56 56.58 0.45 12.43
CA SER H 56 57.66 -0.23 13.14
C SER H 56 57.45 -1.74 13.09
N ASN H 57 56.23 -2.17 13.35
CA ASN H 57 55.98 -3.59 13.41
C ASN H 57 56.01 -4.21 12.03
N PHE H 58 55.51 -3.52 11.01
CA PHE H 58 55.54 -4.12 9.69
C PHE H 58 56.98 -4.36 9.24
N THR H 59 57.85 -3.37 9.44
CA THR H 59 59.24 -3.53 9.04
C THR H 59 59.91 -4.65 9.83
N SER H 60 59.85 -4.58 11.16
CA SER H 60 60.57 -5.53 11.99
C SER H 60 60.09 -6.97 11.84
N ASN H 61 58.83 -7.18 11.48
CA ASN H 61 58.34 -8.55 11.34
C ASN H 61 59.13 -9.33 10.29
N LEU H 62 59.67 -8.63 9.29
CA LEU H 62 60.43 -9.29 8.23
C LEU H 62 61.78 -9.75 8.73
N GLU H 63 62.26 -9.10 9.79
CA GLU H 63 63.48 -9.40 10.51
C GLU H 63 63.23 -10.31 11.69
N GLU H 64 62.12 -11.04 11.70
CA GLU H 64 61.85 -12.04 12.74
C GLU H 64 62.17 -13.46 12.24
N PRO H 65 61.79 -13.84 11.02
CA PRO H 65 62.22 -15.16 10.54
C PRO H 65 63.72 -15.29 10.56
N ALA H 66 64.43 -14.24 10.20
CA ALA H 66 65.88 -14.28 10.28
C ALA H 66 66.34 -14.37 11.72
N SER H 67 65.76 -13.56 12.62
CA SER H 67 66.14 -13.62 14.02
C SER H 67 65.90 -15.01 14.59
N MET H 68 64.89 -15.69 14.07
CA MET H 68 64.61 -17.05 14.47
C MET H 68 65.84 -17.89 14.18
N VAL H 69 66.05 -18.20 12.91
CA VAL H 69 67.08 -19.13 12.48
C VAL H 69 68.48 -18.73 12.96
N ASN H 70 68.68 -17.45 13.30
CA ASN H 70 69.99 -17.10 13.85
C ASN H 70 70.04 -17.32 15.36
N ALA H 71 68.89 -17.48 16.01
CA ALA H 71 68.81 -17.82 17.42
C ALA H 71 68.86 -19.34 17.63
N PHE H 72 68.41 -20.11 16.64
CA PHE H 72 68.74 -21.52 16.59
C PHE H 72 70.24 -21.72 16.44
N LEU H 73 70.85 -20.97 15.51
CA LEU H 73 72.29 -21.06 15.31
C LEU H 73 73.04 -20.69 16.58
N LYS H 74 72.53 -19.72 17.33
CA LYS H 74 73.18 -19.46 18.60
C LYS H 74 72.90 -20.51 19.66
N GLY H 75 72.25 -21.61 19.29
CA GLY H 75 72.09 -22.74 20.17
C GLY H 75 70.98 -22.68 21.19
N ASP H 76 70.28 -21.55 21.35
CA ASP H 76 69.13 -21.57 22.25
C ASP H 76 67.85 -21.49 21.42
N PRO H 77 67.13 -22.60 21.25
CA PRO H 77 65.94 -22.61 20.40
C PRO H 77 64.71 -22.06 21.09
N TYR H 78 64.77 -21.80 22.39
CA TYR H 78 63.62 -21.25 23.09
C TYR H 78 63.21 -19.93 22.47
N ARG H 79 64.16 -19.01 22.32
CA ARG H 79 63.81 -17.76 21.68
C ARG H 79 63.76 -17.87 20.16
N GLY H 80 64.29 -18.96 19.58
CA GLY H 80 64.02 -19.21 18.18
C GLY H 80 62.54 -19.40 17.89
N MET H 81 61.83 -20.00 18.84
CA MET H 81 60.38 -20.13 18.71
C MET H 81 59.66 -18.84 19.07
N ILE H 82 60.20 -18.08 20.03
CA ILE H 82 59.63 -16.79 20.34
C ILE H 82 59.60 -15.89 19.10
N HIS H 83 60.74 -15.77 18.41
CA HIS H 83 60.73 -15.04 17.15
C HIS H 83 59.87 -15.74 16.13
N PHE H 84 59.75 -17.05 16.21
CA PHE H 84 58.86 -17.75 15.29
C PHE H 84 57.41 -17.34 15.51
N ASN H 85 56.89 -17.50 16.73
CA ASN H 85 55.46 -17.27 16.86
C ASN H 85 55.13 -15.79 16.70
N ARG H 86 56.00 -14.90 17.18
CA ARG H 86 55.84 -13.49 16.84
C ARG H 86 55.68 -13.31 15.34
N PHE H 87 56.53 -13.95 14.56
CA PHE H 87 56.35 -13.86 13.11
C PHE H 87 55.01 -14.46 12.73
N PHE H 88 54.87 -15.77 12.93
CA PHE H 88 53.63 -16.49 12.59
C PHE H 88 52.38 -15.75 13.06
N LEU H 89 52.31 -15.35 14.34
CA LEU H 89 51.13 -14.67 14.84
C LEU H 89 50.91 -13.33 14.14
N ASN H 90 51.86 -12.41 14.27
CA ASN H 90 51.65 -11.06 13.76
C ASN H 90 51.39 -11.05 12.26
N THR H 91 51.94 -12.00 11.52
CA THR H 91 51.80 -12.00 10.07
C THR H 91 50.49 -12.61 9.62
N LEU H 92 49.77 -13.29 10.51
CA LEU H 92 48.53 -13.99 10.17
C LEU H 92 47.29 -13.26 10.69
N LEU H 93 47.20 -13.06 11.98
CA LEU H 93 46.10 -12.31 12.55
C LEU H 93 46.41 -10.82 12.65
N GLY H 94 47.61 -10.40 12.27
CA GLY H 94 48.00 -9.02 12.42
C GLY H 94 48.31 -8.30 11.13
N MET H 95 47.63 -8.70 10.05
CA MET H 95 47.59 -7.96 8.80
C MET H 95 48.93 -7.94 8.06
N GLY H 96 49.77 -8.93 8.29
CA GLY H 96 51.09 -8.94 7.69
C GLY H 96 52.16 -8.37 8.59
N GLY H 97 51.78 -7.74 9.69
CA GLY H 97 52.76 -7.29 10.65
C GLY H 97 52.41 -5.96 11.26
N LEU H 98 51.39 -5.29 10.72
CA LEU H 98 51.05 -3.96 11.22
C LEU H 98 50.60 -3.98 12.66
N ILE H 99 50.12 -5.14 13.13
CA ILE H 99 49.56 -5.30 14.47
C ILE H 99 50.50 -6.22 15.24
N ASP H 100 50.80 -5.84 16.48
CA ASP H 100 51.60 -6.71 17.35
C ASP H 100 50.67 -7.62 18.16
N VAL H 101 50.05 -8.58 17.46
CA VAL H 101 49.10 -9.47 18.13
C VAL H 101 49.81 -10.29 19.20
N ALA H 102 50.97 -10.86 18.85
CA ALA H 102 51.75 -11.68 19.77
C ALA H 102 52.30 -10.86 20.94
N GLY H 103 52.46 -9.55 20.76
CA GLY H 103 52.93 -8.72 21.85
C GLY H 103 51.90 -8.53 22.94
N MET H 104 50.62 -8.41 22.56
CA MET H 104 49.54 -8.33 23.54
C MET H 104 49.08 -9.70 24.01
N ALA H 105 49.44 -10.75 23.26
CA ALA H 105 49.03 -12.11 23.57
C ALA H 105 49.70 -12.62 24.84
N ASN H 106 51.00 -12.37 24.99
CA ASN H 106 51.80 -12.89 26.11
C ASN H 106 53.03 -12.02 26.36
N PRO H 107 53.32 -11.65 27.62
CA PRO H 107 54.47 -10.77 27.86
C PRO H 107 55.78 -11.40 27.41
N LYS H 108 55.90 -12.72 27.47
CA LYS H 108 57.11 -13.39 27.04
C LYS H 108 57.40 -13.20 25.55
N LEU H 109 56.47 -12.66 24.76
CA LEU H 109 56.70 -12.44 23.34
C LEU H 109 57.06 -10.99 23.00
N ALA H 110 57.50 -10.20 23.99
CA ALA H 110 57.84 -8.81 23.72
C ALA H 110 58.86 -8.69 22.59
N ARG H 111 58.79 -7.58 21.88
CA ARG H 111 59.70 -7.28 20.77
C ARG H 111 61.06 -6.83 21.30
N GLU H 112 62.11 -7.12 20.54
CA GLU H 112 63.45 -6.53 20.77
C GLU H 112 64.30 -6.72 19.52
N GLU H 113 65.31 -5.84 19.39
CA GLU H 113 66.30 -5.77 18.33
C GLU H 113 66.66 -7.12 17.77
N PRO H 114 66.66 -7.25 16.46
CA PRO H 114 66.82 -8.56 15.84
C PRO H 114 68.17 -9.20 16.10
N ASN H 115 68.33 -10.39 15.55
CA ASN H 115 69.42 -11.30 15.89
C ASN H 115 69.83 -11.90 14.55
N ARG H 116 70.75 -11.23 13.86
CA ARG H 116 71.09 -11.65 12.51
C ARG H 116 72.47 -12.32 12.49
N PHE H 117 72.97 -12.57 11.28
CA PHE H 117 74.13 -13.45 11.12
C PHE H 117 75.38 -12.90 11.77
N GLY H 118 75.59 -11.58 11.68
CA GLY H 118 76.73 -10.99 12.35
C GLY H 118 76.76 -11.33 13.82
N SER H 119 75.57 -11.41 14.43
CA SER H 119 75.49 -11.80 15.84
C SER H 119 75.87 -13.27 16.02
N THR H 120 75.68 -14.09 14.98
CA THR H 120 76.02 -15.50 15.07
C THR H 120 77.52 -15.70 14.92
N LEU H 121 78.14 -14.97 14.02
CA LEU H 121 79.60 -14.93 13.94
C LEU H 121 80.21 -14.51 15.28
N GLY H 122 79.56 -13.58 15.98
CA GLY H 122 80.07 -13.16 17.27
C GLY H 122 79.92 -14.21 18.34
N HIS H 123 78.87 -15.02 18.24
CA HIS H 123 78.66 -16.13 19.18
C HIS H 123 79.75 -17.17 19.07
N TYR H 124 80.31 -17.33 17.86
CA TYR H 124 81.37 -18.29 17.58
C TYR H 124 82.74 -17.66 17.57
N ASP H 125 82.87 -16.44 18.08
CA ASP H 125 84.15 -15.74 18.28
C ASP H 125 84.89 -15.53 16.98
N VAL H 126 84.16 -15.02 15.98
CA VAL H 126 84.80 -14.59 14.75
C VAL H 126 85.44 -13.22 14.91
N GLY H 127 84.69 -12.22 15.35
CA GLY H 127 85.30 -10.93 15.58
C GLY H 127 85.04 -9.89 14.48
N TYR H 128 84.78 -8.66 14.92
CA TYR H 128 84.27 -7.59 14.09
C TYR H 128 85.11 -7.22 12.88
N GLY H 129 86.24 -6.59 13.14
CA GLY H 129 86.97 -5.87 12.13
C GLY H 129 87.14 -4.44 12.56
N PRO H 130 87.79 -3.64 11.73
CA PRO H 130 88.03 -2.24 12.09
C PRO H 130 86.75 -1.44 12.04
N TYR H 131 86.51 -0.68 13.11
CA TYR H 131 85.35 0.20 13.16
C TYR H 131 85.43 1.24 12.06
N VAL H 132 84.33 1.43 11.35
CA VAL H 132 84.22 2.37 10.25
C VAL H 132 83.00 3.24 10.52
N MET H 133 82.91 4.36 9.78
CA MET H 133 81.72 5.22 9.83
C MET H 133 81.57 5.87 8.46
N LEU H 134 80.61 5.37 7.70
CA LEU H 134 80.34 5.88 6.35
C LEU H 134 79.59 7.21 6.47
N PRO H 135 79.25 7.84 5.33
CA PRO H 135 78.45 9.08 5.39
C PRO H 135 76.95 8.86 5.59
N GLY H 136 76.28 8.18 4.67
CA GLY H 136 74.84 7.96 4.84
C GLY H 136 74.49 6.92 5.87
N TYR H 137 75.43 6.04 6.21
CA TYR H 137 75.22 4.79 6.94
C TYR H 137 75.53 5.01 8.42
N GLY H 138 76.79 5.04 8.81
CA GLY H 138 77.17 5.38 10.17
C GLY H 138 78.04 4.38 10.92
N SER H 139 78.14 3.13 10.48
CA SER H 139 78.94 2.15 11.20
C SER H 139 79.01 0.87 10.39
N PHE H 140 80.17 0.52 9.84
CA PHE H 140 80.20 -0.60 8.90
C PHE H 140 81.32 -1.57 9.24
N THR H 141 81.27 -2.09 10.45
CA THR H 141 81.98 -3.30 10.77
C THR H 141 81.55 -4.45 9.86
N LEU H 142 82.50 -5.06 9.16
CA LEU H 142 82.12 -6.04 8.15
C LEU H 142 81.57 -7.33 8.75
N ARG H 143 82.01 -7.72 9.95
CA ARG H 143 81.46 -8.94 10.53
C ARG H 143 79.95 -8.79 10.72
N ASP H 144 79.54 -7.72 11.40
CA ASP H 144 78.12 -7.54 11.69
C ASP H 144 77.39 -6.91 10.50
N GLU H 145 77.58 -5.62 10.25
CA GLU H 145 76.88 -4.96 9.15
C GLU H 145 77.33 -5.45 7.78
N GLY H 146 77.35 -6.77 7.59
CA GLY H 146 77.92 -7.37 6.41
C GLY H 146 77.61 -8.85 6.41
N GLY H 147 77.93 -9.51 7.51
CA GLY H 147 77.40 -10.83 7.74
C GLY H 147 75.90 -10.80 7.93
N ASP H 148 75.37 -9.68 8.46
CA ASP H 148 73.94 -9.47 8.54
C ASP H 148 73.31 -9.67 7.17
N PHE H 149 74.13 -9.70 6.14
CA PHE H 149 73.62 -9.72 4.78
C PHE H 149 73.41 -11.12 4.25
N ALA H 150 73.83 -12.17 4.95
CA ALA H 150 73.43 -13.50 4.51
C ALA H 150 71.95 -13.72 4.75
N ASP H 151 71.37 -12.95 5.68
CA ASP H 151 69.93 -12.90 5.85
C ASP H 151 69.21 -12.33 4.63
N THR H 152 69.93 -11.85 3.61
CA THR H 152 69.35 -11.58 2.31
C THR H 152 69.13 -12.86 1.52
N LEU H 153 69.67 -13.98 2.01
CA LEU H 153 69.62 -15.27 1.31
C LEU H 153 68.67 -16.18 2.06
N TYR H 154 67.49 -15.67 2.37
CA TYR H 154 66.63 -16.17 3.43
C TYR H 154 65.18 -16.39 3.00
N PRO H 155 64.37 -16.99 3.88
CA PRO H 155 62.93 -16.99 3.63
C PRO H 155 62.39 -15.59 3.41
N MET H 156 62.65 -14.66 4.32
CA MET H 156 61.92 -13.40 4.25
C MET H 156 62.59 -12.31 3.44
N LEU H 157 63.81 -11.92 3.81
CA LEU H 157 64.45 -10.78 3.15
C LEU H 157 64.69 -11.02 1.67
N SER H 158 64.51 -12.25 1.19
CA SER H 158 64.77 -12.58 -0.21
C SER H 158 63.64 -12.19 -1.12
N TYR H 159 62.81 -11.22 -0.70
CA TYR H 159 61.75 -10.71 -1.54
C TYR H 159 61.80 -9.20 -1.67
N LEU H 160 62.70 -8.53 -0.96
CA LEU H 160 62.69 -7.08 -0.88
C LEU H 160 63.47 -6.55 -2.07
N THR H 161 62.83 -5.76 -2.91
CA THR H 161 63.58 -5.22 -4.04
C THR H 161 64.64 -4.26 -3.51
N PHE H 162 65.43 -3.71 -4.44
CA PHE H 162 66.41 -2.74 -4.00
C PHE H 162 65.73 -1.61 -3.26
N TRP H 163 64.66 -1.08 -3.85
CA TRP H 163 64.05 0.11 -3.28
C TRP H 163 63.27 -0.25 -2.02
N MET H 164 62.83 -1.51 -1.89
CA MET H 164 62.12 -1.96 -0.70
C MET H 164 63.05 -2.00 0.50
N SER H 165 64.20 -2.67 0.35
CA SER H 165 65.17 -2.71 1.43
C SER H 165 65.78 -1.34 1.68
N ALA H 166 66.04 -0.57 0.61
CA ALA H 166 66.43 0.83 0.77
C ALA H 166 65.37 1.59 1.54
N GLY H 167 64.09 1.38 1.17
CA GLY H 167 62.99 1.99 1.92
C GLY H 167 62.86 1.43 3.31
N LYS H 168 63.15 0.14 3.48
CA LYS H 168 63.18 -0.40 4.83
C LYS H 168 64.16 0.40 5.68
N TRP H 169 65.39 0.61 5.17
CA TRP H 169 66.40 1.36 5.92
C TRP H 169 65.95 2.79 6.17
N VAL H 170 65.36 3.44 5.16
CA VAL H 170 64.99 4.84 5.24
C VAL H 170 64.05 5.11 6.40
N VAL H 171 62.86 4.50 6.37
CA VAL H 171 61.82 4.87 7.34
C VAL H 171 62.22 4.43 8.74
N GLU H 172 62.84 3.24 8.86
CA GLU H 172 63.30 2.82 10.18
C GLU H 172 64.24 3.86 10.79
N GLY H 173 65.09 4.47 9.96
CA GLY H 173 65.96 5.52 10.48
C GLY H 173 65.17 6.73 10.93
N ILE H 174 64.28 7.24 10.07
CA ILE H 174 63.43 8.36 10.43
C ILE H 174 62.71 8.07 11.74
N GLU H 175 62.20 6.84 11.88
CA GLU H 175 61.54 6.47 13.13
C GLU H 175 62.53 6.43 14.28
N THR H 176 63.67 5.74 14.10
CA THR H 176 64.64 5.65 15.18
C THR H 176 65.11 7.02 15.63
N ARG H 177 65.28 7.94 14.68
CA ARG H 177 65.68 9.31 15.01
C ARG H 177 64.56 10.04 15.72
N ALA H 178 63.34 9.87 15.22
CA ALA H 178 62.22 10.54 15.85
C ALA H 178 62.22 10.38 17.36
N GLN H 179 62.76 9.29 17.95
CA GLN H 179 62.12 9.15 19.21
C GLN H 179 63.22 9.56 20.11
N LEU H 180 64.37 9.92 19.46
CA LEU H 180 65.60 10.41 20.10
C LEU H 180 65.65 11.94 20.29
N LEU H 181 64.59 12.65 19.91
CA LEU H 181 64.65 14.10 19.86
C LEU H 181 64.80 14.80 21.22
N ASP H 182 64.59 14.12 22.34
CA ASP H 182 64.92 14.78 23.61
C ASP H 182 66.32 14.44 24.09
N SER H 183 66.75 13.19 23.93
CA SER H 183 68.06 12.74 24.38
C SER H 183 69.21 13.40 23.63
N ASP H 184 68.90 14.35 22.74
CA ASP H 184 69.94 15.07 22.02
C ASP H 184 70.89 15.76 22.99
N GLY H 185 70.35 16.25 24.11
CA GLY H 185 71.20 16.89 25.10
C GLY H 185 72.16 15.96 25.80
N LEU H 186 71.84 14.66 25.83
CA LEU H 186 72.77 13.71 26.43
C LEU H 186 74.08 13.68 25.66
N LEU H 187 73.97 13.65 24.33
CA LEU H 187 75.14 13.51 23.48
C LEU H 187 75.76 14.85 23.09
N ARG H 188 74.97 15.91 22.92
CA ARG H 188 75.57 17.17 22.56
C ARG H 188 76.42 17.76 23.67
N ASN H 189 76.16 17.39 24.93
CA ASN H 189 77.04 17.78 26.02
C ASN H 189 77.78 16.55 26.52
N SER H 190 78.69 16.06 25.70
CA SER H 190 79.44 14.86 26.01
C SER H 190 80.91 15.10 25.71
N SER H 191 81.78 14.51 26.54
CA SER H 191 83.19 14.47 26.20
C SER H 191 83.33 13.39 25.14
N ASP H 192 84.01 13.72 24.05
CA ASP H 192 84.10 12.79 22.93
C ASP H 192 82.75 12.19 22.56
N PRO H 193 81.85 12.95 21.93
CA PRO H 193 80.65 12.32 21.35
C PRO H 193 80.97 11.26 20.32
N TYR H 194 82.19 11.25 19.80
CA TYR H 194 82.56 10.13 18.94
C TYR H 194 82.78 8.88 19.77
N ILE H 195 83.43 9.01 20.92
CA ILE H 195 83.75 7.84 21.74
C ILE H 195 82.48 7.21 22.29
N MET H 196 81.53 8.04 22.76
CA MET H 196 80.28 7.49 23.27
C MET H 196 79.56 6.72 22.18
N VAL H 197 79.33 7.34 21.02
CA VAL H 197 78.68 6.64 19.91
C VAL H 197 79.42 5.36 19.54
N ARG H 198 80.76 5.38 19.58
CA ARG H 198 81.51 4.22 19.14
C ARG H 198 81.39 3.07 20.14
N GLU H 199 81.69 3.31 21.42
CA GLU H 199 81.67 2.23 22.40
C GLU H 199 80.29 2.00 22.99
N ALA H 200 79.27 2.68 22.46
CA ALA H 200 77.89 2.21 22.60
C ALA H 200 77.58 1.13 21.57
N TYR H 201 78.00 1.34 20.32
CA TYR H 201 77.90 0.30 19.30
C TYR H 201 78.48 -1.02 19.79
N PHE H 202 79.73 -1.00 20.28
CA PHE H 202 80.44 -2.24 20.59
C PHE H 202 79.80 -2.98 21.76
N GLN H 203 79.37 -2.24 22.79
CA GLN H 203 78.74 -2.88 23.94
C GLN H 203 77.48 -3.62 23.53
N ARG H 204 76.61 -2.97 22.77
CA ARG H 204 75.34 -3.57 22.38
C ARG H 204 75.53 -4.64 21.33
N HIS H 205 76.42 -4.40 20.36
CA HIS H 205 76.62 -5.39 19.31
C HIS H 205 77.21 -6.67 19.90
N ASP H 206 77.95 -6.54 21.00
CA ASP H 206 78.45 -7.72 21.69
C ASP H 206 77.32 -8.44 22.39
N PHE H 207 76.44 -7.68 23.04
CA PHE H 207 75.27 -8.24 23.71
C PHE H 207 74.51 -9.15 22.75
N ILE H 208 74.15 -8.60 21.58
CA ILE H 208 73.37 -9.31 20.56
C ILE H 208 74.09 -10.57 20.09
N ALA H 209 75.41 -10.62 20.19
CA ALA H 209 76.12 -11.87 19.92
C ALA H 209 76.17 -12.76 21.15
N ASN H 210 75.59 -12.34 22.27
CA ASN H 210 75.66 -13.00 23.57
C ASN H 210 77.10 -13.25 24.03
#